data_6S79
#
_entry.id   6S79
#
_cell.length_a   75.479
_cell.length_b   99.196
_cell.length_c   208.439
_cell.angle_alpha   90.000
_cell.angle_beta   90.000
_cell.angle_gamma   90.000
#
_symmetry.space_group_name_H-M   'P 21 21 2'
#
loop_
_entity.id
_entity.type
_entity.pdbx_description
1 polymer 'Histone-arginine methyltransferase CARM1'
2 non-polymer '(2~{S})-4-[[(2~{R},3~{S},4~{R},5~{R})-5-(6-aminopurin-9-yl)-3,4-bis(oxidanyl)oxolan-2-yl]methyl-[3-(pyridin-2-ylamino)propyl]amino]-2-azanyl-butanoic acid'
3 non-polymer GLYCEROL
4 water water
#
_entity_poly.entity_id   1
_entity_poly.type   'polypeptide(L)'
_entity_poly.pdbx_seq_one_letter_code
;SVFSERTEESSAVQYFQFYGYLSQQQNMMQDYVRTGTYQRAILQNHTDFKDKIVLDVGCGSGILSFFAAQAGARKIYAVE
ASTMAQHAEVLVKSNNLTDRIVVIPGKVEEVSLPEQVDIIISEPMGYMLFNERMLESYLHAKKYLKPSGNMFPTIGDVHL
APFTDEQLYMEQFTKANFWYQPSFHGVDLSALRGAAVDEYFRQPVVDTFDIRILMAKSVKYTVNFLEAKEGDLHRIEIPF
KFHMLHSGLVHGLAFWFDVAFIGSIMTVWLSTAPTEPLTHWYQVRCLFQSPLFAKAGDTLSGTCLLIANKRQSYDISIVA
QVDQTGSKSSNLLDLKNPFFRYTGTHHHHHH
;
_entity_poly.pdbx_strand_id   A,B,C,D
#
loop_
_chem_comp.id
_chem_comp.type
_chem_comp.name
_chem_comp.formula
GOL non-polymer GLYCEROL 'C3 H8 O3'
KXW non-polymer '(2~{S})-4-[[(2~{R},3~{S},4~{R},5~{R})-5-(6-aminopurin-9-yl)-3,4-bis(oxidanyl)oxolan-2-yl]methyl-[3-(pyridin-2-ylamino)propyl]amino]-2-azanyl-butanoic acid' 'C22 H31 N9 O5'
#
# COMPACT_ATOMS: atom_id res chain seq x y z
N SER A 1 37.79 -29.99 7.92
CA SER A 1 38.50 -28.91 7.24
C SER A 1 37.81 -27.60 7.60
N VAL A 2 38.46 -26.52 7.22
CA VAL A 2 37.91 -25.18 7.44
C VAL A 2 36.54 -25.06 6.74
N PHE A 3 36.35 -25.73 5.57
CA PHE A 3 35.10 -25.65 4.85
C PHE A 3 33.94 -26.24 5.67
N SER A 4 34.11 -27.47 6.10
CA SER A 4 33.06 -28.15 6.92
C SER A 4 32.96 -27.53 8.32
N GLU A 5 34.00 -26.81 8.77
CA GLU A 5 33.99 -26.12 10.03
C GLU A 5 33.10 -24.86 9.97
N ARG A 6 32.93 -24.24 8.79
CA ARG A 6 32.08 -23.05 8.66
C ARG A 6 30.78 -23.34 7.87
N THR A 7 30.52 -24.59 7.46
CA THR A 7 29.39 -24.91 6.59
C THR A 7 28.52 -26.01 7.05
N GLU A 8 27.25 -25.71 7.30
CA GLU A 8 26.23 -26.74 7.49
C GLU A 8 26.22 -27.76 6.28
N GLU A 9 26.21 -29.04 6.59
CA GLU A 9 26.31 -30.03 5.51
C GLU A 9 25.17 -29.97 4.48
N SER A 10 23.94 -29.73 4.95
CA SER A 10 22.84 -29.62 4.00
C SER A 10 22.98 -28.46 3.00
N SER A 11 23.52 -27.34 3.50
CA SER A 11 23.79 -26.20 2.63
C SER A 11 24.90 -26.56 1.55
N ALA A 12 25.94 -27.23 1.98
CA ALA A 12 27.03 -27.63 1.10
C ALA A 12 26.53 -28.65 0.02
N VAL A 13 25.67 -29.56 0.44
CA VAL A 13 25.12 -30.51 -0.48
C VAL A 13 24.33 -29.81 -1.57
N GLN A 14 23.42 -28.93 -1.15
CA GLN A 14 22.63 -28.22 -2.14
C GLN A 14 23.51 -27.36 -3.08
N TYR A 15 24.54 -26.72 -2.51
CA TYR A 15 25.40 -25.81 -3.23
C TYR A 15 26.18 -26.57 -4.36
N PHE A 16 26.84 -27.65 -4.00
CA PHE A 16 27.64 -28.37 -4.96
C PHE A 16 26.78 -29.17 -5.96
N GLN A 17 25.61 -29.65 -5.51
CA GLN A 17 24.67 -30.23 -6.45
C GLN A 17 24.25 -29.24 -7.50
N PHE A 18 23.97 -28.01 -7.07
CA PHE A 18 23.52 -26.97 -8.00
C PHE A 18 24.60 -26.72 -9.03
N TYR A 19 25.86 -26.63 -8.60
CA TYR A 19 26.89 -26.30 -9.57
C TYR A 19 27.35 -27.53 -10.42
N GLY A 20 26.83 -28.71 -10.10
CA GLY A 20 27.15 -29.91 -10.95
C GLY A 20 26.43 -30.00 -12.28
N TYR A 21 25.45 -29.14 -12.52
CA TYR A 21 24.60 -29.21 -13.72
C TYR A 21 25.13 -28.41 -14.88
N LEU A 22 25.21 -29.06 -16.03
CA LEU A 22 25.67 -28.41 -17.25
C LEU A 22 24.79 -27.22 -17.64
N SER A 23 23.48 -27.29 -17.39
CA SER A 23 22.63 -26.09 -17.70
C SER A 23 23.01 -24.83 -16.93
N GLN A 24 23.44 -24.99 -15.68
CA GLN A 24 23.88 -23.85 -14.94
C GLN A 24 25.16 -23.30 -15.52
N GLN A 25 26.08 -24.19 -15.85
CA GLN A 25 27.33 -23.80 -16.48
C GLN A 25 27.02 -23.04 -17.82
N GLN A 26 26.06 -23.54 -18.59
CA GLN A 26 25.70 -22.92 -19.83
C GLN A 26 25.15 -21.48 -19.58
N ASN A 27 24.33 -21.33 -18.55
CA ASN A 27 23.83 -20.04 -18.19
C ASN A 27 24.96 -19.08 -17.84
N MET A 28 25.93 -19.54 -17.08
CA MET A 28 27.02 -18.64 -16.68
C MET A 28 27.94 -18.31 -17.85
N MET A 29 28.22 -19.29 -18.74
CA MET A 29 29.09 -19.02 -19.86
C MET A 29 28.48 -18.07 -20.86
N GLN A 30 27.17 -18.01 -20.94
CA GLN A 30 26.47 -17.03 -21.79
C GLN A 30 26.43 -15.58 -21.23
N ASP A 31 26.93 -15.36 -20.04
CA ASP A 31 27.22 -13.99 -19.60
C ASP A 31 28.52 -13.54 -20.34
N TYR A 32 28.37 -12.87 -21.44
CA TYR A 32 29.45 -12.56 -22.34
C TYR A 32 30.33 -11.46 -21.73
N VAL A 33 29.76 -10.54 -20.99
CA VAL A 33 30.60 -9.56 -20.30
C VAL A 33 31.56 -10.25 -19.36
N ARG A 34 31.05 -11.13 -18.50
CA ARG A 34 31.87 -11.89 -17.61
C ARG A 34 32.96 -12.75 -18.31
N THR A 35 32.58 -13.57 -19.28
CA THR A 35 33.55 -14.48 -19.87
C THR A 35 34.58 -13.74 -20.72
N GLY A 36 34.08 -12.76 -21.52
CA GLY A 36 34.96 -11.94 -22.35
C GLY A 36 35.90 -11.08 -21.50
N THR A 37 35.42 -10.52 -20.41
CA THR A 37 36.27 -9.77 -19.54
C THR A 37 37.36 -10.62 -18.86
N TYR A 38 36.99 -11.80 -18.39
CA TYR A 38 38.00 -12.71 -17.82
C TYR A 38 39.06 -13.07 -18.86
N GLN A 39 38.64 -13.41 -20.08
CA GLN A 39 39.57 -13.73 -21.12
C GLN A 39 40.46 -12.58 -21.46
N ARG A 40 39.92 -11.35 -21.49
CA ARG A 40 40.69 -10.18 -21.81
C ARG A 40 41.70 -9.94 -20.71
N ALA A 41 41.30 -10.08 -19.45
CA ALA A 41 42.22 -9.82 -18.34
C ALA A 41 43.37 -10.81 -18.36
N ILE A 42 43.08 -12.06 -18.68
CA ILE A 42 44.16 -13.08 -18.66
C ILE A 42 45.07 -12.95 -19.91
N LEU A 43 44.50 -12.84 -21.12
CA LEU A 43 45.28 -12.82 -22.33
C LEU A 43 46.05 -11.51 -22.47
N GLN A 44 45.45 -10.35 -22.13
CA GLN A 44 46.19 -9.12 -22.26
C GLN A 44 47.28 -8.98 -21.22
N ASN A 45 47.27 -9.82 -20.18
CA ASN A 45 48.36 -9.85 -19.21
C ASN A 45 49.07 -11.21 -19.33
N HIS A 46 49.41 -11.58 -20.59
CA HIS A 46 49.99 -12.88 -20.85
C HIS A 46 51.29 -13.09 -20.13
N THR A 47 52.02 -12.03 -19.87
CA THR A 47 53.30 -12.14 -19.14
C THR A 47 53.14 -12.64 -17.74
N ASP A 48 51.95 -12.44 -17.14
CA ASP A 48 51.69 -12.97 -15.78
C ASP A 48 51.38 -14.47 -15.80
N PHE A 49 51.27 -15.08 -17.00
CA PHE A 49 50.99 -16.46 -17.13
C PHE A 49 52.06 -17.23 -17.90
N LYS A 50 52.87 -16.57 -18.73
CA LYS A 50 53.88 -17.26 -19.53
C LYS A 50 54.81 -18.13 -18.71
N ASP A 51 54.75 -19.42 -18.96
CA ASP A 51 55.58 -20.45 -18.21
C ASP A 51 55.49 -20.40 -16.73
N LYS A 52 54.36 -19.95 -16.19
CA LYS A 52 54.12 -19.92 -14.75
C LYS A 52 53.23 -21.04 -14.29
N ILE A 53 53.21 -21.26 -13.00
CA ILE A 53 52.35 -22.25 -12.34
C ILE A 53 51.14 -21.50 -11.76
N VAL A 54 49.96 -22.02 -12.11
CA VAL A 54 48.71 -21.36 -11.77
C VAL A 54 47.79 -22.33 -11.07
N LEU A 55 47.05 -21.80 -10.09
CA LEU A 55 45.97 -22.50 -9.42
C LEU A 55 44.63 -21.82 -9.81
N ASP A 56 43.64 -22.61 -10.25
CA ASP A 56 42.30 -22.13 -10.60
C ASP A 56 41.33 -22.68 -9.53
N VAL A 57 40.83 -21.82 -8.67
CA VAL A 57 40.05 -22.26 -7.52
C VAL A 57 38.56 -22.23 -7.91
N GLY A 58 37.95 -23.40 -7.91
CA GLY A 58 36.62 -23.62 -8.34
C GLY A 58 36.49 -23.47 -9.83
N CYS A 59 37.09 -24.37 -10.58
CA CYS A 59 37.27 -24.15 -12.02
C CYS A 59 36.00 -24.44 -12.80
N GLY A 60 35.04 -25.15 -12.19
CA GLY A 60 33.78 -25.42 -12.90
C GLY A 60 34.03 -26.14 -14.18
N SER A 61 33.52 -25.58 -15.29
CA SER A 61 33.74 -26.19 -16.64
C SER A 61 35.24 -26.14 -17.04
N GLY A 62 36.07 -25.33 -16.38
CA GLY A 62 37.44 -25.21 -16.62
C GLY A 62 37.89 -24.01 -17.48
N ILE A 63 36.95 -23.15 -17.80
CA ILE A 63 37.14 -22.13 -18.80
C ILE A 63 38.31 -21.24 -18.48
N LEU A 64 38.47 -20.85 -17.22
CA LEU A 64 39.55 -19.92 -16.90
C LEU A 64 40.92 -20.63 -17.03
N SER A 65 40.96 -21.94 -16.75
CA SER A 65 42.21 -22.67 -16.95
C SER A 65 42.56 -22.74 -18.42
N PHE A 66 41.55 -22.87 -19.30
CA PHE A 66 41.81 -22.79 -20.74
C PHE A 66 42.34 -21.44 -21.12
N PHE A 67 41.81 -20.37 -20.52
CA PHE A 67 42.36 -19.08 -20.80
C PHE A 67 43.83 -18.97 -20.36
N ALA A 68 44.11 -19.49 -19.19
CA ALA A 68 45.46 -19.44 -18.65
C ALA A 68 46.44 -20.27 -19.56
N ALA A 69 45.97 -21.38 -20.07
CA ALA A 69 46.77 -22.16 -21.02
C ALA A 69 46.97 -21.39 -22.35
N GLN A 70 45.94 -20.72 -22.84
CA GLN A 70 46.06 -19.95 -24.06
C GLN A 70 47.13 -18.82 -23.90
N ALA A 71 47.27 -18.27 -22.70
CA ALA A 71 48.22 -17.23 -22.42
C ALA A 71 49.59 -17.75 -22.10
N GLY A 72 49.82 -19.06 -22.13
CA GLY A 72 51.15 -19.61 -22.03
C GLY A 72 51.53 -20.26 -20.72
N ALA A 73 50.57 -20.56 -19.81
CA ALA A 73 50.92 -21.16 -18.53
C ALA A 73 51.61 -22.51 -18.77
N ARG A 74 52.61 -22.82 -17.96
CA ARG A 74 53.26 -24.10 -18.06
C ARG A 74 52.43 -25.23 -17.38
N LYS A 75 51.79 -24.92 -16.25
CA LYS A 75 51.01 -25.89 -15.56
C LYS A 75 49.89 -25.19 -14.79
N ILE A 76 48.68 -25.74 -14.86
CA ILE A 76 47.53 -25.23 -14.17
C ILE A 76 46.86 -26.33 -13.37
N TYR A 77 46.75 -26.17 -12.05
CA TYR A 77 45.98 -27.02 -11.22
C TYR A 77 44.56 -26.46 -11.05
N ALA A 78 43.57 -27.21 -11.51
CA ALA A 78 42.19 -26.70 -11.54
C ALA A 78 41.38 -27.47 -10.51
N VAL A 79 41.06 -26.81 -9.39
CA VAL A 79 40.43 -27.45 -8.24
C VAL A 79 38.92 -27.24 -8.30
N GLU A 80 38.17 -28.33 -8.19
CA GLU A 80 36.68 -28.17 -8.27
C GLU A 80 36.03 -29.24 -7.43
N ALA A 81 35.06 -28.83 -6.64
CA ALA A 81 34.48 -29.75 -5.63
C ALA A 81 33.20 -30.45 -6.11
N SER A 82 32.51 -29.89 -7.11
CA SER A 82 31.30 -30.52 -7.62
C SER A 82 31.58 -31.56 -8.69
N THR A 83 30.54 -32.28 -9.10
CA THR A 83 30.73 -33.32 -10.19
C THR A 83 31.06 -32.69 -11.57
N MET A 84 30.98 -31.34 -11.65
CA MET A 84 31.48 -30.63 -12.80
C MET A 84 32.94 -30.92 -13.10
N ALA A 85 33.70 -31.30 -12.09
CA ALA A 85 35.11 -31.71 -12.30
C ALA A 85 35.28 -32.80 -13.37
N GLN A 86 34.35 -33.71 -13.39
CA GLN A 86 34.39 -34.79 -14.39
C GLN A 86 34.19 -34.27 -15.85
N HIS A 87 33.30 -33.33 -15.97
CA HIS A 87 33.08 -32.70 -17.26
C HIS A 87 34.32 -31.86 -17.63
N ALA A 88 34.92 -31.21 -16.62
CA ALA A 88 36.08 -30.38 -16.93
C ALA A 88 37.24 -31.35 -17.48
N GLU A 89 37.36 -32.51 -16.87
CA GLU A 89 38.41 -33.42 -17.34
C GLU A 89 38.13 -33.84 -18.83
N VAL A 90 36.86 -34.10 -19.15
CA VAL A 90 36.50 -34.43 -20.51
C VAL A 90 36.97 -33.31 -21.50
N LEU A 91 36.73 -32.06 -21.14
CA LEU A 91 37.13 -30.99 -22.01
C LEU A 91 38.65 -30.87 -22.12
N VAL A 92 39.33 -31.10 -21.03
CA VAL A 92 40.79 -31.04 -21.06
C VAL A 92 41.36 -32.09 -22.01
N LYS A 93 40.72 -33.26 -22.06
CA LYS A 93 41.22 -34.29 -22.97
C LYS A 93 40.84 -33.95 -24.39
N SER A 94 39.60 -33.45 -24.63
CA SER A 94 39.21 -33.28 -26.01
C SER A 94 39.93 -32.05 -26.61
N ASN A 95 40.48 -31.17 -25.80
CA ASN A 95 41.24 -30.03 -26.31
C ASN A 95 42.72 -30.23 -26.27
N ASN A 96 43.18 -31.49 -26.04
CA ASN A 96 44.62 -31.83 -26.08
C ASN A 96 45.51 -30.99 -25.17
N LEU A 97 45.07 -30.79 -23.92
CA LEU A 97 45.76 -29.92 -22.96
C LEU A 97 46.08 -30.69 -21.66
N THR A 98 46.15 -32.03 -21.72
CA THR A 98 46.47 -32.85 -20.54
C THR A 98 47.90 -32.58 -20.07
N ASP A 99 48.78 -32.08 -20.90
CA ASP A 99 50.11 -31.73 -20.41
C ASP A 99 50.19 -30.35 -19.67
N ARG A 100 49.08 -29.61 -19.65
CA ARG A 100 49.01 -28.31 -19.10
C ARG A 100 48.01 -28.12 -17.96
N ILE A 101 46.86 -28.80 -18.04
CA ILE A 101 45.74 -28.57 -17.12
C ILE A 101 45.52 -29.86 -16.34
N VAL A 102 45.66 -29.80 -15.03
CA VAL A 102 45.48 -30.94 -14.16
C VAL A 102 44.27 -30.69 -13.28
N VAL A 103 43.21 -31.45 -13.52
CA VAL A 103 42.02 -31.24 -12.69
C VAL A 103 42.24 -32.02 -11.39
N ILE A 104 41.98 -31.35 -10.27
CA ILE A 104 42.05 -31.91 -8.95
C ILE A 104 40.68 -31.84 -8.31
N PRO A 105 40.01 -32.97 -8.14
CA PRO A 105 38.65 -32.94 -7.53
C PRO A 105 38.74 -32.76 -6.02
N GLY A 106 37.86 -31.90 -5.47
CA GLY A 106 37.77 -31.69 -4.06
C GLY A 106 37.66 -30.23 -3.73
N LYS A 107 37.50 -29.94 -2.42
CA LYS A 107 37.44 -28.57 -1.92
C LYS A 107 38.85 -28.04 -1.76
N VAL A 108 39.07 -26.77 -2.13
CA VAL A 108 40.41 -26.20 -2.09
C VAL A 108 40.98 -26.20 -0.66
N GLU A 109 40.11 -26.28 0.32
CA GLU A 109 40.52 -26.38 1.69
C GLU A 109 41.02 -27.82 2.07
N GLU A 110 40.69 -28.82 1.29
CA GLU A 110 40.93 -30.23 1.63
C GLU A 110 41.95 -30.97 0.76
N VAL A 111 42.21 -30.54 -0.43
CA VAL A 111 43.09 -31.22 -1.33
C VAL A 111 44.53 -30.96 -1.03
N SER A 112 45.42 -31.68 -1.65
CA SER A 112 46.87 -31.52 -1.54
C SER A 112 47.45 -31.15 -2.92
N LEU A 113 48.22 -30.11 -2.98
CA LEU A 113 48.84 -29.73 -4.28
C LEU A 113 50.33 -30.08 -4.28
N PRO A 114 50.87 -30.45 -5.40
CA PRO A 114 52.30 -30.87 -5.40
C PRO A 114 53.27 -29.71 -5.32
N GLU A 115 52.90 -28.48 -5.67
CA GLU A 115 53.86 -27.37 -5.53
C GLU A 115 53.11 -26.04 -5.25
N GLN A 116 53.86 -25.01 -4.92
CA GLN A 116 53.34 -23.68 -4.78
C GLN A 116 53.19 -23.01 -6.17
N VAL A 117 52.29 -22.01 -6.26
CA VAL A 117 51.88 -21.48 -7.55
C VAL A 117 52.33 -20.03 -7.65
N ASP A 118 52.48 -19.58 -8.90
CA ASP A 118 52.83 -18.20 -9.18
C ASP A 118 51.57 -17.28 -9.16
N ILE A 119 50.40 -17.81 -9.45
CA ILE A 119 49.23 -16.99 -9.56
C ILE A 119 47.97 -17.79 -9.32
N ILE A 120 47.00 -17.12 -8.66
CA ILE A 120 45.71 -17.74 -8.37
C ILE A 120 44.69 -17.03 -9.22
N ILE A 121 43.84 -17.82 -9.92
CA ILE A 121 42.72 -17.29 -10.60
C ILE A 121 41.44 -17.91 -10.08
N SER A 122 40.37 -17.16 -10.10
CA SER A 122 39.06 -17.63 -9.65
C SER A 122 37.95 -16.65 -10.05
N GLU A 123 36.72 -17.15 -9.96
CA GLU A 123 35.53 -16.34 -10.03
C GLU A 123 34.71 -16.52 -8.72
N PRO A 124 35.19 -16.00 -7.61
CA PRO A 124 34.56 -16.27 -6.33
C PRO A 124 33.39 -15.26 -5.95
N MET A 125 32.98 -14.37 -6.82
CA MET A 125 32.03 -13.35 -6.47
C MET A 125 30.59 -13.90 -6.59
N GLY A 126 29.82 -13.79 -5.50
CA GLY A 126 28.38 -14.03 -5.54
C GLY A 126 27.59 -12.69 -5.59
N TYR A 127 26.28 -12.79 -5.46
CA TYR A 127 25.47 -11.54 -5.33
C TYR A 127 26.02 -10.67 -4.23
N MET A 128 26.09 -9.35 -4.50
CA MET A 128 26.61 -8.38 -3.47
C MET A 128 28.06 -8.71 -3.18
N LEU A 129 28.75 -9.38 -4.13
CA LEU A 129 30.13 -9.80 -3.97
C LEU A 129 30.28 -11.02 -2.99
N PHE A 130 29.76 -10.89 -1.76
CA PHE A 130 30.13 -11.79 -0.70
C PHE A 130 29.22 -13.01 -0.59
N ASN A 131 28.07 -13.05 -1.20
CA ASN A 131 27.21 -14.22 -1.03
C ASN A 131 27.89 -15.52 -1.59
N GLU A 132 27.57 -16.64 -0.97
CA GLU A 132 28.15 -17.96 -1.22
C GLU A 132 29.45 -18.19 -0.44
N ARG A 133 30.05 -17.12 0.03
CA ARG A 133 31.24 -17.21 0.90
C ARG A 133 32.43 -17.92 0.22
N MET A 134 32.51 -17.82 -1.06
CA MET A 134 33.57 -18.39 -1.82
C MET A 134 34.80 -17.51 -1.75
N LEU A 135 34.65 -16.21 -1.47
CA LEU A 135 35.86 -15.41 -1.26
C LEU A 135 36.77 -16.02 -0.16
N GLU A 136 36.15 -16.61 0.87
CA GLU A 136 36.96 -17.23 1.88
C GLU A 136 37.80 -18.48 1.37
N SER A 137 37.24 -19.25 0.46
CA SER A 137 38.02 -20.32 -0.18
C SER A 137 39.14 -19.74 -1.01
N TYR A 138 38.83 -18.68 -1.72
CA TYR A 138 39.83 -18.02 -2.58
C TYR A 138 41.00 -17.52 -1.72
N LEU A 139 40.71 -16.88 -0.59
CA LEU A 139 41.74 -16.38 0.28
C LEU A 139 42.45 -17.56 0.96
N HIS A 140 41.72 -18.58 1.35
CA HIS A 140 42.35 -19.77 1.95
C HIS A 140 43.42 -20.35 1.01
N ALA A 141 43.15 -20.29 -0.30
CA ALA A 141 44.09 -20.86 -1.35
C ALA A 141 45.42 -20.12 -1.37
N LYS A 142 45.52 -18.95 -0.70
CA LYS A 142 46.78 -18.25 -0.58
C LYS A 142 47.84 -19.06 0.20
N LYS A 143 47.45 -20.06 0.99
CA LYS A 143 48.45 -20.96 1.52
C LYS A 143 49.31 -21.64 0.42
N TYR A 144 48.83 -21.72 -0.82
CA TYR A 144 49.59 -22.30 -1.92
C TYR A 144 50.31 -21.26 -2.76
N LEU A 145 50.19 -19.99 -2.43
CA LEU A 145 50.71 -18.91 -3.27
C LEU A 145 52.15 -18.62 -2.83
N LYS A 146 53.04 -18.56 -3.80
CA LYS A 146 54.43 -18.18 -3.54
C LYS A 146 54.46 -16.71 -3.06
N PRO A 147 55.53 -16.38 -2.30
CA PRO A 147 55.68 -14.95 -1.94
C PRO A 147 55.74 -14.08 -3.25
N SER A 148 55.08 -12.97 -3.24
CA SER A 148 55.06 -12.14 -4.43
C SER A 148 54.25 -12.72 -5.61
N GLY A 149 53.45 -13.74 -5.36
CA GLY A 149 52.48 -14.20 -6.30
C GLY A 149 51.31 -13.26 -6.46
N ASN A 150 50.54 -13.43 -7.52
CA ASN A 150 49.45 -12.53 -7.86
C ASN A 150 48.10 -13.24 -7.72
N MET A 151 47.06 -12.42 -7.65
CA MET A 151 45.68 -12.86 -7.59
C MET A 151 44.82 -12.20 -8.66
N PHE A 152 43.99 -13.01 -9.28
CA PHE A 152 43.12 -12.59 -10.39
C PHE A 152 41.73 -13.15 -10.10
N PRO A 153 40.81 -12.30 -9.62
CA PRO A 153 40.94 -10.88 -9.45
C PRO A 153 41.82 -10.42 -8.27
N THR A 154 42.33 -9.17 -8.36
CA THR A 154 43.27 -8.67 -7.40
C THR A 154 42.61 -7.95 -6.27
N ILE A 155 41.64 -7.13 -6.58
CA ILE A 155 40.90 -6.33 -5.57
C ILE A 155 39.45 -6.32 -5.94
N GLY A 156 38.61 -6.07 -4.94
CA GLY A 156 37.14 -5.92 -5.07
C GLY A 156 36.68 -4.59 -4.44
N ASP A 157 35.87 -3.80 -5.15
CA ASP A 157 35.23 -2.61 -4.64
C ASP A 157 33.71 -2.86 -4.58
N VAL A 158 33.14 -2.84 -3.38
CA VAL A 158 31.70 -2.76 -3.17
C VAL A 158 31.23 -1.28 -3.16
N HIS A 159 30.20 -0.99 -3.91
CA HIS A 159 29.54 0.32 -3.93
C HIS A 159 28.15 0.23 -3.29
N LEU A 160 27.86 1.21 -2.44
CA LEU A 160 26.56 1.36 -1.80
C LEU A 160 26.03 2.77 -2.14
N ALA A 161 24.72 2.86 -2.31
CA ALA A 161 24.09 4.18 -2.53
C ALA A 161 22.63 4.13 -2.16
N PRO A 162 22.09 5.21 -1.58
CA PRO A 162 20.67 5.24 -1.25
C PRO A 162 19.82 5.42 -2.51
N PHE A 163 18.67 4.80 -2.57
CA PHE A 163 17.77 4.94 -3.72
C PHE A 163 16.33 5.22 -3.35
N THR A 164 15.59 5.69 -4.34
CA THR A 164 14.14 5.89 -4.23
C THR A 164 13.46 5.05 -5.31
N ASP A 165 12.45 4.28 -4.92
CA ASP A 165 11.73 3.40 -5.85
C ASP A 165 10.41 3.01 -5.23
N GLU A 166 9.41 3.83 -5.43
CA GLU A 166 8.12 3.67 -4.82
C GLU A 166 7.42 2.46 -5.37
N GLN A 167 7.55 2.19 -6.64
CA GLN A 167 6.95 0.99 -7.26
C GLN A 167 7.51 -0.35 -6.64
N LEU A 168 8.79 -0.40 -6.40
CA LEU A 168 9.41 -1.62 -5.76
C LEU A 168 8.90 -1.77 -4.36
N TYR A 169 8.91 -0.64 -3.61
CA TYR A 169 8.45 -0.68 -2.22
C TYR A 169 7.02 -1.10 -2.12
N MET A 170 6.19 -0.64 -3.01
CA MET A 170 4.73 -0.95 -2.95
C MET A 170 4.50 -2.39 -3.40
N GLU A 171 5.26 -2.90 -4.35
CA GLU A 171 5.16 -4.28 -4.76
C GLU A 171 5.39 -5.21 -3.52
N GLN A 172 6.49 -4.98 -2.79
CA GLN A 172 6.75 -5.79 -1.64
C GLN A 172 5.73 -5.57 -0.49
N PHE A 173 5.34 -4.34 -0.30
CA PHE A 173 4.40 -3.99 0.79
C PHE A 173 3.03 -4.60 0.51
N THR A 174 2.54 -4.49 -0.71
CA THR A 174 1.22 -5.02 -1.03
C THR A 174 1.26 -6.54 -1.00
N LYS A 175 2.35 -7.16 -1.40
CA LYS A 175 2.45 -8.63 -1.21
C LYS A 175 2.31 -9.01 0.25
N ALA A 176 3.00 -8.28 1.13
CA ALA A 176 2.86 -8.60 2.53
C ALA A 176 1.49 -8.33 3.10
N ASN A 177 0.75 -7.38 2.53
CA ASN A 177 -0.55 -6.99 3.06
C ASN A 177 -1.65 -7.97 2.84
N PHE A 178 -1.38 -9.06 2.12
CA PHE A 178 -2.32 -10.17 2.05
C PHE A 178 -2.71 -10.69 3.46
N TRP A 179 -1.78 -10.63 4.39
CA TRP A 179 -1.99 -11.06 5.74
C TRP A 179 -2.70 -10.10 6.57
N TYR A 180 -3.15 -8.96 6.05
CA TYR A 180 -4.03 -8.03 6.75
C TYR A 180 -5.50 -8.46 6.69
N GLN A 181 -5.81 -9.69 6.32
CA GLN A 181 -7.16 -10.06 5.94
C GLN A 181 -7.87 -10.72 7.18
N PRO A 182 -8.99 -10.13 7.62
CA PRO A 182 -9.64 -10.65 8.79
C PRO A 182 -10.59 -11.77 8.45
N SER A 183 -10.87 -11.99 7.17
CA SER A 183 -11.85 -13.05 6.85
C SER A 183 -11.49 -13.73 5.52
N PHE A 184 -10.29 -14.27 5.44
CA PHE A 184 -9.87 -15.10 4.35
C PHE A 184 -10.55 -16.44 4.47
N HIS A 185 -11.54 -16.72 3.63
CA HIS A 185 -12.34 -17.92 3.78
C HIS A 185 -12.85 -18.11 5.21
N GLY A 186 -13.24 -16.97 5.84
CA GLY A 186 -13.73 -17.03 7.17
C GLY A 186 -12.67 -16.96 8.27
N VAL A 187 -11.39 -16.85 7.96
CA VAL A 187 -10.35 -16.88 8.94
C VAL A 187 -9.59 -15.58 9.01
N ASP A 188 -9.30 -15.14 10.22
CA ASP A 188 -8.53 -13.92 10.49
C ASP A 188 -7.07 -14.21 10.46
N LEU A 189 -6.38 -13.70 9.49
CA LEU A 189 -4.95 -13.92 9.28
C LEU A 189 -4.09 -12.76 9.90
N SER A 190 -4.73 -11.65 10.32
CA SER A 190 -4.02 -10.43 10.56
C SER A 190 -2.99 -10.46 11.64
N ALA A 191 -3.10 -11.38 12.60
CA ALA A 191 -2.06 -11.57 13.63
C ALA A 191 -0.68 -11.92 13.03
N LEU A 192 -0.63 -12.41 11.81
CA LEU A 192 0.65 -12.72 11.14
C LEU A 192 1.13 -11.66 10.20
N ARG A 193 0.45 -10.53 10.09
CA ARG A 193 0.90 -9.49 9.18
C ARG A 193 2.34 -9.03 9.44
N GLY A 194 2.65 -8.77 10.69
CA GLY A 194 3.99 -8.36 11.09
C GLY A 194 5.00 -9.43 10.71
N ALA A 195 4.71 -10.68 10.90
CA ALA A 195 5.63 -11.73 10.51
C ALA A 195 5.84 -11.66 8.97
N ALA A 196 4.75 -11.54 8.24
CA ALA A 196 4.86 -11.61 6.78
C ALA A 196 5.70 -10.45 6.23
N VAL A 197 5.45 -9.24 6.77
CA VAL A 197 6.22 -8.10 6.35
C VAL A 197 7.68 -8.29 6.65
N ASP A 198 8.00 -8.71 7.85
CA ASP A 198 9.43 -9.11 8.16
C ASP A 198 10.02 -10.08 7.13
N GLU A 199 9.25 -11.10 6.82
CA GLU A 199 9.76 -12.13 5.92
C GLU A 199 10.06 -11.48 4.53
N TYR A 200 9.10 -10.63 4.05
CA TYR A 200 9.31 -10.13 2.73
C TYR A 200 10.46 -9.09 2.71
N PHE A 201 10.59 -8.31 3.79
CA PHE A 201 11.57 -7.25 3.79
C PHE A 201 12.97 -7.70 4.08
N ARG A 202 13.14 -8.89 4.59
CA ARG A 202 14.48 -9.50 4.69
C ARG A 202 15.05 -9.97 3.37
N GLN A 203 14.31 -9.92 2.29
CA GLN A 203 14.78 -10.50 1.02
C GLN A 203 15.45 -9.43 0.21
N PRO A 204 16.76 -9.61 -0.08
CA PRO A 204 17.36 -8.55 -0.95
C PRO A 204 16.84 -8.78 -2.32
N VAL A 205 16.74 -7.72 -3.09
CA VAL A 205 16.04 -7.71 -4.38
C VAL A 205 17.13 -7.67 -5.43
N VAL A 206 17.19 -8.74 -6.23
CA VAL A 206 18.22 -8.88 -7.24
C VAL A 206 17.56 -8.51 -8.57
N ASP A 207 18.01 -7.42 -9.14
CA ASP A 207 17.59 -6.97 -10.45
C ASP A 207 18.38 -5.72 -10.84
N THR A 208 18.01 -5.14 -11.97
CA THR A 208 18.66 -3.95 -12.43
C THR A 208 17.73 -2.75 -12.31
N PHE A 209 18.28 -1.56 -12.50
CA PHE A 209 17.49 -0.32 -12.33
C PHE A 209 18.19 0.80 -13.03
N ASP A 210 17.43 1.82 -13.38
CA ASP A 210 17.98 3.08 -13.90
C ASP A 210 18.76 3.79 -12.80
N ILE A 211 19.88 4.38 -13.14
CA ILE A 211 20.68 5.17 -12.16
C ILE A 211 20.02 6.47 -11.69
N ARG A 212 18.93 6.87 -12.32
CA ARG A 212 18.14 8.06 -11.89
C ARG A 212 17.50 7.83 -10.51
N ILE A 213 17.36 6.60 -10.07
CA ILE A 213 16.77 6.35 -8.75
C ILE A 213 17.74 6.57 -7.58
N LEU A 214 19.02 6.71 -7.86
CA LEU A 214 20.01 6.97 -6.84
C LEU A 214 19.99 8.36 -6.35
N MET A 215 20.10 8.52 -5.05
CA MET A 215 19.93 9.80 -4.40
C MET A 215 21.24 10.42 -3.91
N ALA A 216 22.37 9.73 -4.12
CA ALA A 216 23.65 10.22 -3.66
C ALA A 216 24.72 9.45 -4.40
N LYS A 217 25.90 10.01 -4.41
CA LYS A 217 27.04 9.38 -4.96
C LYS A 217 27.34 8.13 -4.10
N SER A 218 27.87 7.12 -4.74
CA SER A 218 28.13 5.89 -4.04
C SER A 218 29.29 6.01 -3.03
N VAL A 219 29.23 5.27 -1.95
CA VAL A 219 30.36 5.07 -1.06
C VAL A 219 31.00 3.75 -1.53
N LYS A 220 32.32 3.70 -1.45
CA LYS A 220 33.12 2.56 -1.91
C LYS A 220 33.82 1.88 -0.74
N TYR A 221 33.84 0.56 -0.75
CA TYR A 221 34.51 -0.21 0.31
C TYR A 221 35.33 -1.32 -0.41
N THR A 222 36.63 -1.35 -0.14
CA THR A 222 37.60 -2.11 -0.85
C THR A 222 38.11 -3.29 -0.07
N VAL A 223 38.12 -4.46 -0.66
CA VAL A 223 38.86 -5.59 -0.12
C VAL A 223 40.05 -5.88 -1.09
N ASN A 224 41.25 -5.80 -0.62
CA ASN A 224 42.42 -6.18 -1.30
C ASN A 224 42.71 -7.71 -1.03
N PHE A 225 42.49 -8.54 -2.04
CA PHE A 225 42.64 -9.95 -1.92
C PHE A 225 44.06 -10.39 -1.73
N LEU A 226 45.03 -9.63 -2.22
CA LEU A 226 46.44 -9.93 -1.96
C LEU A 226 46.78 -9.78 -0.43
N GLU A 227 46.02 -9.04 0.30
CA GLU A 227 46.29 -8.77 1.72
C GLU A 227 45.28 -9.29 2.74
N ALA A 228 44.06 -9.62 2.32
CA ALA A 228 43.05 -10.08 3.26
C ALA A 228 43.28 -11.57 3.68
N LYS A 229 42.87 -11.87 4.90
CA LYS A 229 42.84 -13.26 5.46
C LYS A 229 41.37 -13.70 5.47
N GLU A 230 41.15 -15.00 5.40
CA GLU A 230 39.80 -15.54 5.45
C GLU A 230 39.01 -14.91 6.62
N GLY A 231 39.63 -14.79 7.79
CA GLY A 231 38.85 -14.37 8.92
C GLY A 231 38.34 -12.92 8.80
N ASP A 232 38.95 -12.15 7.94
CA ASP A 232 38.45 -10.77 7.66
C ASP A 232 37.05 -10.74 7.09
N LEU A 233 36.60 -11.84 6.50
CA LEU A 233 35.29 -11.89 5.84
C LEU A 233 34.20 -12.43 6.75
N HIS A 234 34.51 -12.76 8.01
CA HIS A 234 33.49 -13.25 8.92
C HIS A 234 32.54 -12.13 9.35
N ARG A 235 33.07 -10.91 9.44
CA ARG A 235 32.35 -9.77 9.97
C ARG A 235 32.84 -8.59 9.10
N ILE A 236 31.97 -8.02 8.30
CA ILE A 236 32.33 -6.95 7.39
C ILE A 236 31.52 -5.69 7.82
N GLU A 237 32.23 -4.65 8.27
CA GLU A 237 31.57 -3.41 8.73
C GLU A 237 31.86 -2.27 7.76
N ILE A 238 30.84 -1.75 7.12
CA ILE A 238 30.94 -0.69 6.12
C ILE A 238 30.20 0.57 6.67
N PRO A 239 31.01 1.52 7.21
CA PRO A 239 30.35 2.81 7.64
C PRO A 239 30.05 3.63 6.39
N PHE A 240 29.02 4.48 6.47
CA PHE A 240 28.69 5.31 5.35
C PHE A 240 28.14 6.64 5.80
N LYS A 241 28.47 7.69 5.02
CA LYS A 241 27.93 9.01 5.17
C LYS A 241 27.62 9.52 3.76
N PHE A 242 26.34 9.57 3.42
CA PHE A 242 25.90 10.06 2.13
C PHE A 242 25.58 11.52 2.23
N HIS A 243 25.96 12.29 1.24
CA HIS A 243 25.48 13.70 1.04
C HIS A 243 24.38 13.64 -0.02
N MET A 244 23.16 13.84 0.42
CA MET A 244 21.97 13.74 -0.44
C MET A 244 21.97 14.77 -1.55
N LEU A 245 21.83 14.31 -2.77
CA LEU A 245 21.77 15.18 -3.96
C LEU A 245 20.33 15.45 -4.38
N HIS A 246 19.35 14.70 -3.90
CA HIS A 246 17.92 14.92 -4.27
C HIS A 246 17.08 14.72 -3.02
N SER A 247 15.95 15.43 -2.97
CA SER A 247 15.05 15.29 -1.89
C SER A 247 14.02 14.23 -2.20
N GLY A 248 13.58 13.48 -1.21
CA GLY A 248 12.58 12.49 -1.39
C GLY A 248 12.74 11.36 -0.35
N LEU A 249 11.99 10.29 -0.57
CA LEU A 249 12.00 9.13 0.22
C LEU A 249 13.14 8.18 -0.14
N VAL A 250 13.94 7.82 0.87
CA VAL A 250 14.94 6.77 0.73
C VAL A 250 14.27 5.46 1.08
N HIS A 251 14.14 4.58 0.07
CA HIS A 251 13.49 3.30 0.27
C HIS A 251 14.49 2.16 0.64
N GLY A 252 15.79 2.44 0.48
CA GLY A 252 16.80 1.48 0.87
C GLY A 252 18.15 1.82 0.30
N LEU A 253 19.04 0.83 0.37
CA LEU A 253 20.38 0.97 -0.17
C LEU A 253 20.59 -0.02 -1.35
N ALA A 254 21.29 0.45 -2.38
CA ALA A 254 21.66 -0.33 -3.56
C ALA A 254 23.14 -0.68 -3.46
N PHE A 255 23.45 -1.94 -3.84
CA PHE A 255 24.79 -2.51 -3.80
C PHE A 255 25.14 -3.00 -5.19
N TRP A 256 26.35 -2.71 -5.61
CA TRP A 256 27.01 -3.39 -6.71
C TRP A 256 28.50 -3.54 -6.42
N PHE A 257 29.21 -4.17 -7.34
CA PHE A 257 30.67 -4.34 -7.13
C PHE A 257 31.46 -4.35 -8.43
N ASP A 258 32.68 -3.90 -8.33
CA ASP A 258 33.66 -4.04 -9.41
C ASP A 258 34.86 -4.87 -8.85
N VAL A 259 35.45 -5.69 -9.71
CA VAL A 259 36.73 -6.32 -9.36
C VAL A 259 37.76 -5.90 -10.38
N ALA A 260 39.00 -5.90 -9.95
CA ALA A 260 40.12 -5.49 -10.79
C ALA A 260 41.18 -6.54 -10.86
N PHE A 261 41.59 -6.84 -12.09
CA PHE A 261 42.70 -7.75 -12.40
C PHE A 261 43.89 -6.88 -12.70
N ILE A 262 44.76 -6.73 -11.69
CA ILE A 262 45.87 -5.81 -11.75
C ILE A 262 47.08 -6.60 -12.23
N GLY A 263 47.30 -6.56 -13.57
CA GLY A 263 48.35 -7.31 -14.21
C GLY A 263 49.58 -6.47 -14.54
N SER A 264 50.65 -7.09 -15.00
CA SER A 264 51.90 -6.42 -15.30
C SER A 264 51.77 -5.56 -16.56
N ILE A 265 50.84 -5.87 -17.46
CA ILE A 265 50.69 -5.11 -18.68
C ILE A 265 49.64 -4.07 -18.55
N MET A 266 48.53 -4.39 -17.92
CA MET A 266 47.40 -3.41 -17.77
C MET A 266 46.47 -3.93 -16.66
N THR A 267 45.65 -3.05 -16.16
CA THR A 267 44.62 -3.39 -15.25
C THR A 267 43.32 -3.49 -15.95
N VAL A 268 42.59 -4.62 -15.77
CA VAL A 268 41.30 -4.78 -16.43
C VAL A 268 40.23 -4.88 -15.36
N TRP A 269 39.13 -4.14 -15.55
CA TRP A 269 38.06 -4.06 -14.58
C TRP A 269 36.85 -4.85 -15.10
N LEU A 270 36.21 -5.61 -14.20
CA LEU A 270 34.92 -6.24 -14.45
C LEU A 270 33.92 -5.59 -13.47
N SER A 271 32.95 -4.91 -14.02
CA SER A 271 32.02 -4.04 -13.25
C SER A 271 30.59 -4.56 -13.35
N THR A 272 29.89 -4.61 -12.21
CA THR A 272 28.49 -4.91 -12.19
C THR A 272 27.64 -3.63 -11.85
N ALA A 273 28.18 -2.47 -12.08
CA ALA A 273 27.49 -1.20 -11.85
C ALA A 273 26.31 -1.05 -12.80
N PRO A 274 25.25 -0.33 -12.34
CA PRO A 274 24.12 -0.03 -13.20
C PRO A 274 24.42 0.90 -14.37
N THR A 275 25.53 1.58 -14.36
CA THR A 275 25.97 2.36 -15.52
C THR A 275 26.71 1.51 -16.57
N GLU A 276 26.87 0.22 -16.33
CA GLU A 276 27.67 -0.64 -17.19
C GLU A 276 26.75 -1.74 -17.76
N PRO A 277 27.14 -2.34 -18.92
CA PRO A 277 26.25 -3.44 -19.41
C PRO A 277 25.96 -4.48 -18.25
N LEU A 278 24.78 -5.04 -18.34
CA LEU A 278 24.23 -5.92 -17.40
C LEU A 278 25.06 -7.29 -17.37
N THR A 279 25.24 -7.82 -16.18
CA THR A 279 25.85 -9.12 -15.96
C THR A 279 24.87 -9.97 -15.17
N HIS A 280 25.18 -11.27 -15.05
CA HIS A 280 24.34 -12.19 -14.30
C HIS A 280 24.42 -11.94 -12.81
N TRP A 281 25.19 -10.97 -12.33
CA TRP A 281 25.17 -10.53 -10.96
C TRP A 281 24.16 -9.42 -10.71
N TYR A 282 23.64 -8.84 -11.79
CA TYR A 282 22.66 -7.71 -11.71
C TYR A 282 23.14 -6.67 -10.70
N GLN A 283 22.21 -6.17 -9.90
CA GLN A 283 22.51 -5.35 -8.75
C GLN A 283 21.59 -5.83 -7.63
N VAL A 284 21.86 -5.36 -6.42
CA VAL A 284 21.08 -5.83 -5.28
C VAL A 284 20.60 -4.60 -4.50
N ARG A 285 19.29 -4.60 -4.15
CA ARG A 285 18.79 -3.55 -3.31
C ARG A 285 18.23 -4.17 -2.02
N CYS A 286 18.58 -3.54 -0.90
CA CYS A 286 17.98 -3.82 0.37
C CYS A 286 16.96 -2.67 0.70
N LEU A 287 15.70 -3.03 0.77
CA LEU A 287 14.62 -2.23 1.16
C LEU A 287 14.54 -1.95 2.64
N PHE A 288 14.22 -0.69 3.00
CA PHE A 288 13.85 -0.36 4.37
C PHE A 288 12.37 -0.67 4.58
N GLN A 289 12.04 -1.22 5.72
CA GLN A 289 10.66 -1.50 6.04
C GLN A 289 9.87 -0.15 6.20
N SER A 290 10.58 0.88 6.65
CA SER A 290 10.00 2.23 6.66
C SER A 290 10.97 3.19 6.05
N PRO A 291 10.61 3.78 4.93
CA PRO A 291 11.54 4.66 4.25
C PRO A 291 11.81 5.94 5.05
N LEU A 292 12.90 6.63 4.71
CA LEU A 292 13.26 7.83 5.42
C LEU A 292 13.15 9.05 4.44
N PHE A 293 12.54 10.13 4.88
CA PHE A 293 12.56 11.35 4.13
C PHE A 293 13.84 12.10 4.28
N ALA A 294 14.36 12.63 3.22
CA ALA A 294 15.55 13.44 3.23
C ALA A 294 15.45 14.61 2.23
N LYS A 295 16.05 15.68 2.57
CA LYS A 295 16.20 16.88 1.74
C LYS A 295 17.58 16.90 1.14
N ALA A 296 17.69 17.45 -0.07
CA ALA A 296 18.97 17.66 -0.70
C ALA A 296 19.86 18.49 0.22
N GLY A 297 21.12 18.08 0.39
CA GLY A 297 22.04 18.68 1.35
C GLY A 297 22.09 18.01 2.71
N ASP A 298 21.11 17.19 3.03
CA ASP A 298 21.13 16.42 4.27
C ASP A 298 22.20 15.32 4.16
N THR A 299 22.51 14.72 5.28
CA THR A 299 23.46 13.62 5.35
C THR A 299 22.77 12.43 5.92
N LEU A 300 22.90 11.29 5.18
CA LEU A 300 22.36 10.02 5.64
C LEU A 300 23.56 9.15 6.07
N SER A 301 23.67 8.84 7.35
CA SER A 301 24.82 8.20 7.92
C SER A 301 24.42 6.93 8.64
N GLY A 302 25.35 5.94 8.72
CA GLY A 302 25.05 4.72 9.35
C GLY A 302 26.05 3.64 9.04
N THR A 303 25.64 2.39 9.25
CA THR A 303 26.53 1.23 9.09
C THR A 303 25.76 0.09 8.41
N CYS A 304 26.49 -0.58 7.51
CA CYS A 304 26.05 -1.80 6.94
C CYS A 304 27.02 -2.92 7.48
N LEU A 305 26.46 -3.85 8.27
CA LEU A 305 27.17 -4.87 8.96
C LEU A 305 26.81 -6.27 8.36
N LEU A 306 27.80 -7.00 7.87
CA LEU A 306 27.57 -8.34 7.30
C LEU A 306 28.17 -9.39 8.23
N ILE A 307 27.35 -10.31 8.73
CA ILE A 307 27.78 -11.34 9.64
C ILE A 307 27.66 -12.70 8.89
N ALA A 308 28.77 -13.36 8.67
CA ALA A 308 28.75 -14.66 7.98
C ALA A 308 27.95 -15.69 8.79
N ASN A 309 27.18 -16.49 8.10
CA ASN A 309 26.39 -17.59 8.68
C ASN A 309 26.87 -18.92 8.07
N LYS A 310 26.34 -20.00 8.63
CA LYS A 310 26.75 -21.35 8.22
C LYS A 310 25.99 -21.90 7.00
N ARG A 311 25.09 -21.08 6.44
CA ARG A 311 24.48 -21.43 5.17
C ARG A 311 25.15 -20.76 4.02
N GLN A 312 26.46 -20.51 4.14
CA GLN A 312 27.25 -19.98 3.05
C GLN A 312 26.79 -18.61 2.64
N SER A 313 26.30 -17.81 3.57
CA SER A 313 25.76 -16.50 3.22
C SER A 313 26.01 -15.54 4.41
N TYR A 314 25.29 -14.47 4.45
CA TYR A 314 25.46 -13.41 5.43
C TYR A 314 24.10 -12.95 5.96
N ASP A 315 24.10 -12.64 7.26
CA ASP A 315 23.03 -11.82 7.85
C ASP A 315 23.43 -10.36 7.69
N ILE A 316 22.57 -9.55 7.14
CA ILE A 316 22.86 -8.13 6.82
C ILE A 316 22.13 -7.29 7.83
N SER A 317 22.84 -6.38 8.48
CA SER A 317 22.27 -5.29 9.30
C SER A 317 22.53 -3.97 8.61
N ILE A 318 21.46 -3.23 8.36
CA ILE A 318 21.62 -1.84 7.91
C ILE A 318 20.96 -0.91 8.91
N VAL A 319 21.76 -0.07 9.54
CA VAL A 319 21.23 1.01 10.41
C VAL A 319 21.60 2.35 9.75
N ALA A 320 20.62 3.21 9.62
CA ALA A 320 20.78 4.47 8.84
C ALA A 320 20.01 5.56 9.47
N GLN A 321 20.45 6.76 9.30
CA GLN A 321 19.86 7.92 9.99
C GLN A 321 20.04 9.19 9.16
N VAL A 322 19.00 10.02 9.12
CA VAL A 322 19.08 11.36 8.60
C VAL A 322 19.54 12.26 9.74
N ASP A 323 20.75 12.79 9.60
CA ASP A 323 21.40 13.49 10.73
C ASP A 323 20.63 14.74 11.10
N GLN A 324 20.07 15.45 10.14
CA GLN A 324 19.43 16.73 10.38
C GLN A 324 18.08 16.60 11.16
N THR A 325 17.42 15.45 11.12
CA THR A 325 16.19 15.24 11.80
C THR A 325 16.15 14.17 12.80
N GLY A 326 17.20 13.35 12.91
CA GLY A 326 17.23 12.14 13.77
C GLY A 326 16.32 11.03 13.34
N SER A 327 15.80 11.03 12.12
CA SER A 327 14.99 9.90 11.63
C SER A 327 15.95 8.67 11.42
N LYS A 328 15.62 7.56 11.97
CA LYS A 328 16.41 6.36 12.05
C LYS A 328 15.67 5.20 11.43
N SER A 329 16.42 4.29 10.82
CA SER A 329 15.86 3.06 10.26
C SER A 329 16.89 1.91 10.54
N SER A 330 16.30 0.79 10.96
CA SER A 330 17.09 -0.44 11.28
C SER A 330 16.49 -1.60 10.51
N ASN A 331 17.33 -2.36 9.81
CA ASN A 331 16.85 -3.42 8.94
C ASN A 331 17.77 -4.64 9.01
N LEU A 332 17.18 -5.80 8.95
CA LEU A 332 17.86 -7.08 8.98
C LEU A 332 17.44 -7.84 7.74
N LEU A 333 18.43 -8.30 6.94
CA LEU A 333 18.16 -8.94 5.69
C LEU A 333 18.92 -10.25 5.63
N ASP A 334 18.32 -11.21 4.89
CA ASP A 334 18.80 -12.54 4.78
C ASP A 334 19.27 -12.76 3.35
N LEU A 335 20.59 -12.63 3.10
CA LEU A 335 21.13 -12.71 1.79
C LEU A 335 20.95 -14.12 1.15
N LYS A 336 20.75 -15.14 1.94
CA LYS A 336 20.59 -16.48 1.42
C LYS A 336 19.27 -16.64 0.67
N ASN A 337 18.25 -15.85 0.97
CA ASN A 337 16.93 -15.97 0.35
C ASN A 337 16.59 -14.68 -0.46
N PRO A 338 17.28 -14.46 -1.57
CA PRO A 338 16.99 -13.26 -2.36
C PRO A 338 15.75 -13.36 -3.17
N PHE A 339 15.16 -12.20 -3.53
CA PHE A 339 14.01 -12.16 -4.43
C PHE A 339 14.53 -11.76 -5.81
N PHE A 340 14.49 -12.70 -6.75
CA PHE A 340 14.97 -12.48 -8.13
C PHE A 340 13.86 -11.87 -8.91
N ARG A 341 13.87 -10.54 -9.02
CA ARG A 341 12.82 -9.80 -9.69
C ARG A 341 13.01 -9.70 -11.17
N TYR A 342 14.18 -9.98 -11.68
CA TYR A 342 14.40 -10.17 -13.15
C TYR A 342 13.59 -11.27 -13.89
N SER B 1 -38.59 22.78 18.73
CA SER B 1 -39.32 22.23 17.69
C SER B 1 -38.76 20.83 17.35
N VAL B 2 -39.41 20.18 16.39
CA VAL B 2 -38.88 18.85 15.93
C VAL B 2 -37.44 19.02 15.39
N PHE B 3 -37.12 20.18 14.78
CA PHE B 3 -35.84 20.38 14.19
C PHE B 3 -34.74 20.43 15.30
N SER B 4 -34.93 21.33 16.29
CA SER B 4 -33.87 21.55 17.27
C SER B 4 -33.71 20.32 18.22
N GLU B 5 -34.72 19.48 18.30
CA GLU B 5 -34.68 18.27 19.11
C GLU B 5 -33.85 17.17 18.46
N ARG B 6 -33.73 17.18 17.14
CA ARG B 6 -32.96 16.18 16.44
C ARG B 6 -31.55 16.73 15.99
N THR B 7 -31.27 17.98 16.29
CA THR B 7 -30.12 18.68 15.70
C THR B 7 -29.32 19.41 16.76
N GLU B 8 -28.04 19.01 16.93
CA GLU B 8 -27.10 19.75 17.71
C GLU B 8 -26.98 21.19 17.17
N GLU B 9 -27.01 22.17 18.07
CA GLU B 9 -26.97 23.59 17.70
C GLU B 9 -25.76 23.97 16.82
N SER B 10 -24.59 23.47 17.16
CA SER B 10 -23.42 23.76 16.38
C SER B 10 -23.48 23.29 14.95
N SER B 11 -24.09 22.12 14.74
CA SER B 11 -24.25 21.56 13.40
C SER B 11 -25.26 22.48 12.58
N ALA B 12 -26.33 22.89 13.23
CA ALA B 12 -27.33 23.72 12.57
C ALA B 12 -26.74 25.10 12.14
N VAL B 13 -25.95 25.67 13.07
CA VAL B 13 -25.31 26.92 12.81
C VAL B 13 -24.40 26.83 11.56
N GLN B 14 -23.55 25.85 11.51
CA GLN B 14 -22.70 25.69 10.39
C GLN B 14 -23.47 25.43 9.07
N TYR B 15 -24.54 24.63 9.15
CA TYR B 15 -25.27 24.20 8.00
C TYR B 15 -25.96 25.43 7.33
N PHE B 16 -26.62 26.23 8.15
CA PHE B 16 -27.28 27.41 7.66
C PHE B 16 -26.36 28.52 7.21
N GLN B 17 -25.22 28.62 7.90
CA GLN B 17 -24.22 29.56 7.52
C GLN B 17 -23.73 29.22 6.08
N PHE B 18 -23.48 27.95 5.85
CA PHE B 18 -22.94 27.53 4.59
C PHE B 18 -23.96 27.87 3.45
N TYR B 19 -25.24 27.66 3.68
CA TYR B 19 -26.18 27.90 2.61
C TYR B 19 -26.60 29.38 2.49
N GLY B 20 -26.12 30.21 3.39
CA GLY B 20 -26.36 31.68 3.23
C GLY B 20 -25.51 32.39 2.17
N TYR B 21 -24.57 31.72 1.55
CA TYR B 21 -23.64 32.34 0.63
C TYR B 21 -24.08 32.26 -0.81
N LEU B 22 -24.03 33.36 -1.50
CA LEU B 22 -24.34 33.39 -2.93
C LEU B 22 -23.40 32.55 -3.77
N SER B 23 -22.14 32.38 -3.36
CA SER B 23 -21.23 31.42 -4.05
C SER B 23 -21.68 30.01 -4.09
N GLN B 24 -22.27 29.56 -2.99
CA GLN B 24 -22.77 28.23 -3.02
C GLN B 24 -23.99 28.10 -3.91
N GLN B 25 -24.86 29.07 -3.83
CA GLN B 25 -26.02 29.12 -4.68
C GLN B 25 -25.58 29.14 -6.18
N GLN B 26 -24.55 29.84 -6.51
CA GLN B 26 -24.05 29.88 -7.87
C GLN B 26 -23.54 28.52 -8.31
N ASN B 27 -22.85 27.80 -7.42
CA ASN B 27 -22.43 26.49 -7.74
C ASN B 27 -23.59 25.60 -8.01
N MET B 28 -24.63 25.67 -7.19
CA MET B 28 -25.76 24.77 -7.37
C MET B 28 -26.55 25.09 -8.61
N MET B 29 -26.74 26.39 -8.92
CA MET B 29 -27.49 26.75 -10.10
C MET B 29 -26.82 26.35 -11.38
N GLN B 30 -25.51 26.27 -11.39
CA GLN B 30 -24.74 25.85 -12.57
C GLN B 30 -24.75 24.36 -12.83
N ASP B 31 -25.37 23.57 -11.99
CA ASP B 31 -25.67 22.15 -12.31
C ASP B 31 -26.87 22.19 -13.29
N TYR B 32 -26.58 22.08 -14.59
CA TYR B 32 -27.64 22.28 -15.54
C TYR B 32 -28.61 21.06 -15.60
N VAL B 33 -28.07 19.86 -15.38
CA VAL B 33 -28.92 18.72 -15.26
C VAL B 33 -30.01 18.90 -14.16
N ARG B 34 -29.56 19.29 -12.94
CA ARG B 34 -30.41 19.53 -11.87
C ARG B 34 -31.49 20.66 -12.17
N THR B 35 -31.04 21.78 -12.60
CA THR B 35 -31.94 22.93 -12.77
C THR B 35 -32.91 22.72 -13.96
N GLY B 36 -32.38 22.20 -15.05
CA GLY B 36 -33.20 21.94 -16.22
C GLY B 36 -34.21 20.84 -15.98
N THR B 37 -33.80 19.80 -15.24
CA THR B 37 -34.72 18.72 -14.94
C THR B 37 -35.85 19.17 -14.00
N TYR B 38 -35.50 19.97 -12.99
CA TYR B 38 -36.56 20.51 -12.14
C TYR B 38 -37.56 21.36 -12.94
N GLN B 39 -37.04 22.24 -13.78
CA GLN B 39 -37.89 23.09 -14.59
C GLN B 39 -38.80 22.26 -15.54
N ARG B 40 -38.24 21.22 -16.10
CA ARG B 40 -39.02 20.35 -16.99
C ARG B 40 -40.10 19.64 -16.23
N ALA B 41 -39.78 19.10 -15.08
CA ALA B 41 -40.74 18.35 -14.27
C ALA B 41 -41.91 19.28 -13.84
N ILE B 42 -41.62 20.53 -13.52
CA ILE B 42 -42.70 21.43 -13.11
C ILE B 42 -43.55 21.96 -14.32
N LEU B 43 -42.86 22.46 -15.35
CA LEU B 43 -43.52 23.04 -16.52
C LEU B 43 -44.28 22.02 -17.35
N GLN B 44 -43.75 20.82 -17.52
CA GLN B 44 -44.50 19.79 -18.19
C GLN B 44 -45.64 19.22 -17.46
N ASN B 45 -45.73 19.46 -16.16
CA ASN B 45 -46.84 19.06 -15.35
C ASN B 45 -47.56 20.35 -14.85
N HIS B 46 -47.68 21.35 -15.72
CA HIS B 46 -48.27 22.63 -15.35
C HIS B 46 -49.61 22.55 -14.78
N THR B 47 -50.40 21.53 -15.14
CA THR B 47 -51.75 21.39 -14.53
C THR B 47 -51.66 21.08 -13.04
N ASP B 48 -50.55 20.52 -12.58
CA ASP B 48 -50.35 20.31 -11.13
C ASP B 48 -50.02 21.59 -10.38
N PHE B 49 -49.77 22.70 -11.09
CA PHE B 49 -49.47 23.94 -10.43
C PHE B 49 -50.51 25.05 -10.77
N LYS B 50 -51.16 25.02 -11.95
CA LYS B 50 -52.03 26.02 -12.39
C LYS B 50 -53.16 26.34 -11.39
N ASP B 51 -53.15 27.57 -10.90
CA ASP B 51 -54.11 28.06 -9.84
C ASP B 51 -54.03 27.27 -8.57
N LYS B 52 -52.92 26.67 -8.25
CA LYS B 52 -52.75 25.91 -7.03
C LYS B 52 -51.90 26.74 -5.99
N ILE B 53 -51.97 26.27 -4.76
CA ILE B 53 -51.19 26.71 -3.64
C ILE B 53 -50.03 25.72 -3.44
N VAL B 54 -48.84 26.25 -3.42
CA VAL B 54 -47.63 25.49 -3.33
C VAL B 54 -46.76 25.89 -2.18
N LEU B 55 -46.14 24.88 -1.54
CA LEU B 55 -45.12 25.10 -0.55
C LEU B 55 -43.76 24.70 -1.12
N ASP B 56 -42.77 25.59 -1.07
CA ASP B 56 -41.38 25.35 -1.49
C ASP B 56 -40.52 25.23 -0.21
N VAL B 57 -40.08 24.03 0.14
CA VAL B 57 -39.41 23.74 1.36
C VAL B 57 -37.91 23.88 1.16
N GLY B 58 -37.30 24.88 1.79
CA GLY B 58 -35.97 25.20 1.62
C GLY B 58 -35.72 25.83 0.29
N CYS B 59 -36.24 27.00 0.04
CA CYS B 59 -36.31 27.57 -1.25
C CYS B 59 -35.02 28.18 -1.70
N GLY B 60 -34.11 28.41 -0.83
CA GLY B 60 -32.79 28.99 -1.17
C GLY B 60 -32.94 30.26 -1.97
N SER B 61 -32.37 30.32 -3.17
CA SER B 61 -32.49 31.56 -4.00
C SER B 61 -33.89 31.72 -4.55
N GLY B 62 -34.72 30.68 -4.53
CA GLY B 62 -36.09 30.82 -4.97
C GLY B 62 -36.42 30.18 -6.27
N ILE B 63 -35.48 29.55 -6.91
CA ILE B 63 -35.60 29.11 -8.27
C ILE B 63 -36.80 28.22 -8.46
N LEU B 64 -37.06 27.26 -7.53
CA LEU B 64 -38.16 26.36 -7.79
C LEU B 64 -39.53 27.11 -7.66
N SER B 65 -39.54 28.11 -6.78
CA SER B 65 -40.77 28.93 -6.64
C SER B 65 -41.02 29.72 -7.92
N PHE B 66 -39.96 30.19 -8.58
CA PHE B 66 -40.09 30.82 -9.86
C PHE B 66 -40.63 29.88 -10.88
N PHE B 67 -40.15 28.65 -10.89
CA PHE B 67 -40.66 27.68 -11.83
C PHE B 67 -42.17 27.44 -11.57
N ALA B 68 -42.59 27.32 -10.29
CA ALA B 68 -43.92 27.08 -9.98
C ALA B 68 -44.82 28.33 -10.42
N ALA B 69 -44.30 29.52 -10.26
CA ALA B 69 -44.95 30.71 -10.73
C ALA B 69 -45.05 30.73 -12.32
N GLN B 70 -44.02 30.28 -12.99
CA GLN B 70 -44.05 30.12 -14.40
C GLN B 70 -45.15 29.17 -14.88
N ALA B 71 -45.40 28.11 -14.12
CA ALA B 71 -46.41 27.16 -14.40
C ALA B 71 -47.82 27.58 -13.98
N GLY B 72 -47.99 28.73 -13.38
CA GLY B 72 -49.30 29.31 -13.12
C GLY B 72 -49.82 29.17 -11.69
N ALA B 73 -48.92 28.88 -10.70
CA ALA B 73 -49.36 28.72 -9.35
C ALA B 73 -50.05 30.03 -8.87
N ARG B 74 -51.11 29.88 -8.08
CA ARG B 74 -51.79 31.04 -7.56
C ARG B 74 -50.98 31.71 -6.36
N LYS B 75 -50.40 30.88 -5.52
CA LYS B 75 -49.68 31.29 -4.39
C LYS B 75 -48.60 30.30 -4.06
N ILE B 76 -47.41 30.80 -3.82
CA ILE B 76 -46.27 29.98 -3.41
C ILE B 76 -45.72 30.52 -2.12
N TYR B 77 -45.71 29.69 -1.08
CA TYR B 77 -45.00 29.96 0.15
C TYR B 77 -43.61 29.35 0.05
N ALA B 78 -42.61 30.17 0.15
CA ALA B 78 -41.24 29.77 -0.02
C ALA B 78 -40.53 29.88 1.31
N VAL B 79 -40.25 28.72 1.95
CA VAL B 79 -39.70 28.71 3.31
C VAL B 79 -38.22 28.49 3.28
N GLU B 80 -37.48 29.33 3.99
CA GLU B 80 -36.00 29.21 3.96
C GLU B 80 -35.41 29.69 5.27
N ALA B 81 -34.49 28.90 5.81
CA ALA B 81 -34.00 29.18 7.17
C ALA B 81 -32.72 29.88 7.21
N SER B 82 -31.93 29.90 6.14
CA SER B 82 -30.70 30.65 6.07
C SER B 82 -30.99 32.10 5.64
N THR B 83 -29.96 32.93 5.71
CA THR B 83 -29.99 34.32 5.26
C THR B 83 -30.24 34.50 3.72
N MET B 84 -30.16 33.37 3.00
CA MET B 84 -30.55 33.33 1.63
C MET B 84 -31.99 33.77 1.41
N ALA B 85 -32.80 33.68 2.41
CA ALA B 85 -34.22 34.12 2.30
C ALA B 85 -34.31 35.62 1.97
N GLN B 86 -33.40 36.39 2.49
CA GLN B 86 -33.40 37.82 2.21
C GLN B 86 -33.01 38.11 0.69
N HIS B 87 -32.09 37.30 0.16
CA HIS B 87 -31.79 37.41 -1.23
C HIS B 87 -32.99 36.94 -2.06
N ALA B 88 -33.67 35.91 -1.61
CA ALA B 88 -34.82 35.42 -2.35
C ALA B 88 -35.91 36.54 -2.42
N GLU B 89 -36.10 37.25 -1.34
CA GLU B 89 -37.07 38.36 -1.37
C GLU B 89 -36.67 39.41 -2.43
N VAL B 90 -35.39 39.70 -2.54
CA VAL B 90 -34.89 40.67 -3.50
C VAL B 90 -35.30 40.23 -4.95
N LEU B 91 -35.07 38.98 -5.23
CA LEU B 91 -35.42 38.47 -6.54
C LEU B 91 -36.95 38.47 -6.76
N VAL B 92 -37.71 38.17 -5.75
CA VAL B 92 -39.13 38.16 -5.91
C VAL B 92 -39.64 39.60 -6.24
N LYS B 93 -38.99 40.60 -5.65
CA LYS B 93 -39.39 41.96 -6.00
C LYS B 93 -38.92 42.34 -7.40
N SER B 94 -37.69 42.01 -7.76
CA SER B 94 -37.18 42.46 -9.06
C SER B 94 -37.80 41.76 -10.19
N ASN B 95 -38.41 40.56 -9.96
CA ASN B 95 -39.12 39.84 -10.99
C ASN B 95 -40.62 40.10 -10.95
N ASN B 96 -41.07 41.09 -10.18
CA ASN B 96 -42.53 41.49 -10.12
C ASN B 96 -43.48 40.38 -9.78
N LEU B 97 -43.12 39.56 -8.79
CA LEU B 97 -43.89 38.37 -8.38
C LEU B 97 -44.31 38.48 -6.89
N THR B 98 -44.39 39.70 -6.34
CA THR B 98 -44.78 39.92 -4.98
C THR B 98 -46.26 39.49 -4.74
N ASP B 99 -47.09 39.46 -5.73
CA ASP B 99 -48.40 39.01 -5.58
C ASP B 99 -48.53 37.44 -5.53
N ARG B 100 -47.49 36.71 -5.87
CA ARG B 100 -47.58 35.26 -5.99
C ARG B 100 -46.62 34.44 -5.10
N ILE B 101 -45.43 34.96 -4.83
CA ILE B 101 -44.44 34.31 -4.07
C ILE B 101 -44.19 35.02 -2.74
N VAL B 102 -44.45 34.33 -1.62
CA VAL B 102 -44.31 34.88 -0.33
C VAL B 102 -43.18 34.07 0.38
N VAL B 103 -42.06 34.75 0.59
CA VAL B 103 -40.96 34.21 1.29
C VAL B 103 -41.26 34.29 2.77
N ILE B 104 -41.09 33.14 3.47
CA ILE B 104 -41.28 33.01 4.92
C ILE B 104 -39.98 32.54 5.51
N PRO B 105 -39.26 33.40 6.22
CA PRO B 105 -38.00 33.01 6.83
C PRO B 105 -38.16 32.12 8.07
N GLY B 106 -37.35 31.12 8.21
CA GLY B 106 -37.39 30.22 9.33
C GLY B 106 -37.28 28.75 8.83
N LYS B 107 -37.27 27.84 9.82
CA LYS B 107 -37.26 26.40 9.58
C LYS B 107 -38.70 25.96 9.35
N VAL B 108 -38.90 25.06 8.41
CA VAL B 108 -40.24 24.55 8.05
C VAL B 108 -40.89 23.88 9.22
N GLU B 109 -40.08 23.39 10.19
CA GLU B 109 -40.67 22.82 11.41
C GLU B 109 -41.20 23.89 12.40
N GLU B 110 -40.80 25.14 12.25
CA GLU B 110 -41.03 26.20 13.21
C GLU B 110 -41.95 27.33 12.71
N VAL B 111 -42.07 27.57 11.46
CA VAL B 111 -42.83 28.65 10.90
C VAL B 111 -44.30 28.29 10.96
N SER B 112 -45.14 29.29 10.69
CA SER B 112 -46.57 29.15 10.64
C SER B 112 -47.03 29.53 9.24
N LEU B 113 -47.77 28.65 8.62
CA LEU B 113 -48.23 28.89 7.25
C LEU B 113 -49.69 29.28 7.27
N PRO B 114 -50.10 30.15 6.38
CA PRO B 114 -51.52 30.67 6.51
C PRO B 114 -52.57 29.74 6.03
N GLU B 115 -52.25 28.74 5.23
CA GLU B 115 -53.30 27.82 4.75
C GLU B 115 -52.55 26.45 4.40
N GLN B 116 -53.34 25.47 4.06
CA GLN B 116 -52.90 24.24 3.52
C GLN B 116 -52.63 24.32 2.03
N VAL B 117 -51.74 23.44 1.50
CA VAL B 117 -51.25 23.55 0.18
C VAL B 117 -51.64 22.35 -0.68
N ASP B 118 -51.65 22.55 -2.00
CA ASP B 118 -51.99 21.54 -2.93
C ASP B 118 -50.76 20.65 -3.28
N ILE B 119 -49.57 21.20 -3.20
CA ILE B 119 -48.38 20.48 -3.66
C ILE B 119 -47.15 21.05 -2.93
N ILE B 120 -46.24 20.12 -2.55
CA ILE B 120 -45.02 20.52 -1.97
C ILE B 120 -43.89 20.29 -2.92
N ILE B 121 -42.98 21.27 -3.11
CA ILE B 121 -41.82 21.05 -3.89
C ILE B 121 -40.57 21.32 -3.06
N SER B 122 -39.51 20.56 -3.33
CA SER B 122 -38.26 20.76 -2.68
C SER B 122 -37.14 20.07 -3.38
N GLU B 123 -35.91 20.39 -2.98
CA GLU B 123 -34.73 19.64 -3.35
C GLU B 123 -34.02 19.15 -2.04
N PRO B 124 -34.61 18.17 -1.40
CA PRO B 124 -34.07 17.73 -0.11
C PRO B 124 -32.97 16.65 -0.17
N MET B 125 -32.48 16.31 -1.34
CA MET B 125 -31.54 15.19 -1.51
C MET B 125 -30.11 15.71 -1.22
N GLY B 126 -29.41 15.08 -0.32
CA GLY B 126 -27.97 15.30 -0.12
C GLY B 126 -27.20 14.11 -0.78
N TYR B 127 -25.89 14.10 -0.53
CA TYR B 127 -25.09 12.94 -0.97
C TYR B 127 -25.72 11.67 -0.49
N MET B 128 -25.71 10.63 -1.32
CA MET B 128 -26.25 9.28 -1.01
C MET B 128 -27.74 9.45 -0.65
N LEU B 129 -28.37 10.50 -1.17
CA LEU B 129 -29.77 10.83 -0.88
C LEU B 129 -29.98 11.42 0.55
N PHE B 130 -29.54 10.66 1.54
CA PHE B 130 -29.99 10.89 2.92
C PHE B 130 -29.18 11.93 3.71
N ASN B 131 -27.98 12.26 3.28
CA ASN B 131 -27.15 13.17 3.98
C ASN B 131 -27.86 14.56 4.15
N GLU B 132 -27.58 15.23 5.27
CA GLU B 132 -28.15 16.51 5.64
C GLU B 132 -29.49 16.34 6.39
N ARG B 133 -30.14 15.14 6.23
CA ARG B 133 -31.36 14.87 6.90
C ARG B 133 -32.49 15.89 6.54
N MET B 134 -32.39 16.43 5.36
CA MET B 134 -33.37 17.34 4.87
C MET B 134 -34.67 16.65 4.42
N LEU B 135 -34.55 15.37 4.08
CA LEU B 135 -35.76 14.61 3.78
C LEU B 135 -36.71 14.63 4.93
N GLU B 136 -36.21 14.67 6.17
CA GLU B 136 -37.14 14.71 7.30
C GLU B 136 -37.94 16.00 7.39
N SER B 137 -37.32 17.11 7.04
CA SER B 137 -38.02 18.40 6.94
C SER B 137 -39.06 18.35 5.85
N TYR B 138 -38.71 17.73 4.76
CA TYR B 138 -39.64 17.63 3.62
C TYR B 138 -40.83 16.80 4.06
N LEU B 139 -40.61 15.68 4.76
CA LEU B 139 -41.73 14.86 5.18
C LEU B 139 -42.49 15.59 6.28
N HIS B 140 -41.79 16.25 7.18
CA HIS B 140 -42.49 17.02 8.23
C HIS B 140 -43.47 18.04 7.59
N ALA B 141 -43.09 18.58 6.45
CA ALA B 141 -43.96 19.63 5.77
C ALA B 141 -45.27 19.08 5.28
N LYS B 142 -45.45 17.72 5.29
CA LYS B 142 -46.73 17.17 4.90
C LYS B 142 -47.87 17.53 5.88
N LYS B 143 -47.56 18.00 7.10
CA LYS B 143 -48.62 18.59 7.92
C LYS B 143 -49.38 19.70 7.24
N TYR B 144 -48.80 20.35 6.22
CA TYR B 144 -49.45 21.43 5.47
C TYR B 144 -50.10 20.95 4.21
N LEU B 145 -50.03 19.68 3.90
CA LEU B 145 -50.52 19.15 2.63
C LEU B 145 -51.98 18.78 2.74
N LYS B 146 -52.77 19.24 1.78
CA LYS B 146 -54.20 18.88 1.71
C LYS B 146 -54.31 17.38 1.42
N PRO B 147 -55.45 16.76 1.80
CA PRO B 147 -55.71 15.37 1.39
C PRO B 147 -55.54 15.23 -0.16
N SER B 148 -54.93 14.24 -0.59
CA SER B 148 -54.67 14.02 -1.98
C SER B 148 -53.73 15.06 -2.64
N GLY B 149 -53.00 15.84 -1.83
CA GLY B 149 -51.96 16.63 -2.32
C GLY B 149 -50.76 15.85 -2.81
N ASN B 150 -49.93 16.54 -3.59
CA ASN B 150 -48.83 15.87 -4.31
C ASN B 150 -47.49 16.39 -3.70
N MET B 151 -46.42 15.66 -4.00
CA MET B 151 -45.06 15.95 -3.63
C MET B 151 -44.13 15.83 -4.83
N PHE B 152 -43.23 16.84 -4.98
CA PHE B 152 -42.29 16.94 -6.07
C PHE B 152 -40.90 17.23 -5.48
N PRO B 153 -40.02 16.23 -5.40
CA PRO B 153 -40.15 14.88 -5.89
C PRO B 153 -41.11 13.99 -5.13
N THR B 154 -41.61 12.94 -5.83
CA THR B 154 -42.62 12.08 -5.31
C THR B 154 -42.02 10.86 -4.72
N ILE B 155 -41.05 10.32 -5.33
CA ILE B 155 -40.39 9.03 -4.92
C ILE B 155 -38.90 9.16 -5.12
N GLY B 156 -38.16 8.36 -4.37
CA GLY B 156 -36.69 8.29 -4.37
C GLY B 156 -36.14 6.88 -4.35
N ASP B 157 -35.27 6.54 -5.27
CA ASP B 157 -34.62 5.22 -5.40
C ASP B 157 -33.17 5.34 -5.10
N VAL B 158 -32.71 4.64 -4.05
CA VAL B 158 -31.27 4.48 -3.78
C VAL B 158 -30.83 3.18 -4.47
N HIS B 159 -29.74 3.23 -5.17
CA HIS B 159 -29.08 2.12 -5.82
C HIS B 159 -27.75 1.84 -5.14
N LEU B 160 -27.47 0.52 -4.94
CA LEU B 160 -26.21 0.07 -4.41
C LEU B 160 -25.65 -0.98 -5.38
N ALA B 161 -24.33 -0.98 -5.59
CA ALA B 161 -23.64 -2.04 -6.32
C ALA B 161 -22.23 -2.23 -5.85
N PRO B 162 -21.70 -3.46 -5.83
CA PRO B 162 -20.31 -3.68 -5.47
C PRO B 162 -19.37 -3.25 -6.53
N PHE B 163 -18.23 -2.65 -6.16
CA PHE B 163 -17.27 -2.16 -7.14
C PHE B 163 -15.86 -2.66 -6.88
N THR B 164 -15.05 -2.62 -7.93
CA THR B 164 -13.62 -2.85 -7.80
C THR B 164 -12.87 -1.62 -8.30
N ASP B 165 -11.92 -1.12 -7.54
CA ASP B 165 -11.12 0.02 -7.86
C ASP B 165 -9.88 0.06 -6.99
N GLU B 166 -8.85 -0.58 -7.46
CA GLU B 166 -7.59 -0.79 -6.76
C GLU B 166 -6.90 0.51 -6.58
N GLN B 167 -6.96 1.42 -7.56
CA GLN B 167 -6.27 2.70 -7.44
C GLN B 167 -6.88 3.56 -6.25
N LEU B 168 -8.20 3.55 -6.11
CA LEU B 168 -8.82 4.28 -5.02
C LEU B 168 -8.48 3.68 -3.71
N TYR B 169 -8.52 2.34 -3.64
CA TYR B 169 -8.21 1.64 -2.41
C TYR B 169 -6.83 1.96 -1.95
N MET B 170 -5.87 1.92 -2.87
CA MET B 170 -4.45 2.09 -2.47
C MET B 170 -4.16 3.58 -2.16
N GLU B 171 -4.84 4.49 -2.81
CA GLU B 171 -4.73 5.91 -2.51
C GLU B 171 -5.12 6.16 -1.04
N GLN B 172 -6.27 5.67 -0.62
CA GLN B 172 -6.67 5.80 0.79
C GLN B 172 -5.81 5.04 1.71
N PHE B 173 -5.39 3.84 1.32
CA PHE B 173 -4.56 2.97 2.21
C PHE B 173 -3.20 3.60 2.43
N THR B 174 -2.62 4.13 1.36
CA THR B 174 -1.31 4.74 1.42
C THR B 174 -1.34 5.98 2.26
N LYS B 175 -2.37 6.79 2.17
CA LYS B 175 -2.43 7.98 3.03
C LYS B 175 -2.26 7.62 4.53
N ALA B 176 -2.93 6.57 4.96
CA ALA B 176 -2.85 6.16 6.34
C ALA B 176 -1.47 5.63 6.72
N ASN B 177 -0.71 5.12 5.79
CA ASN B 177 0.59 4.48 6.06
C ASN B 177 1.68 5.43 6.44
N PHE B 178 1.43 6.71 6.38
CA PHE B 178 2.35 7.68 6.97
C PHE B 178 2.51 7.40 8.47
N TRP B 179 1.48 6.90 9.14
CA TRP B 179 1.51 6.62 10.52
C TRP B 179 2.15 5.33 10.86
N TYR B 180 2.77 4.64 9.92
CA TYR B 180 3.63 3.46 10.24
C TYR B 180 4.99 3.88 10.73
N GLN B 181 5.46 5.07 10.33
CA GLN B 181 6.81 5.53 10.54
C GLN B 181 7.28 5.36 12.01
N PRO B 182 8.35 4.58 12.25
CA PRO B 182 8.86 4.41 13.58
C PRO B 182 9.80 5.55 14.00
N SER B 183 10.22 6.41 13.07
CA SER B 183 11.12 7.47 13.45
C SER B 183 10.91 8.74 12.62
N PHE B 184 9.68 9.30 12.69
CA PHE B 184 9.36 10.60 12.10
C PHE B 184 10.00 11.68 12.96
N HIS B 185 11.10 12.29 12.51
CA HIS B 185 11.86 13.23 13.25
C HIS B 185 12.19 12.65 14.62
N GLY B 186 12.55 11.33 14.68
CA GLY B 186 12.92 10.75 15.91
C GLY B 186 11.75 10.19 16.70
N VAL B 187 10.48 10.30 16.24
CA VAL B 187 9.36 9.88 16.97
C VAL B 187 8.63 8.74 16.35
N ASP B 188 8.25 7.74 17.17
CA ASP B 188 7.54 6.55 16.69
C ASP B 188 6.07 6.82 16.64
N LEU B 189 5.51 6.82 15.44
CA LEU B 189 4.11 7.08 15.22
C LEU B 189 3.26 5.79 15.12
N SER B 190 3.88 4.58 15.06
CA SER B 190 3.21 3.45 14.57
C SER B 190 2.05 2.97 15.44
N ALA B 191 2.05 3.31 16.74
CA ALA B 191 0.89 2.89 17.56
C ALA B 191 -0.44 3.60 17.13
N LEU B 192 -0.34 4.66 16.29
CA LEU B 192 -1.52 5.32 15.72
C LEU B 192 -1.93 4.85 14.34
N ARG B 193 -1.18 3.93 13.74
CA ARG B 193 -1.51 3.53 12.38
C ARG B 193 -2.97 2.97 12.24
N GLY B 194 -3.36 2.13 13.13
CA GLY B 194 -4.69 1.58 13.13
C GLY B 194 -5.76 2.69 13.21
N ALA B 195 -5.56 3.63 14.12
CA ALA B 195 -6.54 4.72 14.23
C ALA B 195 -6.58 5.54 12.93
N ALA B 196 -5.42 5.76 12.30
CA ALA B 196 -5.40 6.50 11.09
C ALA B 196 -6.16 5.81 9.99
N VAL B 197 -5.94 4.49 9.89
CA VAL B 197 -6.64 3.71 8.86
C VAL B 197 -8.14 3.81 9.06
N ASP B 198 -8.57 3.62 10.28
CA ASP B 198 -10.01 3.76 10.61
C ASP B 198 -10.54 5.07 10.17
N GLU B 199 -9.80 6.10 10.49
CA GLU B 199 -10.31 7.47 10.15
C GLU B 199 -10.45 7.62 8.64
N TYR B 200 -9.49 7.13 7.86
CA TYR B 200 -9.60 7.38 6.42
C TYR B 200 -10.70 6.53 5.82
N PHE B 201 -10.92 5.32 6.35
CA PHE B 201 -11.91 4.45 5.72
C PHE B 201 -13.31 4.76 6.14
N ARG B 202 -13.49 5.55 7.19
CA ARG B 202 -14.84 6.05 7.58
C ARG B 202 -15.35 7.12 6.65
N GLN B 203 -14.54 7.61 5.71
CA GLN B 203 -14.94 8.69 4.86
C GLN B 203 -15.50 8.14 3.56
N PRO B 204 -16.83 8.35 3.30
CA PRO B 204 -17.32 7.98 1.99
C PRO B 204 -16.70 8.85 0.95
N VAL B 205 -16.56 8.32 -0.23
CA VAL B 205 -15.81 8.95 -1.31
C VAL B 205 -16.76 9.48 -2.32
N VAL B 206 -16.75 10.84 -2.46
CA VAL B 206 -17.67 11.50 -3.36
C VAL B 206 -16.90 11.80 -4.62
N ASP B 207 -17.29 11.17 -5.71
CA ASP B 207 -16.73 11.40 -7.03
C ASP B 207 -17.44 10.54 -8.08
N THR B 208 -16.95 10.59 -9.29
CA THR B 208 -17.52 9.79 -10.37
C THR B 208 -16.63 8.65 -10.78
N PHE B 209 -17.17 7.73 -11.56
CA PHE B 209 -16.44 6.56 -11.98
C PHE B 209 -17.06 5.95 -13.22
N ASP B 210 -16.26 5.27 -13.99
CA ASP B 210 -16.70 4.45 -15.11
C ASP B 210 -17.52 3.26 -14.60
N ILE B 211 -18.59 2.96 -15.32
CA ILE B 211 -19.48 1.85 -14.94
C ILE B 211 -18.86 0.43 -15.05
N ARG B 212 -17.70 0.34 -15.68
CA ARG B 212 -17.03 -0.97 -15.79
C ARG B 212 -16.46 -1.42 -14.44
N ILE B 213 -16.36 -0.55 -13.42
CA ILE B 213 -15.94 -1.02 -12.11
C ILE B 213 -17.00 -1.75 -11.31
N LEU B 214 -18.28 -1.64 -11.73
CA LEU B 214 -19.36 -2.31 -11.06
C LEU B 214 -19.38 -3.78 -11.37
N MET B 215 -19.58 -4.61 -10.36
CA MET B 215 -19.41 -6.06 -10.47
C MET B 215 -20.69 -6.86 -10.43
N ALA B 216 -21.83 -6.19 -10.35
CA ALA B 216 -23.12 -6.81 -10.31
C ALA B 216 -24.17 -5.77 -10.55
N LYS B 217 -25.35 -6.17 -10.93
CA LYS B 217 -26.35 -5.18 -11.14
C LYS B 217 -26.79 -4.61 -9.80
N SER B 218 -27.17 -3.33 -9.79
CA SER B 218 -27.55 -2.66 -8.58
C SER B 218 -28.76 -3.24 -7.91
N VAL B 219 -28.80 -3.20 -6.61
CA VAL B 219 -30.01 -3.45 -5.84
C VAL B 219 -30.63 -2.03 -5.61
N LYS B 220 -31.93 -1.97 -5.56
CA LYS B 220 -32.73 -0.73 -5.44
C LYS B 220 -33.52 -0.72 -4.15
N TYR B 221 -33.57 0.42 -3.48
CA TYR B 221 -34.36 0.62 -2.27
C TYR B 221 -35.14 1.94 -2.42
N THR B 222 -36.44 1.90 -2.27
CA THR B 222 -37.35 2.98 -2.64
C THR B 222 -37.97 3.65 -1.46
N VAL B 223 -37.95 4.96 -1.38
CA VAL B 223 -38.65 5.72 -0.43
C VAL B 223 -39.81 6.47 -1.14
N ASN B 224 -41.03 6.22 -0.65
CA ASN B 224 -42.18 6.89 -1.20
C ASN B 224 -42.49 8.13 -0.28
N PHE B 225 -42.19 9.29 -0.77
CA PHE B 225 -42.37 10.52 -0.01
C PHE B 225 -43.81 10.87 0.26
N LEU B 226 -44.71 10.42 -0.58
CA LEU B 226 -46.16 10.62 -0.31
C LEU B 226 -46.64 9.76 0.90
N GLU B 227 -45.95 8.69 1.21
CA GLU B 227 -46.39 7.81 2.26
C GLU B 227 -45.54 7.69 3.50
N ALA B 228 -44.26 8.10 3.44
CA ALA B 228 -43.34 7.89 4.56
C ALA B 228 -43.62 9.00 5.63
N LYS B 229 -43.37 8.62 6.89
CA LYS B 229 -43.34 9.57 8.02
C LYS B 229 -41.91 9.86 8.37
N GLU B 230 -41.68 11.05 8.89
CA GLU B 230 -40.29 11.45 9.21
C GLU B 230 -39.55 10.42 10.04
N GLY B 231 -40.26 9.86 10.98
CA GLY B 231 -39.70 8.78 11.82
C GLY B 231 -39.17 7.61 11.10
N ASP B 232 -39.64 7.35 9.92
CA ASP B 232 -39.14 6.21 9.13
C ASP B 232 -37.68 6.39 8.73
N LEU B 233 -37.19 7.64 8.74
CA LEU B 233 -35.85 7.91 8.29
C LEU B 233 -34.79 7.90 9.39
N HIS B 234 -35.18 7.63 10.62
CA HIS B 234 -34.22 7.59 11.72
C HIS B 234 -33.33 6.37 11.63
N ARG B 235 -33.89 5.27 11.17
CA ARG B 235 -33.17 4.00 10.99
C ARG B 235 -33.56 3.40 9.64
N ILE B 236 -32.63 3.34 8.73
CA ILE B 236 -32.84 2.84 7.35
C ILE B 236 -32.00 1.59 7.14
N GLU B 237 -32.67 0.47 6.95
CA GLU B 237 -32.04 -0.85 6.81
C GLU B 237 -32.24 -1.40 5.42
N ILE B 238 -31.17 -1.55 4.67
CA ILE B 238 -31.19 -1.94 3.23
C ILE B 238 -30.44 -3.30 3.11
N PRO B 239 -31.21 -4.41 3.05
CA PRO B 239 -30.62 -5.69 2.71
C PRO B 239 -30.23 -5.79 1.26
N PHE B 240 -29.23 -6.59 0.97
CA PHE B 240 -28.81 -6.79 -0.42
C PHE B 240 -28.27 -8.19 -0.63
N LYS B 241 -28.52 -8.67 -1.82
CA LYS B 241 -28.04 -10.02 -2.30
C LYS B 241 -27.60 -9.76 -3.79
N PHE B 242 -26.31 -9.63 -4.02
CA PHE B 242 -25.80 -9.38 -5.32
C PHE B 242 -25.40 -10.72 -5.96
N HIS B 243 -25.68 -10.86 -7.24
CA HIS B 243 -25.25 -12.03 -8.04
C HIS B 243 -24.07 -11.53 -8.88
N MET B 244 -22.88 -11.97 -8.51
CA MET B 244 -21.64 -11.41 -9.05
C MET B 244 -21.50 -11.74 -10.54
N LEU B 245 -21.31 -10.71 -11.35
CA LEU B 245 -21.13 -10.91 -12.79
C LEU B 245 -19.67 -11.02 -13.22
N HIS B 246 -18.75 -10.61 -12.37
CA HIS B 246 -17.29 -10.58 -12.65
C HIS B 246 -16.54 -11.09 -11.45
N SER B 247 -15.41 -11.71 -11.69
CA SER B 247 -14.54 -12.13 -10.61
C SER B 247 -13.57 -11.02 -10.29
N GLY B 248 -13.22 -10.88 -9.02
CA GLY B 248 -12.22 -9.94 -8.61
C GLY B 248 -12.41 -9.56 -7.17
N LEU B 249 -11.67 -8.53 -6.77
CA LEU B 249 -11.68 -7.99 -5.47
C LEU B 249 -12.82 -6.93 -5.38
N VAL B 250 -13.69 -7.12 -4.37
CA VAL B 250 -14.70 -6.13 -4.08
C VAL B 250 -14.11 -5.20 -3.06
N HIS B 251 -13.92 -3.94 -3.47
CA HIS B 251 -13.34 -2.90 -2.64
C HIS B 251 -14.40 -2.09 -1.85
N GLY B 252 -15.66 -2.25 -2.17
CA GLY B 252 -16.70 -1.54 -1.43
C GLY B 252 -18.02 -1.57 -2.19
N LEU B 253 -18.95 -0.75 -1.73
CA LEU B 253 -20.21 -0.57 -2.36
C LEU B 253 -20.35 0.87 -2.90
N ALA B 254 -20.94 1.00 -4.10
CA ALA B 254 -21.17 2.28 -4.74
C ALA B 254 -22.70 2.62 -4.62
N PHE B 255 -22.98 3.90 -4.35
CA PHE B 255 -24.31 4.41 -4.09
C PHE B 255 -24.63 5.55 -5.04
N TRP B 256 -25.83 5.49 -5.61
CA TRP B 256 -26.42 6.62 -6.27
C TRP B 256 -27.92 6.65 -6.06
N PHE B 257 -28.56 7.68 -6.58
CA PHE B 257 -30.03 7.78 -6.42
C PHE B 257 -30.73 8.45 -7.61
N ASP B 258 -31.96 8.02 -7.82
CA ASP B 258 -32.89 8.68 -8.73
C ASP B 258 -34.09 9.20 -7.94
N VAL B 259 -34.62 10.36 -8.35
CA VAL B 259 -35.93 10.79 -7.84
C VAL B 259 -36.87 10.92 -9.02
N ALA B 260 -38.15 10.70 -8.78
CA ALA B 260 -39.18 10.80 -9.79
C ALA B 260 -40.27 11.81 -9.31
N PHE B 261 -40.61 12.70 -10.24
CA PHE B 261 -41.66 13.67 -10.16
C PHE B 261 -42.86 13.11 -10.91
N ILE B 262 -43.80 12.55 -10.15
CA ILE B 262 -44.90 11.84 -10.69
C ILE B 262 -46.10 12.82 -10.76
N GLY B 263 -46.28 13.45 -11.90
CA GLY B 263 -47.30 14.41 -12.13
C GLY B 263 -48.51 13.87 -12.86
N SER B 264 -49.52 14.71 -13.06
CA SER B 264 -50.74 14.33 -13.73
C SER B 264 -50.48 14.11 -15.25
N ILE B 265 -49.50 14.76 -15.84
CA ILE B 265 -49.27 14.71 -17.29
C ILE B 265 -48.21 13.74 -17.58
N MET B 266 -47.12 13.75 -16.84
CA MET B 266 -46.03 12.77 -17.08
C MET B 266 -45.17 12.65 -15.83
N THR B 267 -44.40 11.62 -15.78
CA THR B 267 -43.46 11.36 -14.81
C THR B 267 -42.07 11.74 -15.33
N VAL B 268 -41.34 12.61 -14.61
CA VAL B 268 -40.04 13.07 -15.00
C VAL B 268 -39.04 12.57 -13.98
N TRP B 269 -37.94 11.97 -14.44
CA TRP B 269 -36.91 11.43 -13.60
C TRP B 269 -35.69 12.32 -13.56
N LEU B 270 -35.09 12.48 -12.38
CA LEU B 270 -33.76 13.12 -12.15
C LEU B 270 -32.85 12.03 -11.60
N SER B 271 -31.87 11.64 -12.38
CA SER B 271 -30.94 10.54 -12.04
C SER B 271 -29.53 10.98 -11.75
N THR B 272 -28.93 10.46 -10.72
CA THR B 272 -27.52 10.67 -10.43
C THR B 272 -26.68 9.38 -10.71
N ALA B 273 -27.20 8.49 -11.52
CA ALA B 273 -26.52 7.26 -11.87
C ALA B 273 -25.26 7.49 -12.67
N PRO B 274 -24.27 6.59 -12.55
CA PRO B 274 -23.04 6.72 -13.33
C PRO B 274 -23.20 6.51 -14.82
N THR B 275 -24.32 5.98 -15.27
CA THR B 275 -24.64 5.91 -16.67
C THR B 275 -25.24 7.20 -17.25
N GLU B 276 -25.45 8.22 -16.43
CA GLU B 276 -26.20 9.39 -16.81
C GLU B 276 -25.28 10.61 -16.68
N PRO B 277 -25.63 11.72 -17.41
CA PRO B 277 -24.75 12.92 -17.27
C PRO B 277 -24.58 13.27 -15.77
N LEU B 278 -23.37 13.77 -15.48
CA LEU B 278 -22.95 14.06 -14.17
C LEU B 278 -23.74 15.21 -13.53
N THR B 279 -24.05 15.08 -12.24
CA THR B 279 -24.68 16.13 -11.40
C THR B 279 -23.72 16.47 -10.26
N HIS B 280 -24.03 17.54 -9.54
CA HIS B 280 -23.21 17.92 -8.40
C HIS B 280 -23.39 16.95 -7.20
N TRP B 281 -24.23 15.93 -7.32
CA TRP B 281 -24.28 14.85 -6.34
C TRP B 281 -23.25 13.78 -6.62
N TYR B 282 -22.66 13.78 -7.80
CA TYR B 282 -21.71 12.73 -8.26
C TYR B 282 -22.24 11.38 -7.93
N GLN B 283 -21.37 10.51 -7.40
CA GLN B 283 -21.73 9.25 -6.79
C GLN B 283 -20.93 9.11 -5.53
N VAL B 284 -21.31 8.12 -4.71
CA VAL B 284 -20.65 7.94 -3.44
C VAL B 284 -20.20 6.51 -3.30
N ARG B 285 -18.97 6.27 -2.89
CA ARG B 285 -18.46 4.91 -2.66
C ARG B 285 -18.01 4.77 -1.22
N CYS B 286 -18.45 3.68 -0.58
CA CYS B 286 -17.97 3.27 0.75
C CYS B 286 -17.00 2.11 0.54
N LEU B 287 -15.78 2.34 0.92
CA LEU B 287 -14.68 1.39 0.86
C LEU B 287 -14.69 0.42 1.98
N PHE B 288 -14.35 -0.84 1.66
CA PHE B 288 -14.08 -1.87 2.68
C PHE B 288 -12.63 -1.73 3.11
N GLN B 289 -12.38 -1.74 4.41
CA GLN B 289 -11.01 -1.65 4.89
C GLN B 289 -10.24 -2.93 4.45
N SER B 290 -10.95 -4.05 4.35
CA SER B 290 -10.35 -5.24 3.75
C SER B 290 -11.28 -5.73 2.65
N PRO B 291 -10.81 -5.70 1.41
CA PRO B 291 -11.67 -6.11 0.32
C PRO B 291 -11.99 -7.60 0.37
N LEU B 292 -12.97 -8.05 -0.39
CA LEU B 292 -13.41 -9.40 -0.38
C LEU B 292 -13.23 -9.97 -1.80
N PHE B 293 -12.72 -11.19 -1.91
CA PHE B 293 -12.57 -11.79 -3.19
C PHE B 293 -13.88 -12.47 -3.53
N ALA B 294 -14.35 -12.35 -4.77
CA ALA B 294 -15.50 -13.02 -5.22
C ALA B 294 -15.32 -13.51 -6.65
N LYS B 295 -15.91 -14.66 -6.95
CA LYS B 295 -15.93 -15.24 -8.26
C LYS B 295 -17.24 -14.95 -8.93
N ALA B 296 -17.23 -14.86 -10.27
CA ALA B 296 -18.42 -14.73 -11.04
C ALA B 296 -19.36 -15.86 -10.71
N GLY B 297 -20.65 -15.57 -10.50
CA GLY B 297 -21.65 -16.56 -10.02
C GLY B 297 -21.79 -16.61 -8.53
N ASP B 298 -20.86 -16.11 -7.73
CA ASP B 298 -21.01 -16.08 -6.31
C ASP B 298 -22.10 -15.10 -5.90
N THR B 299 -22.50 -15.21 -4.62
CA THR B 299 -23.48 -14.31 -4.05
C THR B 299 -22.85 -13.47 -2.96
N LEU B 300 -23.04 -12.15 -3.03
CA LEU B 300 -22.52 -11.24 -2.02
C LEU B 300 -23.76 -10.66 -1.30
N SER B 301 -23.92 -10.97 -0.04
CA SER B 301 -25.12 -10.66 0.71
C SER B 301 -24.78 -9.91 1.97
N GLY B 302 -25.70 -9.09 2.45
CA GLY B 302 -25.50 -8.32 3.66
C GLY B 302 -26.46 -7.25 3.84
N THR B 303 -26.06 -6.28 4.66
CA THR B 303 -26.96 -5.16 5.06
C THR B 303 -26.15 -3.86 5.08
N CYS B 304 -26.83 -2.81 4.63
CA CYS B 304 -26.38 -1.46 4.81
C CYS B 304 -27.39 -0.75 5.75
N LEU B 305 -26.91 -0.36 6.92
CA LEU B 305 -27.78 0.25 7.97
C LEU B 305 -27.37 1.71 8.18
N LEU B 306 -28.32 2.62 8.06
CA LEU B 306 -28.12 4.05 8.25
C LEU B 306 -28.84 4.46 9.51
N ILE B 307 -28.14 4.95 10.52
CA ILE B 307 -28.67 5.47 11.73
C ILE B 307 -28.49 6.95 11.81
N ALA B 308 -29.61 7.68 11.85
CA ALA B 308 -29.54 9.17 11.89
C ALA B 308 -28.86 9.63 13.14
N ASN B 309 -28.02 10.66 13.03
CA ASN B 309 -27.35 11.30 14.20
C ASN B 309 -27.78 12.74 14.27
N LYS B 310 -27.34 13.35 15.33
CA LYS B 310 -27.70 14.81 15.62
C LYS B 310 -26.82 15.86 14.90
N ARG B 311 -25.89 15.39 14.10
CA ARG B 311 -25.10 16.26 13.22
C ARG B 311 -25.67 16.28 11.85
N GLN B 312 -26.98 16.08 11.71
CA GLN B 312 -27.68 16.19 10.46
C GLN B 312 -27.17 15.17 9.44
N SER B 313 -26.74 14.01 9.85
CA SER B 313 -26.23 13.03 8.93
C SER B 313 -26.50 11.62 9.48
N TYR B 314 -25.78 10.63 9.02
CA TYR B 314 -26.02 9.23 9.36
C TYR B 314 -24.68 8.51 9.69
N ASP B 315 -24.78 7.61 10.65
CA ASP B 315 -23.76 6.58 10.89
C ASP B 315 -24.11 5.40 9.99
N ILE B 316 -23.20 4.98 9.14
CA ILE B 316 -23.42 3.94 8.17
C ILE B 316 -22.70 2.71 8.65
N SER B 317 -23.43 1.60 8.63
CA SER B 317 -22.89 0.27 8.98
C SER B 317 -23.06 -0.58 7.73
N ILE B 318 -21.99 -1.13 7.19
CA ILE B 318 -22.08 -2.07 6.10
C ILE B 318 -21.45 -3.39 6.51
N VAL B 319 -22.24 -4.45 6.48
CA VAL B 319 -21.73 -5.80 6.66
C VAL B 319 -22.07 -6.57 5.40
N ALA B 320 -21.05 -7.27 4.87
CA ALA B 320 -21.17 -7.98 3.57
C ALA B 320 -20.46 -9.28 3.67
N GLN B 321 -20.87 -10.19 2.87
CA GLN B 321 -20.31 -11.59 3.00
C GLN B 321 -20.43 -12.27 1.63
N VAL B 322 -19.37 -12.92 1.24
CA VAL B 322 -19.40 -13.82 0.09
C VAL B 322 -19.95 -15.17 0.63
N ASP B 323 -21.13 -15.54 0.16
CA ASP B 323 -21.83 -16.68 0.70
C ASP B 323 -21.03 -17.99 0.53
N GLN B 324 -20.38 -18.15 -0.60
CA GLN B 324 -19.72 -19.42 -0.97
C GLN B 324 -18.46 -19.62 -0.20
N THR B 325 -17.81 -18.60 0.33
CA THR B 325 -16.58 -18.88 1.15
C THR B 325 -16.69 -18.44 2.59
N GLY B 326 -17.73 -17.73 2.97
CA GLY B 326 -17.78 -17.17 4.32
C GLY B 326 -16.95 -15.99 4.61
N SER B 327 -16.34 -15.36 3.61
CA SER B 327 -15.54 -14.14 3.84
C SER B 327 -16.52 -12.99 4.13
N LYS B 328 -16.31 -12.35 5.23
CA LYS B 328 -17.12 -11.35 5.84
C LYS B 328 -16.31 -10.06 5.97
N SER B 329 -17.00 -8.94 5.76
CA SER B 329 -16.40 -7.64 5.96
C SER B 329 -17.45 -6.72 6.60
N SER B 330 -17.02 -6.00 7.63
CA SER B 330 -17.88 -5.05 8.37
C SER B 330 -17.16 -3.71 8.45
N ASN B 331 -17.94 -2.61 8.23
CA ASN B 331 -17.41 -1.33 8.12
C ASN B 331 -18.36 -0.32 8.70
N LEU B 332 -17.81 0.75 9.22
CA LEU B 332 -18.53 1.90 9.77
C LEU B 332 -18.05 3.12 9.09
N LEU B 333 -18.97 3.94 8.56
CA LEU B 333 -18.63 5.16 7.90
C LEU B 333 -19.41 6.32 8.53
N ASP B 334 -18.84 7.51 8.42
N ASP B 334 -18.86 7.50 8.45
CA ASP B 334 -19.50 8.72 8.90
CA ASP B 334 -19.56 8.71 8.95
C ASP B 334 -19.82 9.58 7.69
C ASP B 334 -19.85 9.61 7.78
N LEU B 335 -21.12 9.60 7.31
CA LEU B 335 -21.53 10.34 6.18
C LEU B 335 -21.30 11.89 6.31
N LYS B 336 -21.11 12.37 7.50
CA LYS B 336 -20.91 13.79 7.71
C LYS B 336 -19.56 14.26 7.22
N ASN B 337 -18.56 13.42 7.16
CA ASN B 337 -17.19 13.82 6.79
C ASN B 337 -16.74 13.10 5.52
N PRO B 338 -17.33 13.41 4.40
CA PRO B 338 -16.96 12.74 3.14
C PRO B 338 -15.70 13.20 2.57
N PHE B 339 -15.08 12.39 1.70
CA PHE B 339 -13.81 12.76 1.02
C PHE B 339 -14.21 13.14 -0.40
N PHE B 340 -14.10 14.43 -0.69
CA PHE B 340 -14.45 14.96 -2.05
C PHE B 340 -13.27 14.80 -2.95
N ARG B 341 -13.19 13.71 -3.68
CA ARG B 341 -12.11 13.34 -4.50
C ARG B 341 -12.16 13.95 -5.91
N TYR B 342 -13.31 14.42 -6.39
N TYR B 342 -13.31 14.42 -6.37
CA TYR B 342 -13.45 15.04 -7.72
CA TYR B 342 -13.45 15.27 -7.58
C TYR B 342 -12.69 16.42 -7.87
C TYR B 342 -12.81 16.64 -7.40
N SER C 1 -15.07 30.24 31.73
CA SER C 1 -13.68 30.55 31.72
C SER C 1 -13.43 31.72 30.73
N VAL C 2 -12.22 32.17 30.70
CA VAL C 2 -11.76 33.18 29.80
C VAL C 2 -11.98 32.68 28.30
N PHE C 3 -11.86 31.38 28.03
CA PHE C 3 -12.04 30.89 26.71
C PHE C 3 -13.52 30.96 26.29
N SER C 4 -14.40 30.42 27.12
CA SER C 4 -15.83 30.32 26.75
C SER C 4 -16.50 31.72 26.76
N GLU C 5 -15.91 32.68 27.49
CA GLU C 5 -16.44 34.05 27.52
C GLU C 5 -16.15 34.80 26.21
N ARG C 6 -15.08 34.42 25.47
CA ARG C 6 -14.72 35.09 24.24
C ARG C 6 -15.07 34.30 22.97
N THR C 7 -15.67 33.13 23.11
CA THR C 7 -15.85 32.19 21.97
C THR C 7 -17.31 31.67 21.98
N GLU C 8 -18.02 31.91 20.94
CA GLU C 8 -19.31 31.28 20.70
C GLU C 8 -19.12 29.69 20.71
N GLU C 9 -20.02 28.98 21.35
CA GLU C 9 -19.89 27.55 21.50
C GLU C 9 -19.92 26.82 20.13
N SER C 10 -20.71 27.25 19.18
CA SER C 10 -20.72 26.61 17.89
C SER C 10 -19.39 26.68 17.15
N SER C 11 -18.74 27.84 17.27
CA SER C 11 -17.38 27.98 16.72
C SER C 11 -16.37 27.09 17.37
N ALA C 12 -16.41 27.01 18.66
CA ALA C 12 -15.47 26.17 19.43
C ALA C 12 -15.64 24.68 19.08
N VAL C 13 -16.93 24.25 18.97
CA VAL C 13 -17.23 22.89 18.62
C VAL C 13 -16.60 22.54 17.24
N GLN C 14 -16.84 23.39 16.25
CA GLN C 14 -16.33 23.13 14.92
C GLN C 14 -14.79 23.11 14.92
N TYR C 15 -14.19 24.07 15.65
CA TYR C 15 -12.76 24.20 15.69
C TYR C 15 -12.07 22.97 16.26
N PHE C 16 -12.54 22.52 17.44
CA PHE C 16 -11.92 21.36 18.08
C PHE C 16 -12.20 20.05 17.35
N GLN C 17 -13.38 19.97 16.73
CA GLN C 17 -13.69 18.82 15.90
C GLN C 17 -12.67 18.74 14.74
N PHE C 18 -12.37 19.88 14.13
CA PHE C 18 -11.44 19.92 13.02
C PHE C 18 -10.06 19.41 13.47
N TYR C 19 -9.60 19.83 14.63
CA TYR C 19 -8.30 19.48 15.04
C TYR C 19 -8.23 18.04 15.67
N GLY C 20 -9.38 17.42 15.87
CA GLY C 20 -9.39 16.02 16.27
C GLY C 20 -9.03 15.01 15.20
N TYR C 21 -8.89 15.37 13.95
CA TYR C 21 -8.63 14.38 12.85
C TYR C 21 -7.13 14.17 12.64
N LEU C 22 -6.76 12.95 12.57
CA LEU C 22 -5.36 12.58 12.25
C LEU C 22 -4.89 13.08 10.89
N SER C 23 -5.83 13.21 9.91
CA SER C 23 -5.46 13.76 8.63
C SER C 23 -4.94 15.19 8.66
N GLN C 24 -5.51 15.99 9.57
CA GLN C 24 -5.00 17.31 9.71
C GLN C 24 -3.69 17.37 10.33
N GLN C 25 -3.54 16.60 11.39
CA GLN C 25 -2.23 16.49 12.06
C GLN C 25 -1.16 16.01 11.00
N GLN C 26 -1.51 15.06 10.18
CA GLN C 26 -0.57 14.56 9.18
C GLN C 26 -0.22 15.63 8.17
N ASN C 27 -1.17 16.42 7.77
CA ASN C 27 -0.91 17.55 6.89
C ASN C 27 0.06 18.52 7.49
N MET C 28 -0.09 18.81 8.75
CA MET C 28 0.83 19.76 9.39
C MET C 28 2.20 19.13 9.62
N MET C 29 2.28 17.89 9.98
CA MET C 29 3.59 17.23 10.14
C MET C 29 4.39 17.16 8.88
N GLN C 30 3.72 17.04 7.74
CA GLN C 30 4.38 17.01 6.41
C GLN C 30 4.86 18.37 5.90
N ASP C 31 4.53 19.46 6.59
CA ASP C 31 5.11 20.77 6.31
C ASP C 31 6.52 20.76 6.91
N TYR C 32 7.52 20.49 6.10
CA TYR C 32 8.86 20.37 6.53
C TYR C 32 9.51 21.59 7.01
N VAL C 33 9.19 22.74 6.41
CA VAL C 33 9.68 24.04 7.01
C VAL C 33 9.21 24.17 8.41
N ARG C 34 7.89 23.99 8.62
CA ARG C 34 7.32 24.09 9.95
C ARG C 34 7.97 23.08 10.98
N THR C 35 7.95 21.80 10.65
CA THR C 35 8.32 20.78 11.64
C THR C 35 9.80 20.81 11.87
N GLY C 36 10.62 20.89 10.78
CA GLY C 36 12.02 20.89 10.96
C GLY C 36 12.47 22.17 11.69
N THR C 37 11.90 23.33 11.41
CA THR C 37 12.27 24.54 12.12
C THR C 37 11.98 24.47 13.62
N TYR C 38 10.81 23.97 14.00
CA TYR C 38 10.51 23.82 15.43
C TYR C 38 11.56 22.84 16.10
N GLN C 39 11.85 21.73 15.44
CA GLN C 39 12.85 20.81 15.94
C GLN C 39 14.21 21.44 16.09
N ARG C 40 14.58 22.19 15.08
CA ARG C 40 15.88 22.87 15.16
C ARG C 40 15.96 23.91 16.24
N ALA C 41 14.88 24.69 16.40
CA ALA C 41 14.87 25.74 17.41
C ALA C 41 14.97 25.12 18.80
N ILE C 42 14.29 23.99 19.02
CA ILE C 42 14.32 23.35 20.35
C ILE C 42 15.71 22.66 20.62
N LEU C 43 16.17 21.84 19.66
CA LEU C 43 17.40 21.09 19.85
C LEU C 43 18.63 21.93 19.86
N GLN C 44 18.71 22.94 19.02
CA GLN C 44 19.89 23.85 19.02
C GLN C 44 19.94 24.75 20.24
N ASN C 45 18.84 24.87 21.00
CA ASN C 45 18.83 25.62 22.24
C ASN C 45 18.64 24.68 23.42
N HIS C 46 19.38 23.60 23.45
CA HIS C 46 19.15 22.51 24.43
C HIS C 46 19.33 22.98 25.86
N THR C 47 20.12 23.97 26.11
CA THR C 47 20.26 24.52 27.44
C THR C 47 18.97 25.20 27.94
N ASP C 48 18.09 25.58 27.04
CA ASP C 48 16.76 26.08 27.49
C ASP C 48 15.81 24.94 27.85
N PHE C 49 16.16 23.69 27.57
CA PHE C 49 15.30 22.59 27.86
C PHE C 49 15.89 21.53 28.83
N LYS C 50 17.21 21.42 28.92
CA LYS C 50 17.84 20.35 29.71
C LYS C 50 17.43 20.46 31.18
N ASP C 51 16.75 19.44 31.64
CA ASP C 51 16.25 19.34 33.06
C ASP C 51 15.31 20.40 33.42
N LYS C 52 14.59 20.97 32.47
CA LYS C 52 13.61 22.06 32.75
C LYS C 52 12.19 21.49 32.77
N ILE C 53 11.29 22.29 33.33
CA ILE C 53 9.85 22.04 33.30
C ILE C 53 9.26 22.88 32.15
N VAL C 54 8.49 22.24 31.26
CA VAL C 54 7.93 22.86 30.07
C VAL C 54 6.47 22.70 29.97
N LEU C 55 5.80 23.73 29.43
CA LEU C 55 4.36 23.64 29.08
C LEU C 55 4.24 23.69 27.58
N ASP C 56 3.52 22.73 27.03
CA ASP C 56 3.22 22.70 25.58
C ASP C 56 1.71 23.05 25.37
N VAL C 57 1.45 24.21 24.82
CA VAL C 57 0.08 24.73 24.79
C VAL C 57 -0.55 24.38 23.45
N GLY C 58 -1.61 23.55 23.50
CA GLY C 58 -2.15 22.99 22.28
C GLY C 58 -1.18 21.97 21.59
N CYS C 59 -0.93 20.87 22.25
CA CYS C 59 0.13 19.94 21.86
C CYS C 59 -0.28 19.09 20.63
N GLY C 60 -1.60 19.03 20.32
CA GLY C 60 -2.00 18.19 19.24
C GLY C 60 -1.48 16.75 19.36
N SER C 61 -0.80 16.26 18.36
CA SER C 61 -0.31 14.81 18.46
C SER C 61 0.86 14.72 19.46
N GLY C 62 1.49 15.82 19.84
CA GLY C 62 2.53 15.75 20.80
C GLY C 62 3.92 16.03 20.32
N ILE C 63 4.06 16.35 19.05
CA ILE C 63 5.37 16.40 18.40
C ILE C 63 6.32 17.34 19.10
N LEU C 64 5.85 18.54 19.51
CA LEU C 64 6.78 19.48 20.09
C LEU C 64 7.19 19.02 21.48
N SER C 65 6.31 18.30 22.20
CA SER C 65 6.67 17.77 23.47
C SER C 65 7.78 16.74 23.32
N PHE C 66 7.68 15.95 22.23
CA PHE C 66 8.77 14.94 21.95
C PHE C 66 10.05 15.69 21.66
N PHE C 67 10.00 16.81 20.95
CA PHE C 67 11.21 17.54 20.71
C PHE C 67 11.81 18.08 22.00
N ALA C 68 10.95 18.58 22.90
CA ALA C 68 11.44 19.04 24.18
C ALA C 68 12.09 17.86 24.98
N ALA C 69 11.50 16.68 24.91
CA ALA C 69 12.06 15.50 25.52
C ALA C 69 13.42 15.09 24.91
N GLN C 70 13.53 15.17 23.58
CA GLN C 70 14.79 14.90 22.90
C GLN C 70 15.88 15.89 23.39
N ALA C 71 15.50 17.15 23.71
CA ALA C 71 16.42 18.13 24.20
C ALA C 71 16.69 18.06 25.65
N GLY C 72 16.09 17.14 26.39
CA GLY C 72 16.41 16.89 27.79
C GLY C 72 15.49 17.32 28.82
N ALA C 73 14.27 17.73 28.49
CA ALA C 73 13.36 18.31 29.50
C ALA C 73 13.07 17.26 30.58
N ARG C 74 12.97 17.70 31.80
CA ARG C 74 12.69 16.75 32.90
C ARG C 74 11.16 16.45 32.93
N LYS C 75 10.30 17.47 32.70
CA LYS C 75 8.92 17.30 32.75
C LYS C 75 8.21 18.21 31.74
N ILE C 76 7.27 17.67 30.99
CA ILE C 76 6.52 18.37 29.99
C ILE C 76 5.07 18.16 30.24
N TYR C 77 4.32 19.26 30.47
CA TYR C 77 2.87 19.25 30.51
C TYR C 77 2.32 19.61 29.16
N ALA C 78 1.60 18.67 28.56
CA ALA C 78 1.14 18.82 27.15
C ALA C 78 -0.37 18.95 27.21
N VAL C 79 -0.87 20.21 26.97
CA VAL C 79 -2.29 20.51 27.15
C VAL C 79 -2.95 20.51 25.80
N GLU C 80 -4.06 19.84 25.68
CA GLU C 80 -4.77 19.76 24.38
C GLU C 80 -6.25 19.56 24.58
N ALA C 81 -7.05 20.31 23.87
CA ALA C 81 -8.50 20.36 24.10
C ALA C 81 -9.32 19.54 23.17
N SER C 82 -8.75 19.16 22.02
CA SER C 82 -9.49 18.27 21.13
C SER C 82 -9.32 16.81 21.52
N THR C 83 -10.05 15.93 20.82
CA THR C 83 -9.87 14.46 21.01
C THR C 83 -8.48 13.93 20.56
N MET C 84 -7.70 14.76 19.90
CA MET C 84 -6.30 14.47 19.63
C MET C 84 -5.50 14.20 20.87
N ALA C 85 -5.97 14.73 22.01
CA ALA C 85 -5.34 14.39 23.34
C ALA C 85 -5.25 12.90 23.58
N GLN C 86 -6.26 12.19 23.21
CA GLN C 86 -6.28 10.71 23.38
C GLN C 86 -5.17 10.02 22.52
N HIS C 87 -5.02 10.51 21.30
CA HIS C 87 -4.01 9.99 20.43
C HIS C 87 -2.62 10.39 20.99
N ALA C 88 -2.51 11.60 21.54
CA ALA C 88 -1.25 12.01 22.15
C ALA C 88 -0.85 11.08 23.22
N GLU C 89 -1.78 10.70 24.08
CA GLU C 89 -1.45 9.85 25.19
C GLU C 89 -0.91 8.50 24.65
N VAL C 90 -1.51 7.96 23.59
CA VAL C 90 -1.05 6.69 23.02
C VAL C 90 0.43 6.80 22.61
N LEU C 91 0.77 7.88 21.99
CA LEU C 91 2.16 8.09 21.58
C LEU C 91 3.08 8.30 22.71
N VAL C 92 2.64 8.92 23.78
CA VAL C 92 3.49 9.08 24.96
C VAL C 92 3.81 7.63 25.50
N LYS C 93 2.85 6.75 25.49
CA LYS C 93 3.07 5.43 26.05
C LYS C 93 3.94 4.56 25.11
N SER C 94 3.67 4.60 23.82
CA SER C 94 4.44 3.81 22.88
C SER C 94 5.85 4.36 22.70
N ASN C 95 6.12 5.63 23.02
CA ASN C 95 7.49 6.15 22.96
C ASN C 95 8.20 6.06 24.31
N ASN C 96 7.57 5.41 25.32
CA ASN C 96 8.15 5.19 26.62
C ASN C 96 8.57 6.43 27.36
N LEU C 97 7.67 7.45 27.34
CA LEU C 97 7.97 8.71 28.00
C LEU C 97 6.91 9.10 29.01
N THR C 98 6.15 8.16 29.56
CA THR C 98 5.11 8.54 30.54
C THR C 98 5.67 9.13 31.83
N ASP C 99 6.91 8.90 32.15
CA ASP C 99 7.51 9.58 33.33
C ASP C 99 7.90 11.07 33.06
N ARG C 100 7.91 11.49 31.79
CA ARG C 100 8.33 12.84 31.45
C ARG C 100 7.28 13.75 30.80
N ILE C 101 6.39 13.17 30.03
CA ILE C 101 5.33 13.86 29.31
C ILE C 101 4.00 13.50 29.91
N VAL C 102 3.28 14.51 30.44
CA VAL C 102 1.98 14.28 31.02
C VAL C 102 0.98 15.03 30.14
N VAL C 103 0.10 14.26 29.51
CA VAL C 103 -0.94 14.85 28.71
C VAL C 103 -2.08 15.28 29.55
N ILE C 104 -2.53 16.52 29.43
CA ILE C 104 -3.64 17.06 30.19
C ILE C 104 -4.73 17.52 29.18
N PRO C 105 -5.85 16.73 29.12
CA PRO C 105 -6.88 17.05 28.21
C PRO C 105 -7.71 18.30 28.72
N GLY C 106 -8.01 19.23 27.82
CA GLY C 106 -8.78 20.36 28.13
C GLY C 106 -8.22 21.62 27.54
N LYS C 107 -8.95 22.74 27.77
CA LYS C 107 -8.47 24.06 27.35
C LYS C 107 -7.51 24.61 28.32
N VAL C 108 -6.43 25.26 27.84
CA VAL C 108 -5.38 25.75 28.73
C VAL C 108 -5.93 26.80 29.72
N GLU C 109 -7.06 27.44 29.36
CA GLU C 109 -7.72 28.35 30.26
C GLU C 109 -8.48 27.66 31.40
N GLU C 110 -8.74 26.36 31.30
CA GLU C 110 -9.61 25.62 32.24
C GLU C 110 -8.91 24.53 33.03
N VAL C 111 -7.78 24.04 32.63
CA VAL C 111 -7.09 22.98 33.27
C VAL C 111 -6.28 23.50 34.43
N SER C 112 -5.72 22.57 35.21
CA SER C 112 -4.90 22.86 36.36
C SER C 112 -3.51 22.19 36.12
N LEU C 113 -2.46 22.89 36.37
CA LEU C 113 -1.09 22.37 36.32
C LEU C 113 -0.59 22.24 37.77
N PRO C 114 0.24 21.20 38.07
CA PRO C 114 0.72 21.04 39.40
C PRO C 114 1.82 22.04 39.79
N GLU C 115 2.50 22.66 38.82
CA GLU C 115 3.61 23.52 39.13
C GLU C 115 3.84 24.56 38.04
N GLN C 116 4.65 25.57 38.34
CA GLN C 116 5.08 26.53 37.38
C GLN C 116 6.21 26.00 36.47
N VAL C 117 6.31 26.54 35.26
CA VAL C 117 7.20 26.01 34.28
C VAL C 117 8.30 27.01 33.92
N ASP C 118 9.36 26.54 33.34
CA ASP C 118 10.49 27.30 32.93
C ASP C 118 10.31 27.86 31.50
N ILE C 119 9.53 27.23 30.67
CA ILE C 119 9.39 27.60 29.27
C ILE C 119 8.09 27.12 28.70
N ILE C 120 7.49 27.98 27.88
CA ILE C 120 6.25 27.61 27.18
C ILE C 120 6.57 27.44 25.70
N ILE C 121 6.09 26.37 25.11
CA ILE C 121 6.25 26.13 23.68
C ILE C 121 4.85 25.93 23.08
N SER C 122 4.69 26.39 21.84
CA SER C 122 3.43 26.34 21.19
C SER C 122 3.56 26.69 19.73
N GLU C 123 2.52 26.36 18.96
CA GLU C 123 2.38 26.75 17.62
C GLU C 123 0.98 27.47 17.48
N PRO C 124 0.88 28.66 18.00
CA PRO C 124 -0.40 29.35 18.00
C PRO C 124 -0.69 30.20 16.75
N MET C 125 0.10 30.11 15.69
CA MET C 125 -0.07 30.86 14.51
C MET C 125 -1.13 30.40 13.62
N GLY C 126 -2.11 31.29 13.31
CA GLY C 126 -3.03 30.97 12.17
C GLY C 126 -2.68 31.73 10.92
N TYR C 127 -3.59 31.69 9.92
CA TYR C 127 -3.43 32.57 8.75
C TYR C 127 -3.27 33.98 9.19
N MET C 128 -2.36 34.73 8.55
CA MET C 128 -2.13 36.14 8.89
C MET C 128 -1.72 36.27 10.35
N LEU C 129 -1.15 35.19 10.92
CA LEU C 129 -0.74 35.12 12.30
C LEU C 129 -1.93 34.99 13.24
N PHE C 130 -2.88 35.96 13.21
CA PHE C 130 -3.84 36.08 14.25
C PHE C 130 -5.09 35.27 14.10
N ASN C 131 -5.38 34.75 12.93
CA ASN C 131 -6.50 33.86 12.78
C ASN C 131 -6.56 32.68 13.80
N GLU C 132 -7.78 32.33 14.22
CA GLU C 132 -8.07 31.33 15.20
C GLU C 132 -7.96 31.83 16.67
N ARG C 133 -7.35 32.93 16.90
CA ARG C 133 -7.25 33.54 18.18
C ARG C 133 -6.48 32.70 19.23
N MET C 134 -5.64 31.85 18.81
CA MET C 134 -4.93 30.99 19.73
C MET C 134 -3.75 31.70 20.37
N LEU C 135 -3.28 32.78 19.78
CA LEU C 135 -2.31 33.60 20.50
C LEU C 135 -2.79 34.02 21.88
N GLU C 136 -4.07 34.29 22.02
CA GLU C 136 -4.60 34.64 23.29
C GLU C 136 -4.49 33.48 24.35
N SER C 137 -4.69 32.23 23.93
CA SER C 137 -4.51 31.13 24.79
C SER C 137 -3.01 30.99 25.18
N TYR C 138 -2.17 31.22 24.22
CA TYR C 138 -0.74 31.16 24.44
C TYR C 138 -0.33 32.21 25.49
N LEU C 139 -0.82 33.42 25.36
CA LEU C 139 -0.48 34.47 26.35
C LEU C 139 -1.14 34.15 27.67
N HIS C 140 -2.37 33.66 27.66
CA HIS C 140 -3.02 33.34 28.90
C HIS C 140 -2.19 32.31 29.69
N ALA C 141 -1.52 31.40 28.98
CA ALA C 141 -0.66 30.39 29.62
C ALA C 141 0.49 30.96 30.39
N LYS C 142 0.82 32.24 30.21
CA LYS C 142 1.87 32.87 31.02
C LYS C 142 1.54 32.90 32.54
N LYS C 143 0.29 32.70 32.93
CA LYS C 143 0.03 32.52 34.33
C LYS C 143 0.79 31.31 34.97
N TYR C 144 1.23 30.37 34.15
CA TYR C 144 2.02 29.20 34.61
C TYR C 144 3.49 29.37 34.45
N LEU C 145 3.94 30.54 33.94
CA LEU C 145 5.36 30.72 33.63
C LEU C 145 6.06 31.26 34.87
N LYS C 146 7.17 30.70 35.23
CA LYS C 146 8.00 31.24 36.34
C LYS C 146 8.50 32.65 35.95
N PRO C 147 8.82 33.48 36.95
CA PRO C 147 9.46 34.74 36.63
C PRO C 147 10.73 34.53 35.83
N SER C 148 10.92 35.32 34.80
CA SER C 148 12.05 35.10 33.92
C SER C 148 12.00 33.77 33.09
N GLY C 149 10.88 33.09 33.04
CA GLY C 149 10.70 32.02 32.07
C GLY C 149 10.66 32.54 30.61
N ASN C 150 10.82 31.64 29.67
CA ASN C 150 10.93 31.93 28.29
C ASN C 150 9.68 31.39 27.51
N MET C 151 9.48 31.95 26.32
CA MET C 151 8.45 31.58 25.40
C MET C 151 9.03 31.22 24.01
N PHE C 152 8.52 30.16 23.44
CA PHE C 152 8.92 29.65 22.10
C PHE C 152 7.68 29.34 21.31
N PRO C 153 7.32 30.21 20.37
CA PRO C 153 8.06 31.36 19.89
C PRO C 153 8.03 32.58 20.83
N THR C 154 9.05 33.43 20.66
CA THR C 154 9.30 34.52 21.53
C THR C 154 8.68 35.76 20.98
N ILE C 155 8.79 35.99 19.69
CA ILE C 155 8.21 37.17 19.06
C ILE C 155 7.55 36.75 17.75
N GLY C 156 6.56 37.57 17.36
CA GLY C 156 5.87 37.47 16.05
C GLY C 156 5.90 38.77 15.28
N ASP C 157 6.22 38.74 14.00
CA ASP C 157 6.24 39.89 13.13
C ASP C 157 5.27 39.67 12.03
N VAL C 158 4.22 40.51 11.96
CA VAL C 158 3.34 40.57 10.80
C VAL C 158 3.87 41.58 9.79
N HIS C 159 3.95 41.18 8.55
CA HIS C 159 4.34 42.05 7.43
C HIS C 159 3.13 42.33 6.52
N LEU C 160 3.04 43.57 6.09
CA LEU C 160 2.03 44.06 5.17
C LEU C 160 2.77 44.77 4.00
N ALA C 161 2.26 44.60 2.77
CA ALA C 161 2.74 45.31 1.60
C ALA C 161 1.72 45.43 0.54
N PRO C 162 1.66 46.53 -0.16
CA PRO C 162 0.69 46.67 -1.25
C PRO C 162 1.09 45.85 -2.52
N PHE C 163 0.10 45.31 -3.20
CA PHE C 163 0.32 44.54 -4.42
C PHE C 163 -0.54 45.01 -5.60
N THR C 164 -0.11 44.69 -6.79
CA THR C 164 -0.85 44.76 -7.98
C THR C 164 -1.07 43.33 -8.59
N ASP C 165 -2.31 43.00 -8.90
CA ASP C 165 -2.69 41.74 -9.42
C ASP C 165 -4.02 41.84 -10.14
N GLU C 166 -3.98 42.25 -11.35
CA GLU C 166 -5.14 42.58 -12.20
C GLU C 166 -6.00 41.34 -12.44
N GLN C 167 -5.40 40.15 -12.62
CA GLN C 167 -6.14 38.96 -12.79
C GLN C 167 -6.93 38.54 -11.60
N LEU C 168 -6.32 38.68 -10.40
CA LEU C 168 -7.04 38.41 -9.19
C LEU C 168 -8.22 39.31 -9.03
N TYR C 169 -8.01 40.55 -9.24
CA TYR C 169 -9.07 41.59 -9.09
C TYR C 169 -10.23 41.30 -10.07
N MET C 170 -9.91 40.95 -11.27
CA MET C 170 -10.96 40.77 -12.28
C MET C 170 -11.77 39.49 -12.06
N GLU C 171 -11.09 38.44 -11.63
CA GLU C 171 -11.72 37.19 -11.24
C GLU C 171 -12.96 37.40 -10.33
N GLN C 172 -12.94 38.41 -9.48
CA GLN C 172 -14.05 38.62 -8.58
C GLN C 172 -15.32 39.04 -9.34
N PHE C 173 -15.16 39.91 -10.30
CA PHE C 173 -16.31 40.36 -11.14
C PHE C 173 -16.73 39.27 -12.05
N THR C 174 -15.81 38.49 -12.64
CA THR C 174 -16.18 37.43 -13.49
C THR C 174 -17.05 36.39 -12.71
N LYS C 175 -16.69 36.12 -11.44
CA LYS C 175 -17.48 35.24 -10.68
C LYS C 175 -18.83 35.87 -10.39
N ALA C 176 -18.86 37.08 -9.93
CA ALA C 176 -20.13 37.69 -9.55
C ALA C 176 -21.03 37.97 -10.77
N ASN C 177 -20.49 38.14 -11.98
CA ASN C 177 -21.28 38.38 -13.14
C ASN C 177 -22.15 37.25 -13.63
N PHE C 178 -21.99 36.07 -13.02
CA PHE C 178 -23.05 35.09 -13.12
C PHE C 178 -24.47 35.63 -12.78
N TRP C 179 -24.57 36.47 -11.82
CA TRP C 179 -25.90 37.04 -11.48
C TRP C 179 -26.37 38.10 -12.42
N TYR C 180 -25.51 38.62 -13.30
CA TYR C 180 -25.91 39.65 -14.31
C TYR C 180 -26.44 39.06 -15.53
N GLN C 181 -27.58 38.43 -15.42
CA GLN C 181 -28.36 37.69 -16.43
C GLN C 181 -29.87 38.01 -16.29
N PRO C 182 -30.52 38.34 -17.35
CA PRO C 182 -31.95 38.67 -17.24
C PRO C 182 -32.82 37.53 -17.35
N SER C 183 -32.32 36.37 -17.81
CA SER C 183 -33.23 35.22 -17.97
C SER C 183 -32.51 33.92 -17.77
N PHE C 184 -32.07 33.70 -16.53
CA PHE C 184 -31.67 32.36 -16.07
C PHE C 184 -32.80 31.49 -15.96
N HIS C 185 -33.06 30.60 -16.93
CA HIS C 185 -34.22 29.74 -16.93
C HIS C 185 -35.52 30.57 -16.67
N GLY C 186 -35.56 31.76 -17.21
CA GLY C 186 -36.72 32.57 -17.14
C GLY C 186 -36.67 33.55 -15.94
N VAL C 187 -35.60 33.56 -15.13
CA VAL C 187 -35.52 34.37 -13.99
C VAL C 187 -34.43 35.48 -14.14
N ASP C 188 -34.77 36.71 -13.81
CA ASP C 188 -33.82 37.81 -13.83
C ASP C 188 -33.06 37.88 -12.54
N LEU C 189 -31.77 37.56 -12.57
CA LEU C 189 -30.97 37.47 -11.39
C LEU C 189 -30.22 38.74 -11.02
N SER C 190 -30.26 39.73 -11.87
CA SER C 190 -29.37 40.84 -11.82
C SER C 190 -29.34 41.65 -10.60
N ALA C 191 -30.44 41.70 -9.87
CA ALA C 191 -30.50 42.50 -8.63
C ALA C 191 -29.63 41.98 -7.57
N LEU C 192 -29.05 40.77 -7.69
CA LEU C 192 -28.14 40.27 -6.70
C LEU C 192 -26.68 40.37 -7.09
N ARG C 193 -26.40 40.99 -8.25
CA ARG C 193 -25.04 41.08 -8.64
C ARG C 193 -24.15 41.86 -7.63
N GLY C 194 -24.69 42.98 -7.14
CA GLY C 194 -23.97 43.77 -6.14
C GLY C 194 -23.65 43.03 -4.88
N ALA C 195 -24.58 42.29 -4.42
CA ALA C 195 -24.38 41.52 -3.21
C ALA C 195 -23.32 40.42 -3.50
N ALA C 196 -23.32 39.84 -4.67
CA ALA C 196 -22.30 38.80 -4.94
C ALA C 196 -20.91 39.39 -4.93
N VAL C 197 -20.80 40.57 -5.53
CA VAL C 197 -19.51 41.26 -5.51
C VAL C 197 -19.06 41.49 -4.05
N ASP C 198 -19.93 42.05 -3.23
CA ASP C 198 -19.59 42.32 -1.87
C ASP C 198 -19.14 41.03 -1.15
N GLU C 199 -19.85 39.97 -1.40
CA GLU C 199 -19.49 38.70 -0.71
C GLU C 199 -18.10 38.28 -1.10
N TYR C 200 -17.72 38.39 -2.35
CA TYR C 200 -16.37 37.91 -2.73
C TYR C 200 -15.30 38.79 -2.19
N PHE C 201 -15.53 40.13 -2.10
CA PHE C 201 -14.52 41.00 -1.64
C PHE C 201 -14.33 40.91 -0.13
N ARG C 202 -15.28 40.43 0.64
CA ARG C 202 -15.08 40.26 2.06
C ARG C 202 -14.15 39.02 2.42
N GLN C 203 -13.80 38.24 1.48
CA GLN C 203 -13.03 37.03 1.77
C GLN C 203 -11.57 37.29 1.53
N PRO C 204 -10.71 37.25 2.56
CA PRO C 204 -9.28 37.27 2.22
C PRO C 204 -8.87 36.03 1.41
N VAL C 205 -7.88 36.18 0.59
CA VAL C 205 -7.45 35.19 -0.37
C VAL C 205 -6.17 34.57 0.15
N VAL C 206 -6.21 33.26 0.38
CA VAL C 206 -5.10 32.48 0.85
C VAL C 206 -4.49 31.82 -0.33
N ASP C 207 -3.26 32.21 -0.64
CA ASP C 207 -2.46 31.58 -1.65
C ASP C 207 -1.11 32.20 -1.69
N THR C 208 -0.28 31.73 -2.61
CA THR C 208 1.03 32.26 -2.77
C THR C 208 1.12 33.08 -4.06
N PHE C 209 2.19 33.82 -4.25
CA PHE C 209 2.39 34.69 -5.37
C PHE C 209 3.79 35.01 -5.65
N ASP C 210 4.10 35.46 -6.87
CA ASP C 210 5.39 35.99 -7.20
C ASP C 210 5.63 37.35 -6.44
N ILE C 211 6.82 37.56 -5.93
CA ILE C 211 7.20 38.76 -5.25
C ILE C 211 7.23 40.05 -6.13
N ARG C 212 7.24 39.87 -7.43
CA ARG C 212 7.25 40.95 -8.39
C ARG C 212 5.89 41.74 -8.33
N ILE C 213 4.84 41.18 -7.79
CA ILE C 213 3.61 41.91 -7.63
C ILE C 213 3.62 42.99 -6.46
N LEU C 214 4.59 42.94 -5.59
CA LEU C 214 4.71 43.80 -4.48
C LEU C 214 5.26 45.16 -4.92
N MET C 215 4.63 46.23 -4.44
CA MET C 215 4.94 47.55 -4.97
C MET C 215 5.73 48.48 -4.05
N ALA C 216 6.03 48.05 -2.84
CA ALA C 216 6.65 48.75 -1.81
C ALA C 216 7.10 47.84 -0.74
N LYS C 217 8.17 48.22 -0.06
CA LYS C 217 8.71 47.46 1.02
C LYS C 217 7.69 47.32 2.12
N SER C 218 7.71 46.17 2.77
CA SER C 218 6.71 45.82 3.78
C SER C 218 6.82 46.69 5.02
N VAL C 219 5.69 46.98 5.64
CA VAL C 219 5.64 47.51 6.98
C VAL C 219 5.52 46.29 7.93
N LYS C 220 6.13 46.40 9.08
CA LYS C 220 6.19 45.38 10.13
C LYS C 220 5.49 45.77 11.38
N TYR C 221 4.72 44.87 11.96
CA TYR C 221 4.06 45.05 13.24
C TYR C 221 4.39 43.85 14.14
N THR C 222 4.98 44.12 15.27
CA THR C 222 5.66 43.10 16.12
C THR C 222 4.84 42.88 17.42
N VAL C 223 4.61 41.66 17.78
CA VAL C 223 4.07 41.29 19.08
C VAL C 223 5.26 40.55 19.85
N ASN C 224 5.60 41.06 21.00
CA ASN C 224 6.42 40.47 21.93
C ASN C 224 5.67 39.54 22.88
N PHE C 225 5.80 38.22 22.70
CA PHE C 225 5.00 37.29 23.48
C PHE C 225 5.41 37.26 24.97
N LEU C 226 6.61 37.63 25.26
CA LEU C 226 7.00 37.76 26.70
C LEU C 226 6.34 38.93 27.43
N GLU C 227 5.90 39.92 26.71
CA GLU C 227 5.39 41.17 27.33
C GLU C 227 3.94 41.47 27.07
N ALA C 228 3.32 40.91 26.03
CA ALA C 228 1.97 41.16 25.66
C ALA C 228 0.98 40.48 26.62
N LYS C 229 -0.18 41.14 26.82
CA LYS C 229 -1.32 40.60 27.49
C LYS C 229 -2.38 40.24 26.55
N GLU C 230 -3.25 39.26 26.95
CA GLU C 230 -4.31 38.80 26.09
C GLU C 230 -5.07 40.00 25.48
N GLY C 231 -5.38 41.02 26.36
CA GLY C 231 -6.22 42.09 25.88
C GLY C 231 -5.64 42.90 24.82
N ASP C 232 -4.36 42.86 24.67
CA ASP C 232 -3.65 43.56 23.56
C ASP C 232 -4.10 43.06 22.19
N LEU C 233 -4.58 41.81 22.11
CA LEU C 233 -4.95 41.25 20.81
C LEU C 233 -6.44 41.44 20.42
N HIS C 234 -7.21 42.06 21.24
CA HIS C 234 -8.65 42.30 20.97
C HIS C 234 -8.85 43.36 19.91
N ARG C 235 -7.96 44.28 19.78
CA ARG C 235 -7.99 45.36 18.78
C ARG C 235 -6.59 45.66 18.36
N ILE C 236 -6.26 45.36 17.11
CA ILE C 236 -4.92 45.45 16.56
C ILE C 236 -4.94 46.53 15.47
N GLU C 237 -4.18 47.62 15.72
CA GLU C 237 -4.19 48.80 14.84
C GLU C 237 -2.81 48.89 14.23
N ILE C 238 -2.72 48.77 12.91
CA ILE C 238 -1.47 48.78 12.19
C ILE C 238 -1.48 49.96 11.22
N PRO C 239 -0.91 51.07 11.62
CA PRO C 239 -0.76 52.22 10.62
C PRO C 239 0.31 51.86 9.57
N PHE C 240 0.15 52.45 8.41
CA PHE C 240 1.16 52.24 7.38
C PHE C 240 1.33 53.42 6.53
N LYS C 241 2.59 53.58 6.13
CA LYS C 241 2.92 54.67 5.14
C LYS C 241 3.90 54.01 4.17
N PHE C 242 3.43 53.54 3.06
CA PHE C 242 4.26 52.88 2.07
C PHE C 242 4.85 53.91 1.08
N HIS C 243 6.14 53.78 0.82
CA HIS C 243 6.79 54.60 -0.20
C HIS C 243 6.90 53.73 -1.51
N MET C 244 6.11 54.08 -2.48
CA MET C 244 5.90 53.28 -3.67
C MET C 244 7.18 53.11 -4.50
N LEU C 245 7.60 51.87 -4.73
CA LEU C 245 8.77 51.53 -5.53
C LEU C 245 8.40 51.34 -7.03
N HIS C 246 7.17 51.15 -7.37
CA HIS C 246 6.74 50.93 -8.73
C HIS C 246 5.41 51.66 -8.90
N SER C 247 5.18 52.13 -10.15
CA SER C 247 3.95 52.65 -10.54
C SER C 247 2.96 51.64 -10.99
N GLY C 248 1.70 51.76 -10.66
CA GLY C 248 0.66 50.95 -11.12
C GLY C 248 -0.59 51.08 -10.31
N LEU C 249 -1.55 50.18 -10.50
CA LEU C 249 -2.66 50.03 -9.75
C LEU C 249 -2.47 49.15 -8.54
N VAL C 250 -2.80 49.65 -7.33
CA VAL C 250 -2.81 48.89 -6.12
C VAL C 250 -4.10 48.25 -5.93
N HIS C 251 -4.12 46.89 -5.95
CA HIS C 251 -5.35 46.10 -5.77
C HIS C 251 -5.60 45.69 -4.36
N GLY C 252 -4.63 45.81 -3.47
CA GLY C 252 -4.85 45.39 -2.08
C GLY C 252 -3.54 45.30 -1.30
N LEU C 253 -3.69 44.75 -0.12
CA LEU C 253 -2.52 44.48 0.76
C LEU C 253 -2.28 42.97 0.90
N ALA C 254 -1.02 42.61 0.86
CA ALA C 254 -0.54 41.22 1.12
C ALA C 254 0.07 41.14 2.53
N PHE C 255 -0.22 40.03 3.21
CA PHE C 255 0.15 39.76 4.60
C PHE C 255 0.93 38.45 4.67
N TRP C 256 2.04 38.49 5.44
CA TRP C 256 2.73 37.30 5.89
C TRP C 256 3.27 37.51 7.25
N PHE C 257 3.93 36.49 7.82
CA PHE C 257 4.48 36.62 9.18
C PHE C 257 5.71 35.77 9.42
N ASP C 258 6.55 36.24 10.31
CA ASP C 258 7.71 35.52 10.82
C ASP C 258 7.58 35.38 12.33
N VAL C 259 8.02 34.26 12.86
CA VAL C 259 8.19 34.16 14.35
C VAL C 259 9.63 33.85 14.65
N ALA C 260 10.08 34.28 15.80
CA ALA C 260 11.46 33.99 16.26
C ALA C 260 11.46 33.27 17.62
N PHE C 261 12.25 32.24 17.66
CA PHE C 261 12.61 31.45 18.87
C PHE C 261 13.91 31.93 19.38
N ILE C 262 13.85 32.80 20.42
CA ILE C 262 15.00 33.49 20.91
C ILE C 262 15.52 32.69 22.09
N GLY C 263 16.48 31.80 21.87
CA GLY C 263 17.05 30.94 22.89
C GLY C 263 18.37 31.44 23.44
N SER C 264 18.90 30.80 24.47
CA SER C 264 20.14 31.18 25.06
C SER C 264 21.34 30.92 24.11
N ILE C 265 21.25 29.94 23.20
CA ILE C 265 22.36 29.66 22.33
C ILE C 265 22.21 30.39 21.01
N MET C 266 21.01 30.43 20.46
CA MET C 266 20.83 31.07 19.15
C MET C 266 19.34 31.45 18.99
N THR C 267 19.11 32.36 18.06
CA THR C 267 17.81 32.72 17.61
C THR C 267 17.52 31.98 16.32
N VAL C 268 16.38 31.28 16.26
CA VAL C 268 16.00 30.58 15.03
C VAL C 268 14.69 31.17 14.52
N TRP C 269 14.64 31.42 13.22
CA TRP C 269 13.43 32.10 12.62
C TRP C 269 12.64 31.10 11.82
N LEU C 270 11.31 31.26 11.88
CA LEU C 270 10.37 30.53 11.03
C LEU C 270 9.62 31.62 10.24
N SER C 271 9.81 31.66 8.96
CA SER C 271 9.28 32.70 8.04
C SER C 271 8.25 32.17 7.09
N THR C 272 7.13 32.86 6.94
CA THR C 272 6.13 32.54 5.89
C THR C 272 6.16 33.53 4.72
N ALA C 273 7.21 34.25 4.59
CA ALA C 273 7.35 35.29 3.56
C ALA C 273 7.33 34.68 2.15
N PRO C 274 6.88 35.44 1.15
CA PRO C 274 6.91 35.00 -0.25
C PRO C 274 8.28 34.82 -0.85
N THR C 275 9.30 35.33 -0.23
CA THR C 275 10.68 35.14 -0.56
C THR C 275 11.26 33.84 -0.01
N GLU C 276 10.52 33.08 0.78
CA GLU C 276 10.97 31.91 1.46
C GLU C 276 10.19 30.69 1.02
N PRO C 277 10.78 29.44 1.13
CA PRO C 277 9.94 28.29 0.79
C PRO C 277 8.52 28.37 1.44
N LEU C 278 7.58 27.85 0.68
CA LEU C 278 6.20 27.77 0.96
C LEU C 278 5.89 26.89 2.22
N THR C 279 5.00 27.37 3.06
CA THR C 279 4.48 26.65 4.26
C THR C 279 2.97 26.52 4.10
N HIS C 280 2.33 25.71 4.93
CA HIS C 280 0.91 25.53 4.87
CA HIS C 280 0.90 25.54 4.80
C HIS C 280 0.13 26.78 5.30
N TRP C 281 0.85 27.82 5.73
CA TRP C 281 0.23 29.14 5.96
C TRP C 281 0.10 29.99 4.72
N TYR C 282 0.76 29.61 3.64
CA TYR C 282 0.85 30.41 2.42
C TYR C 282 1.06 31.90 2.71
N GLN C 283 0.34 32.76 2.00
CA GLN C 283 0.27 34.16 2.31
C GLN C 283 -1.20 34.56 2.14
N VAL C 284 -1.54 35.76 2.55
CA VAL C 284 -2.92 36.17 2.56
C VAL C 284 -3.00 37.57 1.86
N ARG C 285 -3.92 37.71 0.90
CA ARG C 285 -4.14 39.00 0.27
C ARG C 285 -5.61 39.49 0.51
N CYS C 286 -5.71 40.74 0.88
CA CYS C 286 -6.94 41.46 1.05
C CYS C 286 -7.07 42.49 -0.06
N LEU C 287 -8.08 42.33 -0.89
CA LEU C 287 -8.39 43.18 -2.01
C LEU C 287 -9.05 44.49 -1.62
N PHE C 288 -8.72 45.54 -2.34
CA PHE C 288 -9.46 46.79 -2.28
C PHE C 288 -10.68 46.71 -3.20
N GLN C 289 -11.74 47.32 -2.77
CA GLN C 289 -12.99 47.35 -3.59
C GLN C 289 -12.76 48.21 -4.84
N SER C 290 -11.91 49.23 -4.71
CA SER C 290 -11.53 50.08 -5.75
C SER C 290 -10.06 50.21 -5.71
N PRO C 291 -9.38 49.83 -6.84
CA PRO C 291 -7.97 49.96 -6.85
C PRO C 291 -7.52 51.39 -6.77
N LEU C 292 -6.28 51.62 -6.41
CA LEU C 292 -5.76 52.92 -6.26
C LEU C 292 -4.57 53.07 -7.20
N PHE C 293 -4.54 54.12 -8.02
CA PHE C 293 -3.39 54.40 -8.81
C PHE C 293 -2.32 55.04 -8.02
N ALA C 294 -1.09 54.66 -8.19
CA ALA C 294 -0.02 55.28 -7.55
C ALA C 294 1.25 55.22 -8.40
N LYS C 295 2.02 56.30 -8.43
CA LYS C 295 3.26 56.31 -9.15
C LYS C 295 4.39 56.07 -8.23
N ALA C 296 5.51 55.63 -8.73
CA ALA C 296 6.69 55.46 -7.95
C ALA C 296 7.06 56.79 -7.32
N GLY C 297 7.40 56.72 -6.02
CA GLY C 297 7.68 57.87 -5.18
C GLY C 297 6.46 58.45 -4.46
N ASP C 298 5.24 58.15 -4.88
CA ASP C 298 4.07 58.44 -4.11
C ASP C 298 4.04 57.65 -2.81
N THR C 299 3.19 58.08 -1.88
CA THR C 299 3.06 57.49 -0.55
C THR C 299 1.61 57.05 -0.44
N LEU C 300 1.46 55.77 -0.02
CA LEU C 300 0.16 55.18 0.15
C LEU C 300 0.07 55.00 1.74
N SER C 301 -0.86 55.68 2.36
CA SER C 301 -0.92 55.73 3.76
C SER C 301 -2.35 55.27 4.23
N GLY C 302 -2.41 54.75 5.47
CA GLY C 302 -3.65 54.32 6.00
C GLY C 302 -3.51 53.45 7.20
N THR C 303 -4.55 52.65 7.46
CA THR C 303 -4.63 51.83 8.65
C THR C 303 -5.24 50.51 8.30
N CYS C 304 -4.68 49.48 8.95
CA CYS C 304 -5.27 48.15 8.99
C CYS C 304 -5.70 47.88 10.40
N LEU C 305 -7.01 47.77 10.65
CA LEU C 305 -7.58 47.53 11.95
C LEU C 305 -8.18 46.14 12.06
N LEU C 306 -7.71 45.31 12.98
CA LEU C 306 -8.20 43.96 13.22
C LEU C 306 -8.99 43.95 14.56
N ILE C 307 -10.28 43.59 14.49
CA ILE C 307 -11.14 43.59 15.63
C ILE C 307 -11.57 42.18 15.91
N ALA C 308 -11.19 41.66 17.08
CA ALA C 308 -11.54 40.25 17.42
C ALA C 308 -13.04 40.10 17.53
N ASN C 309 -13.54 38.98 17.06
CA ASN C 309 -14.97 38.55 17.15
C ASN C 309 -15.04 37.23 17.89
N LYS C 310 -16.27 36.82 18.15
CA LYS C 310 -16.50 35.59 18.92
C LYS C 310 -16.53 34.28 18.06
N ARG C 311 -16.19 34.39 16.78
CA ARG C 311 -15.91 33.22 15.95
C ARG C 311 -14.50 32.91 15.83
N GLN C 312 -13.70 33.23 16.87
CA GLN C 312 -12.29 32.90 16.89
C GLN C 312 -11.53 33.53 15.76
N SER C 313 -11.95 34.75 15.35
CA SER C 313 -11.22 35.39 14.28
C SER C 313 -11.35 36.90 14.43
N TYR C 314 -11.16 37.58 13.34
CA TYR C 314 -11.11 39.02 13.31
C TYR C 314 -11.88 39.57 12.13
N ASP C 315 -12.55 40.68 12.38
CA ASP C 315 -13.02 41.61 11.31
C ASP C 315 -11.89 42.52 10.93
N ILE C 316 -11.56 42.62 9.66
CA ILE C 316 -10.46 43.41 9.16
C ILE C 316 -11.00 44.64 8.48
N SER C 317 -10.53 45.80 8.89
CA SER C 317 -10.91 47.09 8.23
C SER C 317 -9.61 47.69 7.64
N ILE C 318 -9.58 47.88 6.33
CA ILE C 318 -8.45 48.48 5.68
C ILE C 318 -8.86 49.81 4.99
N VAL C 319 -8.26 50.92 5.40
CA VAL C 319 -8.48 52.20 4.75
C VAL C 319 -7.13 52.70 4.27
N ALA C 320 -7.07 53.14 2.97
CA ALA C 320 -5.86 53.57 2.36
C ALA C 320 -6.12 54.75 1.48
N GLN C 321 -5.08 55.54 1.26
CA GLN C 321 -5.14 56.63 0.38
C GLN C 321 -3.76 56.91 -0.26
N VAL C 322 -3.78 57.36 -1.46
CA VAL C 322 -2.61 57.95 -2.09
C VAL C 322 -2.58 59.43 -1.71
N ASP C 323 -1.55 59.78 -1.00
CA ASP C 323 -1.46 61.12 -0.40
C ASP C 323 -1.36 62.19 -1.48
N GLN C 324 -0.67 61.92 -2.58
CA GLN C 324 -0.39 62.92 -3.59
C GLN C 324 -1.64 63.15 -4.42
N THR C 325 -2.62 62.28 -4.49
CA THR C 325 -3.84 62.58 -5.24
C THR C 325 -5.09 62.66 -4.39
N GLY C 326 -5.09 62.19 -3.16
CA GLY C 326 -6.28 62.04 -2.39
C GLY C 326 -7.22 60.91 -2.73
N SER C 327 -6.91 60.02 -3.67
CA SER C 327 -7.74 58.89 -3.97
C SER C 327 -7.67 57.93 -2.73
N LYS C 328 -8.85 57.46 -2.37
CA LYS C 328 -9.08 56.76 -1.14
C LYS C 328 -9.78 55.45 -1.44
N SER C 329 -9.59 54.46 -0.58
CA SER C 329 -10.32 53.21 -0.66
C SER C 329 -10.38 52.52 0.71
N SER C 330 -11.56 52.02 1.09
CA SER C 330 -11.90 51.37 2.37
C SER C 330 -12.59 50.02 2.19
N ASN C 331 -12.21 49.00 2.99
N ASN C 331 -12.00 48.87 2.70
CA ASN C 331 -12.56 47.65 2.77
CA ASN C 331 -12.57 47.54 2.63
C ASN C 331 -12.75 46.90 4.07
C ASN C 331 -12.74 46.87 3.99
N LEU C 332 -13.75 46.01 4.09
CA LEU C 332 -14.07 45.20 5.22
C LEU C 332 -14.02 43.74 4.92
N LEU C 333 -13.22 42.99 5.65
CA LEU C 333 -13.06 41.54 5.35
C LEU C 333 -13.31 40.71 6.61
N ASP C 334 -13.76 39.49 6.38
N ASP C 334 -13.77 39.49 6.39
CA ASP C 334 -14.00 38.52 7.44
CA ASP C 334 -14.01 38.52 7.42
C ASP C 334 -12.93 37.42 7.37
C ASP C 334 -12.92 37.43 7.36
N LEU C 335 -11.93 37.50 8.24
CA LEU C 335 -10.82 36.54 8.30
C LEU C 335 -11.29 35.11 8.60
N LYS C 336 -12.47 34.92 9.20
CA LYS C 336 -12.94 33.58 9.46
C LYS C 336 -13.23 32.77 8.25
N ASN C 337 -13.61 33.41 7.13
CA ASN C 337 -14.05 32.71 5.94
C ASN C 337 -13.14 33.08 4.78
N PRO C 338 -11.90 32.57 4.81
CA PRO C 338 -10.98 32.86 3.70
C PRO C 338 -11.31 32.09 2.47
N PHE C 339 -10.85 32.60 1.31
CA PHE C 339 -10.95 31.91 0.05
C PHE C 339 -9.65 31.27 -0.23
N PHE C 340 -9.64 29.92 -0.22
CA PHE C 340 -8.41 29.13 -0.48
C PHE C 340 -8.27 29.02 -1.97
N ARG C 341 -7.44 29.84 -2.55
CA ARG C 341 -7.27 29.89 -4.00
C ARG C 341 -6.23 28.95 -4.52
N TYR C 342 -5.32 28.55 -3.74
CA TYR C 342 -4.16 27.59 -4.28
C TYR C 342 -4.58 26.21 -4.89
N SER D 1 12.48 -42.80 13.47
CA SER D 1 11.14 -43.10 13.12
C SER D 1 11.07 -43.63 11.67
N VAL D 2 9.85 -43.93 11.22
CA VAL D 2 9.64 -44.33 9.85
C VAL D 2 10.11 -43.19 8.90
N PHE D 3 9.94 -41.93 9.29
CA PHE D 3 10.25 -40.81 8.41
C PHE D 3 11.75 -40.72 8.20
N SER D 4 12.54 -40.75 9.28
CA SER D 4 13.99 -40.58 9.13
C SER D 4 14.67 -41.75 8.43
N GLU D 5 14.03 -42.92 8.49
CA GLU D 5 14.61 -44.16 7.86
C GLU D 5 14.40 -44.13 6.34
N ARG D 6 13.37 -43.43 5.87
CA ARG D 6 13.07 -43.39 4.41
C ARG D 6 13.59 -42.06 3.78
N THR D 7 14.17 -41.16 4.58
CA THR D 7 14.51 -39.84 4.19
C THR D 7 15.91 -39.47 4.61
N GLU D 8 16.77 -39.16 3.62
CA GLU D 8 18.05 -38.52 3.86
C GLU D 8 17.80 -37.16 4.63
N GLU D 9 18.61 -36.93 5.65
CA GLU D 9 18.38 -35.77 6.52
C GLU D 9 18.60 -34.44 5.75
N SER D 10 19.58 -34.42 4.85
CA SER D 10 19.82 -33.24 4.05
C SER D 10 18.61 -32.82 3.18
N SER D 11 17.91 -33.81 2.63
CA SER D 11 16.69 -33.52 1.89
C SER D 11 15.55 -32.99 2.78
N ALA D 12 15.39 -33.59 3.97
CA ALA D 12 14.37 -33.17 4.91
C ALA D 12 14.63 -31.71 5.40
N VAL D 13 15.89 -31.36 5.64
CA VAL D 13 16.23 -30.00 6.02
C VAL D 13 15.72 -29.00 4.94
N GLN D 14 16.05 -29.24 3.68
CA GLN D 14 15.63 -28.34 2.61
C GLN D 14 14.08 -28.29 2.52
N TYR D 15 13.44 -29.45 2.65
CA TYR D 15 11.99 -29.56 2.50
C TYR D 15 11.25 -28.73 3.58
N PHE D 16 11.63 -28.93 4.83
CA PHE D 16 10.97 -28.20 5.91
C PHE D 16 11.34 -26.70 5.96
N GLN D 17 12.58 -26.39 5.55
CA GLN D 17 12.99 -25.01 5.37
C GLN D 17 12.04 -24.32 4.36
N PHE D 18 11.79 -25.02 3.23
CA PHE D 18 10.97 -24.44 2.20
C PHE D 18 9.58 -24.16 2.70
N TYR D 19 9.00 -25.07 3.45
CA TYR D 19 7.61 -24.87 3.91
C TYR D 19 7.50 -23.94 5.13
N GLY D 20 8.66 -23.54 5.71
CA GLY D 20 8.63 -22.58 6.80
C GLY D 20 8.27 -21.13 6.37
N TYR D 21 8.22 -20.81 5.09
CA TYR D 21 8.09 -19.43 4.65
C TYR D 21 6.59 -19.06 4.46
N LEU D 22 6.23 -17.92 5.00
CA LEU D 22 4.91 -17.39 4.83
C LEU D 22 4.49 -17.16 3.34
N SER D 23 5.49 -16.77 2.52
CA SER D 23 5.24 -16.59 1.09
C SER D 23 4.81 -17.87 0.36
N GLN D 24 5.31 -19.03 0.77
CA GLN D 24 4.82 -20.25 0.19
C GLN D 24 3.40 -20.53 0.59
N GLN D 25 3.13 -20.38 1.87
CA GLN D 25 1.78 -20.53 2.37
C GLN D 25 0.82 -19.54 1.56
N GLN D 26 1.24 -18.35 1.34
CA GLN D 26 0.46 -17.40 0.62
C GLN D 26 0.21 -17.78 -0.80
N ASN D 27 1.21 -18.27 -1.44
CA ASN D 27 1.08 -18.79 -2.79
C ASN D 27 0.06 -19.93 -2.87
N MET D 28 0.10 -20.85 -1.90
CA MET D 28 -0.86 -21.95 -1.88
C MET D 28 -2.29 -21.44 -1.54
N MET D 29 -2.43 -20.54 -0.61
CA MET D 29 -3.75 -20.04 -0.24
C MET D 29 -4.43 -19.27 -1.37
N GLN D 30 -3.63 -18.60 -2.22
CA GLN D 30 -4.17 -17.91 -3.37
C GLN D 30 -4.61 -18.78 -4.54
N ASP D 31 -4.35 -20.08 -4.49
CA ASP D 31 -4.89 -21.02 -5.49
C ASP D 31 -6.37 -21.24 -5.07
N TYR D 32 -7.30 -20.58 -5.76
CA TYR D 32 -8.68 -20.65 -5.34
C TYR D 32 -9.32 -22.00 -5.61
N VAL D 33 -8.92 -22.69 -6.67
CA VAL D 33 -9.39 -24.08 -6.85
C VAL D 33 -9.08 -24.98 -5.62
N ARG D 34 -7.83 -24.96 -5.23
CA ARG D 34 -7.40 -25.72 -4.06
C ARG D 34 -8.12 -25.32 -2.74
N THR D 35 -8.07 -24.07 -2.40
CA THR D 35 -8.61 -23.64 -1.10
C THR D 35 -10.14 -23.74 -1.07
N GLY D 36 -10.79 -23.27 -2.15
CA GLY D 36 -12.25 -23.27 -2.19
C GLY D 36 -12.77 -24.73 -2.26
N THR D 37 -12.09 -25.62 -2.96
CA THR D 37 -12.53 -26.99 -3.02
C THR D 37 -12.41 -27.70 -1.64
N TYR D 38 -11.31 -27.49 -0.95
CA TYR D 38 -11.15 -28.05 0.38
C TYR D 38 -12.24 -27.52 1.32
N GLN D 39 -12.51 -26.19 1.30
CA GLN D 39 -13.51 -25.64 2.13
C GLN D 39 -14.87 -26.22 1.83
N ARG D 40 -15.17 -26.31 0.54
CA ARG D 40 -16.50 -26.78 0.13
C ARG D 40 -16.65 -28.27 0.52
N ALA D 41 -15.60 -29.09 0.34
CA ALA D 41 -15.74 -30.52 0.65
C ALA D 41 -15.95 -30.69 2.16
N ILE D 42 -15.29 -29.87 2.99
CA ILE D 42 -15.47 -30.02 4.43
C ILE D 42 -16.86 -29.47 4.93
N LEU D 43 -17.20 -28.24 4.49
CA LEU D 43 -18.42 -27.61 4.91
C LEU D 43 -19.69 -28.32 4.41
N GLN D 44 -19.68 -28.76 3.14
CA GLN D 44 -20.83 -29.47 2.63
C GLN D 44 -21.02 -30.88 3.21
N ASN D 45 -20.02 -31.41 3.91
CA ASN D 45 -20.13 -32.69 4.57
C ASN D 45 -20.08 -32.50 6.11
N HIS D 46 -20.82 -31.54 6.59
CA HIS D 46 -20.74 -31.13 8.00
C HIS D 46 -21.03 -32.24 8.99
N THR D 47 -21.86 -33.20 8.62
CA THR D 47 -22.13 -34.33 9.54
C THR D 47 -20.88 -35.21 9.70
N ASP D 48 -19.94 -35.17 8.77
CA ASP D 48 -18.64 -35.86 8.98
C ASP D 48 -17.70 -35.13 9.97
N PHE D 49 -18.02 -33.88 10.34
CA PHE D 49 -17.19 -33.14 11.26
C PHE D 49 -17.85 -32.68 12.56
N LYS D 50 -19.18 -32.61 12.57
CA LYS D 50 -19.92 -32.04 13.71
C LYS D 50 -19.65 -32.90 14.94
N ASP D 51 -19.12 -32.26 15.98
CA ASP D 51 -18.74 -32.94 17.28
C ASP D 51 -17.81 -34.13 17.10
N LYS D 52 -16.97 -34.08 16.08
CA LYS D 52 -16.02 -35.17 15.79
C LYS D 52 -14.59 -34.78 16.22
N ILE D 53 -13.76 -35.81 16.28
CA ILE D 53 -12.33 -35.64 16.48
C ILE D 53 -11.65 -35.75 15.09
N VAL D 54 -10.82 -34.76 14.78
CA VAL D 54 -10.15 -34.68 13.51
C VAL D 54 -8.65 -34.59 13.72
N LEU D 55 -7.90 -35.22 12.79
CA LEU D 55 -6.47 -35.04 12.75
C LEU D 55 -6.11 -34.34 11.40
N ASP D 56 -5.31 -33.29 11.45
CA ASP D 56 -4.87 -32.55 10.27
C ASP D 56 -3.34 -32.82 10.09
N VAL D 57 -3.01 -33.54 9.04
CA VAL D 57 -1.62 -34.01 8.89
C VAL D 57 -0.88 -33.05 7.97
N GLY D 58 0.09 -32.37 8.53
CA GLY D 58 0.81 -31.34 7.81
C GLY D 58 -0.06 -30.10 7.66
N CYS D 59 -0.37 -29.48 8.77
CA CYS D 59 -1.41 -28.44 8.80
C CYS D 59 -0.95 -27.11 8.21
N GLY D 60 0.36 -26.93 8.09
CA GLY D 60 0.87 -25.68 7.54
C GLY D 60 0.34 -24.48 8.34
N SER D 61 -0.30 -23.54 7.65
CA SER D 61 -0.86 -22.33 8.33
C SER D 61 -2.05 -22.70 9.25
N GLY D 62 -2.68 -23.84 9.03
CA GLY D 62 -3.82 -24.20 9.81
C GLY D 62 -5.16 -24.15 9.06
N ILE D 63 -5.16 -23.75 7.82
CA ILE D 63 -6.38 -23.38 7.14
C ILE D 63 -7.43 -24.53 7.13
N LEU D 64 -6.98 -25.78 6.93
CA LEU D 64 -7.95 -26.87 6.90
C LEU D 64 -8.51 -27.15 8.29
N SER D 65 -7.70 -26.92 9.34
CA SER D 65 -8.23 -27.06 10.70
C SER D 65 -9.29 -26.03 10.96
N PHE D 66 -9.09 -24.83 10.43
CA PHE D 66 -10.15 -23.75 10.57
C PHE D 66 -11.40 -24.15 9.82
N PHE D 67 -11.24 -24.80 8.66
CA PHE D 67 -12.42 -25.31 7.94
C PHE D 67 -13.15 -26.35 8.75
N ALA D 68 -12.40 -27.24 9.38
CA ALA D 68 -13.00 -28.30 10.22
C ALA D 68 -13.73 -27.61 11.43
N ALA D 69 -13.14 -26.56 12.00
CA ALA D 69 -13.76 -25.81 13.04
C ALA D 69 -15.08 -25.11 12.58
N GLN D 70 -15.07 -24.57 11.39
CA GLN D 70 -16.29 -23.98 10.81
C GLN D 70 -17.40 -25.01 10.68
N ALA D 71 -17.08 -26.26 10.43
CA ALA D 71 -18.01 -27.32 10.26
C ALA D 71 -18.40 -27.97 11.56
N GLY D 72 -17.84 -27.54 12.70
CA GLY D 72 -18.33 -28.03 13.99
C GLY D 72 -17.55 -29.07 14.72
N ALA D 73 -16.29 -29.28 14.36
CA ALA D 73 -15.47 -30.31 15.01
C ALA D 73 -15.35 -30.00 16.52
N ARG D 74 -15.35 -31.02 17.34
CA ARG D 74 -15.18 -30.89 18.75
C ARG D 74 -13.68 -30.69 19.09
N LYS D 75 -12.75 -31.39 18.42
CA LYS D 75 -11.38 -31.31 18.73
C LYS D 75 -10.58 -31.61 17.44
N ILE D 76 -9.62 -30.75 17.13
CA ILE D 76 -8.81 -30.86 15.93
C ILE D 76 -7.31 -30.82 16.35
N TYR D 77 -6.59 -31.89 16.12
CA TYR D 77 -5.18 -31.96 16.30
C TYR D 77 -4.45 -31.64 14.98
N ALA D 78 -3.66 -30.61 14.98
CA ALA D 78 -3.00 -30.12 13.79
C ALA D 78 -1.50 -30.34 13.94
N VAL D 79 -0.96 -31.32 13.18
CA VAL D 79 0.46 -31.72 13.28
C VAL D 79 1.26 -31.06 12.18
N GLU D 80 2.37 -30.43 12.55
CA GLU D 80 3.17 -29.72 11.53
C GLU D 80 4.65 -29.72 11.89
N ALA D 81 5.49 -30.07 10.91
CA ALA D 81 6.90 -30.36 11.17
C ALA D 81 7.82 -29.17 10.91
N SER D 82 7.38 -28.21 10.11
CA SER D 82 8.20 -27.02 9.88
C SER D 82 7.91 -25.95 10.91
N THR D 83 8.67 -24.87 10.86
CA THR D 83 8.47 -23.68 11.71
C THR D 83 7.15 -22.95 11.47
N MET D 84 6.46 -23.30 10.38
CA MET D 84 5.09 -22.87 10.17
C MET D 84 4.18 -23.20 11.33
N ALA D 85 4.49 -24.25 12.06
CA ALA D 85 3.68 -24.60 13.27
C ALA D 85 3.56 -23.47 14.27
N GLN D 86 4.61 -22.72 14.42
CA GLN D 86 4.64 -21.55 15.35
C GLN D 86 3.66 -20.44 14.85
N HIS D 87 3.60 -20.21 13.54
CA HIS D 87 2.63 -19.29 13.00
C HIS D 87 1.23 -19.89 13.15
N ALA D 88 1.08 -21.21 12.96
CA ALA D 88 -0.23 -21.83 13.12
C ALA D 88 -0.77 -21.57 14.55
N GLU D 89 0.08 -21.71 15.54
CA GLU D 89 -0.33 -21.52 16.93
C GLU D 89 -0.84 -20.03 17.08
N VAL D 90 -0.11 -19.07 16.49
CA VAL D 90 -0.53 -17.70 16.61
C VAL D 90 -1.98 -17.50 16.05
N LEU D 91 -2.26 -18.13 14.89
CA LEU D 91 -3.57 -18.05 14.31
C LEU D 91 -4.63 -18.74 15.15
N VAL D 92 -4.29 -19.85 15.80
CA VAL D 92 -5.26 -20.52 16.63
C VAL D 92 -5.64 -19.57 17.79
N LYS D 93 -4.70 -18.82 18.33
CA LYS D 93 -5.00 -17.95 19.44
C LYS D 93 -5.80 -16.74 18.98
N SER D 94 -5.39 -16.12 17.87
CA SER D 94 -6.07 -14.91 17.42
C SER D 94 -7.46 -15.22 16.89
N ASN D 95 -7.78 -16.46 16.49
CA ASN D 95 -9.11 -16.80 16.07
C ASN D 95 -9.94 -17.46 17.20
N ASN D 96 -9.44 -17.41 18.42
CA ASN D 96 -10.17 -17.90 19.61
C ASN D 96 -10.60 -19.38 19.56
N LEU D 97 -9.69 -20.21 19.15
CA LEU D 97 -9.94 -21.67 19.00
C LEU D 97 -8.96 -22.50 19.78
N THR D 98 -8.34 -21.95 20.82
CA THR D 98 -7.32 -22.69 21.59
C THR D 98 -7.92 -23.89 22.30
N ASP D 99 -9.25 -23.79 22.62
CA ASP D 99 -9.99 -24.87 23.24
C ASP D 99 -10.36 -25.99 22.30
N ARG D 100 -10.22 -25.82 20.99
CA ARG D 100 -10.63 -26.81 20.00
C ARG D 100 -9.54 -27.31 19.06
N ILE D 101 -8.56 -26.47 18.75
CA ILE D 101 -7.48 -26.79 17.87
C ILE D 101 -6.19 -26.84 18.69
N VAL D 102 -5.53 -28.00 18.67
CA VAL D 102 -4.27 -28.20 19.33
C VAL D 102 -3.19 -28.41 18.27
N VAL D 103 -2.32 -27.46 18.12
CA VAL D 103 -1.17 -27.55 17.26
C VAL D 103 -0.11 -28.38 17.95
N ILE D 104 0.40 -29.37 17.25
CA ILE D 104 1.47 -30.26 17.72
C ILE D 104 2.62 -30.13 16.72
N PRO D 105 3.70 -29.49 17.12
CA PRO D 105 4.89 -29.42 16.26
C PRO D 105 5.65 -30.73 16.18
N GLY D 106 6.10 -31.07 14.99
CA GLY D 106 6.91 -32.28 14.78
C GLY D 106 6.31 -33.09 13.60
N LYS D 107 6.98 -34.18 13.32
CA LYS D 107 6.57 -35.09 12.25
C LYS D 107 5.50 -36.05 12.72
N VAL D 108 4.53 -36.32 11.88
CA VAL D 108 3.36 -37.17 12.28
C VAL D 108 3.83 -38.60 12.64
N GLU D 109 4.97 -38.99 12.09
CA GLU D 109 5.59 -40.27 12.42
C GLU D 109 6.26 -40.29 13.80
N GLU D 110 6.49 -39.14 14.40
CA GLU D 110 7.25 -39.00 15.65
C GLU D 110 6.44 -38.48 16.85
N VAL D 111 5.37 -37.76 16.64
CA VAL D 111 4.63 -37.13 17.73
C VAL D 111 3.72 -38.19 18.35
N SER D 112 3.12 -37.85 19.48
CA SER D 112 2.14 -38.68 20.15
C SER D 112 0.76 -37.94 20.13
N LEU D 113 -0.28 -38.64 19.74
CA LEU D 113 -1.62 -38.08 19.85
C LEU D 113 -2.34 -38.58 21.07
N PRO D 114 -3.13 -37.71 21.74
CA PRO D 114 -3.77 -38.19 22.98
C PRO D 114 -4.95 -39.12 22.74
N GLU D 115 -5.56 -39.13 21.57
CA GLU D 115 -6.71 -40.03 21.37
C GLU D 115 -6.83 -40.38 19.87
N GLN D 116 -7.68 -41.33 19.56
CA GLN D 116 -7.99 -41.70 18.23
C GLN D 116 -8.99 -40.75 17.61
N VAL D 117 -8.98 -40.64 16.26
CA VAL D 117 -9.75 -39.63 15.59
C VAL D 117 -10.85 -40.24 14.75
N ASP D 118 -11.86 -39.45 14.47
CA ASP D 118 -12.95 -39.90 13.59
C ASP D 118 -12.59 -39.67 12.12
N ILE D 119 -11.76 -38.72 11.80
CA ILE D 119 -11.52 -38.35 10.42
C ILE D 119 -10.15 -37.64 10.31
N ILE D 120 -9.44 -37.96 9.24
CA ILE D 120 -8.13 -37.40 8.98
C ILE D 120 -8.29 -36.50 7.75
N ILE D 121 -7.73 -35.29 7.81
CA ILE D 121 -7.71 -34.40 6.67
C ILE D 121 -6.26 -34.03 6.37
N SER D 122 -5.96 -33.83 5.08
CA SER D 122 -4.66 -33.39 4.70
C SER D 122 -4.62 -32.94 3.27
N GLU D 123 -3.50 -32.30 2.91
CA GLU D 123 -3.19 -31.99 1.52
C GLU D 123 -1.79 -32.59 1.17
N PRO D 124 -1.71 -33.92 1.06
CA PRO D 124 -0.46 -34.56 0.79
C PRO D 124 0.00 -34.68 -0.69
N MET D 125 -0.69 -34.04 -1.60
CA MET D 125 -0.44 -34.22 -3.03
C MET D 125 0.75 -33.29 -3.45
N GLY D 126 1.74 -33.87 -4.09
CA GLY D 126 2.76 -33.10 -4.81
C GLY D 126 2.56 -33.16 -6.31
N TYR D 127 3.57 -32.66 -7.05
CA TYR D 127 3.44 -32.77 -8.56
C TYR D 127 3.30 -34.28 -8.90
N MET D 128 2.45 -34.56 -9.88
CA MET D 128 2.21 -35.93 -10.33
C MET D 128 1.60 -36.74 -9.19
N LEU D 129 0.99 -36.06 -8.22
CA LEU D 129 0.44 -36.67 -7.01
C LEU D 129 1.53 -37.08 -6.02
N PHE D 130 2.51 -37.95 -6.48
CA PHE D 130 3.32 -38.65 -5.53
C PHE D 130 4.59 -37.87 -5.09
N ASN D 131 5.01 -36.86 -5.80
CA ASN D 131 6.22 -36.14 -5.45
C ASN D 131 6.16 -35.60 -4.00
N GLU D 132 7.35 -35.62 -3.34
CA GLU D 132 7.50 -35.20 -1.96
C GLU D 132 7.22 -36.35 -0.96
N ARG D 133 6.58 -37.40 -1.42
CA ARG D 133 6.35 -38.60 -0.64
C ARG D 133 5.50 -38.34 0.66
N MET D 134 4.66 -37.36 0.59
CA MET D 134 3.85 -37.04 1.72
C MET D 134 2.63 -37.95 1.86
N LEU D 135 2.18 -38.56 0.78
CA LEU D 135 1.10 -39.55 0.89
C LEU D 135 1.44 -40.65 1.92
N GLU D 136 2.72 -41.02 2.03
CA GLU D 136 3.09 -42.03 2.97
C GLU D 136 2.88 -41.54 4.44
N SER D 137 3.15 -40.26 4.73
CA SER D 137 2.80 -39.71 6.03
C SER D 137 1.30 -39.74 6.26
N TYR D 138 0.56 -39.44 5.20
CA TYR D 138 -0.89 -39.50 5.27
C TYR D 138 -1.37 -40.84 5.67
N LEU D 139 -0.85 -41.87 4.99
CA LEU D 139 -1.26 -43.25 5.26
C LEU D 139 -0.76 -43.68 6.63
N HIS D 140 0.46 -43.29 7.00
CA HIS D 140 0.99 -43.62 8.31
C HIS D 140 0.04 -43.14 9.40
N ALA D 141 -0.58 -41.95 9.21
CA ALA D 141 -1.47 -41.39 10.25
C ALA D 141 -2.73 -42.25 10.48
N LYS D 142 -3.03 -43.23 9.60
CA LYS D 142 -4.11 -44.19 9.91
C LYS D 142 -3.89 -45.02 11.18
N LYS D 143 -2.68 -45.06 11.74
CA LYS D 143 -2.54 -45.58 13.07
C LYS D 143 -3.40 -44.89 14.12
N TYR D 144 -3.78 -43.65 13.87
CA TYR D 144 -4.61 -42.85 14.81
C TYR D 144 -6.09 -42.88 14.44
N LEU D 145 -6.47 -43.57 13.37
CA LEU D 145 -7.84 -43.58 12.91
C LEU D 145 -8.69 -44.63 13.60
N LYS D 146 -9.85 -44.24 14.08
CA LYS D 146 -10.84 -45.21 14.59
C LYS D 146 -11.32 -46.13 13.49
N PRO D 147 -11.75 -47.36 13.85
CA PRO D 147 -12.37 -48.23 12.84
C PRO D 147 -13.57 -47.53 12.16
N SER D 148 -13.66 -47.61 10.87
CA SER D 148 -14.71 -46.89 10.16
C SER D 148 -14.53 -45.36 10.17
N GLY D 149 -13.37 -44.88 10.54
CA GLY D 149 -13.05 -43.47 10.34
C GLY D 149 -12.81 -43.16 8.88
N ASN D 150 -12.82 -41.87 8.56
CA ASN D 150 -12.76 -41.42 7.19
C ASN D 150 -11.43 -40.69 6.93
N MET D 151 -11.12 -40.56 5.64
CA MET D 151 -10.00 -39.80 5.11
C MET D 151 -10.46 -38.79 4.10
N PHE D 152 -9.93 -37.59 4.23
CA PHE D 152 -10.22 -36.41 3.33
C PHE D 152 -8.90 -35.81 2.88
N PRO D 153 -8.42 -36.11 1.68
CA PRO D 153 -9.10 -36.80 0.63
C PRO D 153 -9.22 -38.35 0.83
N THR D 154 -10.20 -38.92 0.15
CA THR D 154 -10.49 -40.31 0.31
C THR D 154 -9.80 -41.11 -0.75
N ILE D 155 -9.79 -40.62 -2.00
CA ILE D 155 -9.14 -41.42 -3.07
C ILE D 155 -8.32 -40.44 -3.93
N GLY D 156 -7.29 -41.01 -4.60
CA GLY D 156 -6.49 -40.32 -5.59
C GLY D 156 -6.43 -41.02 -6.91
N ASP D 157 -6.67 -40.32 -8.02
CA ASP D 157 -6.54 -40.84 -9.39
C ASP D 157 -5.41 -40.15 -10.08
N VAL D 158 -4.33 -40.90 -10.43
CA VAL D 158 -3.33 -40.40 -11.38
C VAL D 158 -3.76 -40.70 -12.82
N HIS D 159 -3.69 -39.72 -13.67
CA HIS D 159 -3.96 -39.89 -15.10
C HIS D 159 -2.64 -39.76 -15.91
N LEU D 160 -2.53 -40.63 -16.89
CA LEU D 160 -1.43 -40.67 -17.86
C LEU D 160 -2.05 -40.56 -19.26
N ALA D 161 -1.47 -39.76 -20.14
CA ALA D 161 -1.88 -39.74 -21.55
C ALA D 161 -0.66 -39.44 -22.45
N PRO D 162 -0.62 -40.01 -23.63
CA PRO D 162 0.46 -39.70 -24.56
C PRO D 162 0.22 -38.37 -25.22
N PHE D 163 1.31 -37.64 -25.48
CA PHE D 163 1.16 -36.29 -26.10
C PHE D 163 2.15 -36.15 -27.27
N THR D 164 1.85 -35.20 -28.11
CA THR D 164 2.76 -34.75 -29.17
C THR D 164 3.07 -33.25 -28.97
N ASP D 165 4.33 -32.90 -28.99
CA ASP D 165 4.75 -31.51 -28.81
C ASP D 165 6.16 -31.38 -29.39
N GLU D 166 6.18 -31.07 -30.66
CA GLU D 166 7.39 -31.05 -31.46
C GLU D 166 8.36 -29.93 -30.96
N GLN D 167 7.82 -28.78 -30.59
CA GLN D 167 8.62 -27.69 -30.08
C GLN D 167 9.30 -28.00 -28.78
N LEU D 168 8.58 -28.67 -27.88
CA LEU D 168 9.17 -29.09 -26.61
C LEU D 168 10.29 -30.07 -26.84
N TYR D 169 10.07 -31.06 -27.71
CA TYR D 169 11.06 -32.05 -28.00
C TYR D 169 12.35 -31.39 -28.58
N MET D 170 12.18 -30.46 -29.47
CA MET D 170 13.29 -29.82 -30.13
C MET D 170 14.05 -28.84 -29.21
N GLU D 171 13.34 -28.20 -28.29
CA GLU D 171 13.92 -27.30 -27.31
C GLU D 171 15.07 -27.97 -26.61
N GLN D 172 14.97 -29.25 -26.33
CA GLN D 172 16.03 -29.95 -25.59
C GLN D 172 17.37 -29.99 -26.37
N PHE D 173 17.26 -30.26 -27.67
CA PHE D 173 18.46 -30.26 -28.52
C PHE D 173 18.94 -28.87 -28.76
N THR D 174 18.09 -27.89 -28.94
CA THR D 174 18.52 -26.50 -29.10
C THR D 174 19.28 -26.02 -27.87
N LYS D 175 18.81 -26.41 -26.67
CA LYS D 175 19.53 -26.02 -25.47
C LYS D 175 20.86 -26.73 -25.42
N ALA D 176 20.89 -28.04 -25.69
CA ALA D 176 22.12 -28.76 -25.60
C ALA D 176 23.12 -28.35 -26.69
N ASN D 177 22.65 -27.83 -27.85
CA ASN D 177 23.56 -27.48 -28.90
C ASN D 177 24.42 -26.27 -28.64
N PHE D 178 24.21 -25.56 -27.55
CA PHE D 178 25.20 -24.60 -27.10
C PHE D 178 26.63 -25.25 -26.95
N TRP D 179 26.68 -26.51 -26.54
CA TRP D 179 27.96 -27.17 -26.42
C TRP D 179 28.58 -27.59 -27.72
N TYR D 180 27.76 -27.61 -28.80
CA TYR D 180 28.28 -28.10 -30.13
C TYR D 180 28.92 -26.89 -30.88
N GLN D 181 30.03 -26.44 -30.36
CA GLN D 181 30.81 -25.34 -30.76
C GLN D 181 32.31 -25.68 -30.68
N PRO D 182 33.05 -25.48 -31.79
CA PRO D 182 34.47 -25.90 -31.77
C PRO D 182 35.35 -24.75 -31.21
N SER D 183 34.82 -23.54 -31.03
CA SER D 183 35.73 -22.49 -30.52
C SER D 183 34.91 -21.43 -29.73
N PHE D 184 34.42 -21.86 -28.61
CA PHE D 184 33.85 -20.92 -27.62
C PHE D 184 35.00 -20.24 -26.92
N HIS D 185 35.29 -19.02 -27.27
CA HIS D 185 36.41 -18.25 -26.73
C HIS D 185 37.68 -19.10 -26.85
N GLY D 186 37.83 -19.80 -27.97
CA GLY D 186 39.04 -20.61 -28.10
C GLY D 186 38.91 -22.06 -27.62
N VAL D 187 37.81 -22.45 -27.05
CA VAL D 187 37.71 -23.77 -26.45
C VAL D 187 36.64 -24.60 -27.19
N ASP D 188 36.98 -25.85 -27.47
CA ASP D 188 36.09 -26.76 -28.15
C ASP D 188 35.24 -27.47 -27.06
N LEU D 189 33.93 -27.18 -27.05
CA LEU D 189 33.03 -27.68 -26.07
C LEU D 189 32.28 -28.96 -26.49
N SER D 190 32.45 -29.40 -27.73
CA SER D 190 31.57 -30.35 -28.31
C SER D 190 31.47 -31.67 -27.63
N ALA D 191 32.54 -32.09 -26.93
CA ALA D 191 32.53 -33.38 -26.26
C ALA D 191 31.53 -33.46 -25.14
N LEU D 192 30.95 -32.36 -24.69
CA LEU D 192 29.93 -32.38 -23.64
C LEU D 192 28.50 -32.30 -24.14
N ARG D 193 28.32 -32.21 -25.46
CA ARG D 193 26.96 -32.07 -25.96
C ARG D 193 26.04 -33.27 -25.55
N GLY D 194 26.56 -34.47 -25.68
CA GLY D 194 25.78 -35.64 -25.32
C GLY D 194 25.36 -35.65 -23.86
N ALA D 195 26.30 -35.26 -22.99
CA ALA D 195 25.97 -35.22 -21.58
C ALA D 195 24.90 -34.20 -21.32
N ALA D 196 24.98 -33.04 -22.00
CA ALA D 196 23.95 -32.02 -21.77
C ALA D 196 22.57 -32.55 -22.20
N VAL D 197 22.53 -33.26 -23.34
CA VAL D 197 21.26 -33.78 -23.80
C VAL D 197 20.68 -34.74 -22.74
N ASP D 198 21.50 -35.68 -22.27
CA ASP D 198 21.06 -36.61 -21.27
C ASP D 198 20.51 -35.86 -20.02
N GLU D 199 21.22 -34.84 -19.61
CA GLU D 199 20.79 -34.09 -18.44
C GLU D 199 19.38 -33.50 -18.67
N TYR D 200 19.12 -32.96 -19.84
CA TYR D 200 17.82 -32.29 -20.02
C TYR D 200 16.67 -33.34 -20.09
N PHE D 201 16.93 -34.53 -20.58
CA PHE D 201 15.89 -35.49 -20.69
C PHE D 201 15.57 -36.21 -19.38
N ARG D 202 16.40 -36.14 -18.38
CA ARG D 202 16.04 -36.72 -17.06
C ARG D 202 15.04 -35.77 -16.27
N GLN D 203 14.75 -34.59 -16.81
CA GLN D 203 13.95 -33.65 -16.07
C GLN D 203 12.48 -33.69 -16.50
N PRO D 204 11.56 -34.08 -15.67
CA PRO D 204 10.14 -33.94 -16.06
C PRO D 204 9.83 -32.40 -16.13
N VAL D 205 8.90 -32.07 -16.98
CA VAL D 205 8.66 -30.69 -17.34
C VAL D 205 7.30 -30.27 -16.67
N VAL D 206 7.39 -29.30 -15.78
CA VAL D 206 6.21 -28.86 -15.03
C VAL D 206 5.68 -27.59 -15.71
N ASP D 207 4.50 -27.72 -16.29
CA ASP D 207 3.81 -26.64 -16.88
C ASP D 207 2.44 -27.08 -17.39
N THR D 208 1.77 -26.15 -18.07
CA THR D 208 0.49 -26.50 -18.66
C THR D 208 0.61 -26.60 -20.18
N PHE D 209 -0.46 -27.04 -20.82
CA PHE D 209 -0.52 -27.26 -22.24
C PHE D 209 -1.95 -27.26 -22.72
N ASP D 210 -2.15 -26.95 -23.98
CA ASP D 210 -3.41 -27.15 -24.66
C ASP D 210 -3.76 -28.65 -24.75
N ILE D 211 -5.02 -28.96 -24.54
CA ILE D 211 -5.48 -30.36 -24.58
C ILE D 211 -5.44 -31.00 -25.96
N ARG D 212 -5.26 -30.18 -27.00
CA ARG D 212 -5.12 -30.66 -28.36
C ARG D 212 -3.87 -31.50 -28.56
N ILE D 213 -2.87 -31.37 -27.69
CA ILE D 213 -1.67 -32.22 -27.85
C ILE D 213 -1.84 -33.65 -27.36
N LEU D 214 -2.90 -33.94 -26.59
CA LEU D 214 -3.14 -35.30 -26.08
C LEU D 214 -3.69 -36.16 -27.17
N MET D 215 -3.14 -37.36 -27.30
CA MET D 215 -3.43 -38.23 -28.44
C MET D 215 -4.23 -39.45 -28.11
N ALA D 216 -4.67 -39.57 -26.85
CA ALA D 216 -5.48 -40.67 -26.41
C ALA D 216 -6.14 -40.35 -25.14
N LYS D 217 -7.15 -41.10 -24.78
CA LYS D 217 -7.77 -40.93 -23.53
C LYS D 217 -6.75 -41.36 -22.44
N SER D 218 -6.91 -40.76 -21.27
CA SER D 218 -5.96 -41.04 -20.20
C SER D 218 -6.21 -42.42 -19.64
N VAL D 219 -5.20 -43.10 -19.20
CA VAL D 219 -5.32 -44.28 -18.39
C VAL D 219 -5.23 -43.78 -16.93
N LYS D 220 -6.04 -44.43 -16.07
CA LYS D 220 -6.17 -44.00 -14.67
C LYS D 220 -5.61 -45.02 -13.71
N TYR D 221 -4.88 -44.56 -12.71
CA TYR D 221 -4.34 -45.44 -11.68
C TYR D 221 -4.80 -44.89 -10.29
N THR D 222 -5.52 -45.75 -9.55
CA THR D 222 -6.24 -45.27 -8.39
C THR D 222 -5.63 -45.78 -7.11
N VAL D 223 -5.41 -44.88 -6.17
CA VAL D 223 -4.98 -45.24 -4.82
C VAL D 223 -6.17 -44.92 -3.89
N ASN D 224 -6.65 -45.89 -3.17
CA ASN D 224 -7.71 -45.76 -2.24
C ASN D 224 -7.05 -45.52 -0.84
N PHE D 225 -7.11 -44.29 -0.34
CA PHE D 225 -6.39 -43.97 0.86
C PHE D 225 -6.97 -44.64 2.13
N LEU D 226 -8.23 -45.07 2.08
CA LEU D 226 -8.79 -45.83 3.19
C LEU D 226 -8.18 -47.26 3.34
N GLU D 227 -7.64 -47.80 2.27
CA GLU D 227 -7.22 -49.18 2.20
C GLU D 227 -5.74 -49.39 1.86
N ALA D 228 -5.00 -48.36 1.47
CA ALA D 228 -3.62 -48.45 1.15
C ALA D 228 -2.75 -48.52 2.41
N LYS D 229 -1.59 -49.27 2.32
CA LYS D 229 -0.55 -49.24 3.30
C LYS D 229 0.56 -48.24 2.81
N GLU D 230 1.38 -47.73 3.70
CA GLU D 230 2.55 -46.96 3.27
C GLU D 230 3.37 -47.72 2.22
N GLY D 231 3.53 -49.05 2.42
CA GLY D 231 4.42 -49.78 1.51
C GLY D 231 3.88 -49.87 0.14
N ASP D 232 2.58 -49.62 -0.06
CA ASP D 232 2.02 -49.60 -1.43
C ASP D 232 2.65 -48.53 -2.30
N LEU D 233 3.21 -47.48 -1.67
CA LEU D 233 3.75 -46.37 -2.41
C LEU D 233 5.25 -46.44 -2.69
N HIS D 234 5.94 -47.47 -2.22
CA HIS D 234 7.42 -47.54 -2.43
C HIS D 234 7.77 -47.88 -3.88
N ARG D 235 6.92 -48.63 -4.52
CA ARG D 235 7.06 -49.10 -5.90
C ARG D 235 5.67 -49.00 -6.52
N ILE D 236 5.51 -48.05 -7.43
CA ILE D 236 4.24 -47.77 -8.06
C ILE D 236 4.34 -48.11 -9.55
N GLU D 237 3.65 -49.20 -9.95
CA GLU D 237 3.70 -49.75 -11.28
C GLU D 237 2.42 -49.49 -12.00
N ILE D 238 2.49 -48.73 -13.09
CA ILE D 238 1.28 -48.21 -13.79
C ILE D 238 1.40 -48.74 -15.22
N PRO D 239 0.71 -49.88 -15.49
CA PRO D 239 0.66 -50.37 -16.85
C PRO D 239 -0.29 -49.51 -17.65
N PHE D 240 -0.05 -49.47 -18.97
CA PHE D 240 -0.94 -48.76 -19.85
C PHE D 240 -1.03 -49.44 -21.18
N LYS D 241 -2.20 -49.33 -21.76
CA LYS D 241 -2.45 -49.63 -23.19
C LYS D 241 -3.32 -48.49 -23.71
N PHE D 242 -2.73 -47.61 -24.48
CA PHE D 242 -3.47 -46.49 -25.04
C PHE D 242 -4.02 -46.85 -26.39
N HIS D 243 -5.30 -46.43 -26.59
CA HIS D 243 -5.93 -46.58 -27.90
C HIS D 243 -5.83 -45.18 -28.55
N MET D 244 -5.02 -45.08 -29.60
CA MET D 244 -4.71 -43.85 -30.22
C MET D 244 -5.97 -43.24 -30.88
N LEU D 245 -6.29 -41.99 -30.53
CA LEU D 245 -7.39 -41.27 -31.12
C LEU D 245 -6.94 -40.40 -32.31
N HIS D 246 -5.66 -40.13 -32.45
CA HIS D 246 -5.06 -39.31 -33.49
C HIS D 246 -3.76 -39.93 -33.92
N SER D 247 -3.43 -39.72 -35.18
CA SER D 247 -2.21 -40.17 -35.78
C SER D 247 -1.14 -39.11 -35.63
N GLY D 248 0.07 -39.47 -35.38
CA GLY D 248 1.17 -38.58 -35.23
C GLY D 248 2.33 -39.14 -34.40
N LEU D 249 3.30 -38.29 -34.14
CA LEU D 249 4.45 -38.64 -33.37
C LEU D 249 4.20 -38.41 -31.87
N VAL D 250 4.42 -39.45 -31.07
CA VAL D 250 4.29 -39.39 -29.63
C VAL D 250 5.63 -39.03 -29.04
N HIS D 251 5.67 -37.88 -28.37
CA HIS D 251 6.89 -37.37 -27.72
C HIS D 251 7.05 -37.77 -26.28
N GLY D 252 5.96 -38.21 -25.65
CA GLY D 252 6.07 -38.58 -24.24
C GLY D 252 4.75 -38.76 -23.58
N LEU D 253 4.79 -38.82 -22.26
CA LEU D 253 3.58 -39.00 -21.45
C LEU D 253 3.31 -37.77 -20.58
N ALA D 254 2.08 -37.44 -20.49
CA ALA D 254 1.55 -36.29 -19.63
C ALA D 254 0.83 -36.85 -18.44
N PHE D 255 1.06 -36.22 -17.30
CA PHE D 255 0.56 -36.65 -15.98
C PHE D 255 -0.25 -35.59 -15.34
N TRP D 256 -1.42 -35.98 -14.81
CA TRP D 256 -2.14 -35.16 -13.85
C TRP D 256 -2.84 -35.98 -12.84
N PHE D 257 -3.56 -35.36 -11.91
CA PHE D 257 -4.28 -36.12 -10.87
C PHE D 257 -5.55 -35.44 -10.39
N ASP D 258 -6.50 -36.26 -9.95
CA ASP D 258 -7.69 -35.80 -9.25
C ASP D 258 -7.69 -36.47 -7.86
N VAL D 259 -8.26 -35.78 -6.88
CA VAL D 259 -8.59 -36.41 -5.60
C VAL D 259 -10.07 -36.22 -5.33
N ALA D 260 -10.63 -37.14 -4.54
CA ALA D 260 -12.01 -37.13 -4.17
C ALA D 260 -12.14 -37.18 -2.65
N PHE D 261 -13.01 -36.26 -2.14
CA PHE D 261 -13.46 -36.20 -0.74
C PHE D 261 -14.83 -36.86 -0.75
N ILE D 262 -14.89 -38.14 -0.35
CA ILE D 262 -16.09 -38.90 -0.35
C ILE D 262 -16.73 -38.78 1.05
N GLY D 263 -17.69 -37.85 1.18
CA GLY D 263 -18.37 -37.62 2.42
C GLY D 263 -19.73 -38.30 2.50
N SER D 264 -20.34 -38.22 3.68
CA SER D 264 -21.68 -38.77 3.87
C SER D 264 -22.75 -38.05 3.11
N ILE D 265 -22.59 -36.77 2.80
CA ILE D 265 -23.60 -36.02 2.06
C ILE D 265 -23.28 -36.04 0.59
N MET D 266 -22.02 -35.84 0.23
CA MET D 266 -21.67 -35.72 -1.19
C MET D 266 -20.17 -36.02 -1.38
N THR D 267 -19.83 -36.32 -2.60
CA THR D 267 -18.47 -36.46 -3.03
C THR D 267 -18.04 -35.22 -3.74
N VAL D 268 -16.93 -34.61 -3.31
CA VAL D 268 -16.41 -33.43 -3.95
C VAL D 268 -15.05 -33.79 -4.58
N TRP D 269 -14.85 -33.38 -5.80
CA TRP D 269 -13.66 -33.62 -6.59
C TRP D 269 -12.81 -32.39 -6.71
N LEU D 270 -11.49 -32.52 -6.51
CA LEU D 270 -10.48 -31.51 -6.83
C LEU D 270 -9.62 -32.12 -7.98
N SER D 271 -9.66 -31.51 -9.13
CA SER D 271 -9.00 -31.95 -10.33
C SER D 271 -7.84 -31.02 -10.79
N THR D 272 -6.70 -31.58 -11.18
CA THR D 272 -5.65 -30.80 -11.78
C THR D 272 -5.51 -31.09 -13.32
N ALA D 273 -6.53 -31.56 -13.92
CA ALA D 273 -6.50 -31.93 -15.32
C ALA D 273 -6.36 -30.67 -16.21
N PRO D 274 -5.75 -30.85 -17.42
CA PRO D 274 -5.63 -29.77 -18.33
C PRO D 274 -6.98 -29.25 -18.92
N THR D 275 -8.04 -30.01 -18.76
CA THR D 275 -9.39 -29.56 -19.14
C THR D 275 -10.04 -28.67 -18.06
N GLU D 276 -9.39 -28.45 -16.93
CA GLU D 276 -9.96 -27.79 -15.78
C GLU D 276 -9.12 -26.51 -15.51
N PRO D 277 -9.73 -25.50 -14.84
CA PRO D 277 -8.85 -24.37 -14.44
C PRO D 277 -7.48 -24.89 -13.79
N LEU D 278 -6.47 -24.13 -14.07
CA LEU D 278 -5.10 -24.35 -13.72
C LEU D 278 -4.94 -24.21 -12.18
N THR D 279 -4.14 -25.10 -11.62
CA THR D 279 -3.81 -25.03 -10.17
C THR D 279 -2.28 -24.93 -10.05
N HIS D 280 -1.80 -24.66 -8.84
CA HIS D 280 -0.36 -24.59 -8.62
CA HIS D 280 -0.34 -24.57 -8.65
C HIS D 280 0.38 -25.93 -8.79
N TRP D 281 -0.39 -27.00 -9.02
CA TRP D 281 0.22 -28.33 -9.42
C TRP D 281 0.53 -28.41 -10.91
N TYR D 282 -0.07 -27.48 -11.72
CA TYR D 282 0.01 -27.52 -13.19
C TYR D 282 -0.20 -28.91 -13.70
N GLN D 283 0.61 -29.33 -14.66
CA GLN D 283 0.67 -30.70 -15.11
C GLN D 283 2.15 -31.04 -15.27
N VAL D 284 2.43 -32.35 -15.51
CA VAL D 284 3.78 -32.78 -15.66
C VAL D 284 3.93 -33.56 -16.96
N ARG D 285 5.01 -33.31 -17.71
CA ARG D 285 5.31 -34.12 -18.90
C ARG D 285 6.65 -34.73 -18.85
N CYS D 286 6.74 -36.02 -19.17
CA CYS D 286 8.01 -36.78 -19.28
C CYS D 286 8.20 -37.16 -20.73
N LEU D 287 9.28 -36.74 -21.33
CA LEU D 287 9.60 -37.03 -22.75
C LEU D 287 10.17 -38.47 -22.93
N PHE D 288 9.86 -39.08 -24.02
CA PHE D 288 10.62 -40.26 -24.52
C PHE D 288 11.91 -39.74 -25.19
N GLN D 289 12.91 -40.56 -25.13
CA GLN D 289 14.19 -40.22 -25.79
C GLN D 289 14.06 -40.16 -27.31
N SER D 290 13.18 -40.93 -27.88
CA SER D 290 12.88 -40.94 -29.28
C SER D 290 11.39 -40.97 -29.46
N PRO D 291 10.87 -40.14 -30.38
CA PRO D 291 9.43 -40.20 -30.62
C PRO D 291 8.98 -41.46 -31.25
N LEU D 292 7.72 -41.81 -31.10
CA LEU D 292 7.14 -43.00 -31.66
C LEU D 292 6.04 -42.64 -32.59
N PHE D 293 6.03 -43.09 -33.84
CA PHE D 293 4.90 -42.84 -34.71
C PHE D 293 3.76 -43.80 -34.37
N ALA D 294 2.56 -43.29 -34.33
CA ALA D 294 1.39 -44.09 -34.13
C ALA D 294 0.22 -43.59 -34.98
N LYS D 295 -0.53 -44.56 -35.54
CA LYS D 295 -1.71 -44.26 -36.31
C LYS D 295 -2.94 -44.33 -35.42
N ALA D 296 -3.97 -43.59 -35.76
CA ALA D 296 -5.23 -43.66 -35.01
C ALA D 296 -5.73 -45.10 -35.05
N GLY D 297 -6.16 -45.60 -33.90
CA GLY D 297 -6.56 -47.01 -33.78
C GLY D 297 -5.45 -47.98 -33.33
N ASP D 298 -4.18 -47.64 -33.49
CA ASP D 298 -3.10 -48.42 -32.91
C ASP D 298 -3.15 -48.39 -31.36
N THR D 299 -2.38 -49.27 -30.76
CA THR D 299 -2.23 -49.34 -29.33
C THR D 299 -0.76 -49.04 -28.98
N LEU D 300 -0.59 -48.11 -28.03
CA LEU D 300 0.70 -47.86 -27.44
C LEU D 300 0.71 -48.38 -26.01
N SER D 301 1.51 -49.37 -25.72
CA SER D 301 1.49 -50.07 -24.46
C SER D 301 2.83 -49.98 -23.74
N GLY D 302 2.81 -50.13 -22.43
CA GLY D 302 4.01 -50.15 -21.67
C GLY D 302 3.73 -49.93 -20.21
N THR D 303 4.75 -49.44 -19.50
CA THR D 303 4.71 -49.31 -18.06
C THR D 303 5.39 -48.02 -17.68
N CYS D 304 4.81 -47.39 -16.66
CA CYS D 304 5.50 -46.29 -15.96
C CYS D 304 5.73 -46.84 -14.53
N LEU D 305 7.00 -46.94 -14.15
CA LEU D 305 7.38 -47.49 -12.85
C LEU D 305 8.01 -46.37 -12.02
N LEU D 306 7.42 -46.06 -10.84
CA LEU D 306 7.92 -45.04 -9.98
C LEU D 306 8.55 -45.72 -8.76
N ILE D 307 9.81 -45.45 -8.53
CA ILE D 307 10.58 -46.06 -7.47
C ILE D 307 10.95 -45.01 -6.48
N ALA D 308 10.45 -45.16 -5.26
CA ALA D 308 10.72 -44.18 -4.19
C ALA D 308 12.25 -44.18 -3.89
N ASN D 309 12.79 -42.98 -3.69
CA ASN D 309 14.18 -42.77 -3.30
C ASN D 309 14.24 -42.04 -1.99
N LYS D 310 15.44 -41.83 -1.48
CA LYS D 310 15.62 -41.17 -0.21
C LYS D 310 15.61 -39.61 -0.22
N ARG D 311 15.42 -39.06 -1.41
CA ARG D 311 15.31 -37.62 -1.59
C ARG D 311 13.85 -37.19 -1.58
N GLN D 312 12.98 -37.95 -0.91
CA GLN D 312 11.56 -37.62 -0.85
C GLN D 312 10.90 -37.59 -2.20
N SER D 313 11.37 -38.37 -3.15
CA SER D 313 10.80 -38.35 -4.46
C SER D 313 10.91 -39.76 -5.12
N TYR D 314 10.83 -39.74 -6.44
CA TYR D 314 10.74 -40.95 -7.22
C TYR D 314 11.65 -40.89 -8.43
N ASP D 315 12.30 -42.00 -8.72
CA ASP D 315 12.89 -42.27 -10.05
C ASP D 315 11.84 -42.84 -10.94
N ILE D 316 11.64 -42.26 -12.11
CA ILE D 316 10.55 -42.61 -12.99
C ILE D 316 11.15 -43.37 -14.19
N SER D 317 10.62 -44.58 -14.44
CA SER D 317 11.08 -45.38 -15.57
C SER D 317 9.90 -45.59 -16.50
N ILE D 318 10.02 -45.11 -17.76
CA ILE D 318 8.91 -45.23 -18.70
C ILE D 318 9.34 -46.09 -19.90
N VAL D 319 8.63 -47.18 -20.15
CA VAL D 319 8.82 -47.99 -21.33
C VAL D 319 7.53 -48.01 -22.12
N ALA D 320 7.65 -47.83 -23.43
CA ALA D 320 6.47 -47.81 -24.31
C ALA D 320 6.81 -48.40 -25.61
N GLN D 321 5.78 -48.90 -26.27
CA GLN D 321 5.95 -49.53 -27.58
C GLN D 321 4.64 -49.42 -28.36
N VAL D 322 4.77 -49.24 -29.68
CA VAL D 322 3.62 -49.31 -30.56
C VAL D 322 3.43 -50.76 -30.93
N ASP D 323 2.32 -51.33 -30.49
CA ASP D 323 2.12 -52.79 -30.65
C ASP D 323 2.07 -53.20 -32.09
N GLN D 324 1.44 -52.38 -32.93
CA GLN D 324 1.25 -52.74 -34.34
C GLN D 324 2.54 -52.62 -35.15
N THR D 325 3.53 -51.90 -34.72
CA THR D 325 4.78 -51.77 -35.47
C THR D 325 6.01 -52.25 -34.76
N GLY D 326 5.94 -52.53 -33.46
CA GLY D 326 7.20 -52.86 -32.73
C GLY D 326 8.12 -51.73 -32.37
N SER D 327 7.77 -50.49 -32.63
CA SER D 327 8.64 -49.36 -32.27
C SER D 327 8.65 -49.15 -30.73
N LYS D 328 9.83 -49.03 -30.17
CA LYS D 328 10.03 -48.97 -28.74
C LYS D 328 10.71 -47.71 -28.34
N SER D 329 10.33 -47.18 -27.17
CA SER D 329 11.09 -46.09 -26.54
C SER D 329 11.03 -46.24 -25.03
N SER D 330 12.00 -45.71 -24.34
CA SER D 330 12.09 -45.62 -22.91
C SER D 330 12.44 -44.12 -22.50
N ASN D 331 12.34 -43.83 -21.19
CA ASN D 331 13.18 -42.88 -20.55
C ASN D 331 13.34 -43.15 -19.07
N LEU D 332 14.35 -42.58 -18.48
CA LEU D 332 14.55 -42.50 -17.01
C LEU D 332 14.62 -41.09 -16.54
N LEU D 333 13.80 -40.72 -15.58
CA LEU D 333 13.68 -39.30 -15.14
C LEU D 333 13.80 -39.24 -13.62
N ASP D 334 14.27 -38.09 -13.14
CA ASP D 334 14.38 -37.83 -11.75
C ASP D 334 13.29 -36.74 -11.32
N LEU D 335 12.30 -37.17 -10.58
CA LEU D 335 11.19 -36.29 -10.25
C LEU D 335 11.55 -35.23 -9.22
N LYS D 336 12.62 -35.42 -8.44
CA LYS D 336 13.02 -34.40 -7.47
C LYS D 336 13.50 -33.13 -8.09
N ASN D 337 14.03 -33.19 -9.34
CA ASN D 337 14.61 -32.03 -10.02
C ASN D 337 13.82 -31.70 -11.29
N PRO D 338 12.61 -31.22 -11.14
CA PRO D 338 11.79 -30.96 -12.38
C PRO D 338 12.24 -29.66 -13.05
N PHE D 339 11.88 -29.49 -14.31
CA PHE D 339 12.15 -28.25 -15.02
C PHE D 339 10.87 -27.43 -15.08
N PHE D 340 10.85 -26.31 -14.37
CA PHE D 340 9.67 -25.40 -14.32
C PHE D 340 9.67 -24.55 -15.53
N ARG D 341 8.90 -24.97 -16.53
CA ARG D 341 8.85 -24.27 -17.81
C ARG D 341 7.80 -23.18 -17.91
N TYR D 342 6.87 -23.14 -17.02
CA TYR D 342 5.65 -22.19 -17.14
C TYR D 342 5.93 -20.66 -17.09
C02 KXW E . 31.44 -23.96 -8.63
C03 KXW E . 31.65 -24.35 -7.46
C05 KXW E . 33.25 -24.15 -7.22
C07 KXW E . 34.60 -24.68 -5.22
C09 KXW E . 36.46 -25.97 -4.88
C11 KXW E . 35.55 -24.91 -3.07
C13 KXW E . 34.56 -24.36 -3.89
C15 KXW E . 32.89 -23.36 -4.90
C17 KXW E . 32.53 -22.87 -8.88
C18 KXW E . 31.96 -21.58 -8.82
C20 KXW E . 33.30 -20.87 -10.72
C21 KXW E . 33.24 -20.39 -12.20
C22 KXW E . 34.25 -21.13 -13.08
C23 KXW E . 33.53 -21.43 -14.36
C27 KXW E . 31.59 -19.43 -9.97
C28 KXW E . 30.08 -19.14 -9.68
C29 KXW E . 29.80 -17.61 -9.73
C31 KXW E . 27.63 -16.29 -9.45
C32 KXW E . 27.86 -15.67 -10.68
C33 KXW E . 26.94 -14.74 -11.12
C34 KXW E . 25.82 -14.47 -10.33
C35 KXW E . 25.66 -15.16 -9.11
N06 KXW E . 33.55 -24.07 -5.82
N08 KXW E . 35.55 -25.49 -5.68
N10 KXW E . 36.47 -25.69 -3.60
N12 KXW E . 35.62 -24.64 -1.67
N14 KXW E . 33.49 -23.54 -3.73
N19 KXW E . 31.91 -20.90 -10.14
N26 KXW E . 35.39 -20.30 -13.30
N30 KXW E . 28.60 -17.28 -8.96
N36 KXW E . 26.58 -16.02 -8.71
O01 KXW E . 31.65 -25.00 -9.70
O04 KXW E . 31.23 -25.72 -7.20
O16 KXW E . 33.50 -23.03 -7.74
O24 KXW E . 32.61 -22.25 -14.39
O25 KXW E . 33.85 -20.82 -15.38
C02 KXW F . -30.86 25.45 1.89
C03 KXW F . -31.15 25.25 3.08
C05 KXW F . -32.76 24.95 3.12
C07 KXW F . -34.22 24.51 5.10
C09 KXW F . -36.05 25.55 6.01
C11 KXW F . -35.30 23.66 7.00
C13 KXW F . -34.29 23.56 6.04
C15 KXW F . -32.63 23.11 4.73
C17 KXW F . -31.88 24.57 1.10
C18 KXW F . -31.24 23.45 0.56
C20 KXW F . -32.25 23.73 -1.61
C21 KXW F . -32.06 24.38 -3.00
C22 KXW F . -33.23 25.29 -3.40
C23 KXW F . -32.68 26.22 -4.44
C27 KXW F . -30.04 22.65 -1.51
C28 KXW F . -30.33 21.18 -1.05
C29 KXW F . -29.09 20.26 -0.99
C31 KXW F . -27.31 19.29 -2.58
C32 KXW F . -26.89 19.12 -3.92
C33 KXW F . -25.71 18.43 -4.14
C34 KXW F . -25.00 17.96 -3.04
C35 KXW F . -25.48 18.18 -1.75
N06 KXW F . -33.18 24.22 4.29
N08 KXW F . -35.11 25.50 5.11
N10 KXW F . -36.15 24.65 6.93
N12 KXW F . -35.45 22.70 8.06
N14 KXW F . -33.29 22.70 5.79
N19 KXW F . -30.94 23.66 -0.87
N26 KXW F . -34.28 24.53 -3.94
N30 KXW F . -28.57 20.01 -2.32
N36 KXW F . -26.60 18.83 -1.57
O01 KXW F . -31.04 26.86 1.39
O04 KXW F . -30.80 26.35 3.97
O16 KXW F . -32.91 24.20 2.13
O24 KXW F . -33.01 26.12 -5.61
O25 KXW F . -31.88 27.08 -4.14
C1 GOL G . -36.33 4.58 -15.66
O1 GOL G . -36.70 3.59 -14.71
C2 GOL G . -35.41 5.55 -14.90
O2 GOL G . -34.85 5.10 -13.65
C3 GOL G . -34.16 5.77 -15.65
O3 GOL G . -33.40 6.60 -14.73
C02 KXW H . -5.00 22.20 18.11
C02 KXW H . -4.99 22.19 18.11
C03 KXW H . -5.83 22.75 18.87
C03 KXW H . -5.83 22.75 18.87
C05 KXW H . -4.98 23.27 20.16
C05 KXW H . -4.96 23.27 20.16
C07 KXW H . -5.84 24.40 22.20
C07 KXW H . -5.84 24.40 22.21
C09 KXW H . -5.90 23.83 24.42
C09 KXW H . -5.90 23.83 24.43
C11 KXW H . -6.79 25.85 23.80
C11 KXW H . -6.80 25.85 23.81
C13 KXW H . -6.45 25.58 22.47
C13 KXW H . -6.46 25.58 22.47
C15 KXW H . -6.09 25.48 20.32
C15 KXW H . -6.08 25.49 20.32
C17 KXW H . -3.63 22.91 18.42
C17 KXW H . -3.63 22.91 18.41
C18 KXW H . -3.29 23.76 17.35
C18 KXW H . -3.29 23.75 17.34
C20 KXW H . -1.40 22.13 16.78
C20 KXW H . -1.38 22.13 16.78
C21 KXW H . 0.16 22.17 16.61
C21 KXW H . 0.17 22.17 16.60
C22 KXW H . 0.90 21.21 17.57
C22 KXW H . 0.91 21.21 17.56
C23 KXW H . 1.21 19.93 16.83
C23 KXW H . 1.22 19.92 16.83
C27 KXW H . -2.16 23.79 15.17
C27 KXW H . -2.15 23.78 15.17
C28 KXW H . -1.72 25.24 14.79
C28 KXW H . -1.72 25.25 14.78
C29 KXW H . -1.42 25.41 13.27
C29 KXW H . -1.42 25.42 13.28
C31 KXW H . -2.45 26.45 11.18
C31 KXW H . -2.45 26.46 11.16
C32 KXW H . -3.52 27.15 10.60
C32 KXW H . -1.34 26.04 10.40
C33 KXW H . -3.49 27.44 9.24
C33 KXW H . -1.33 26.35 9.03
C34 KXW H . -2.38 27.02 8.51
C34 KXW H . -2.42 27.05 8.49
C35 KXW H . -1.34 26.32 9.16
C35 KXW H . -3.48 27.43 9.32
N06 KXW H . -5.63 24.35 20.86
N06 KXW H . -5.62 24.35 20.86
N08 KXW H . -5.57 23.54 23.19
N08 KXW H . -5.57 23.53 23.20
N10 KXW H . -6.48 24.95 24.73
N10 KXW H . -6.50 24.95 24.73
N12 KXW H . -7.44 27.08 24.18
N12 KXW H . -7.46 27.08 24.18
N14 KXW H . -6.60 26.23 21.29
N14 KXW H . -6.60 26.24 21.29
N19 KXW H . -1.98 23.52 16.64
N19 KXW H . -1.98 23.52 16.64
N26 KXW H . 2.12 21.84 17.98
N26 KXW H . 2.14 21.83 17.98
N30 KXW H . -2.50 26.14 12.62
N30 KXW H . -2.50 26.15 12.61
N36 KXW H . -1.40 26.07 10.47
N36 KXW H . -3.47 27.13 10.62
O01 KXW H . -4.76 20.73 18.37
O01 KXW H . -4.77 20.72 18.38
O04 KXW H . -6.93 21.89 19.32
O04 KXW H . -6.93 21.89 19.32
O16 KXW H . -3.90 23.71 19.67
O16 KXW H . -3.89 23.71 19.66
O24 KXW H . 0.30 19.22 16.38
O24 KXW H . 0.30 19.22 16.38
O25 KXW H . 2.39 19.56 16.68
O25 KXW H . 2.39 19.55 16.68
C1 GOL I . 14.90 36.58 8.64
O1 GOL I . 13.46 36.57 8.48
C2 GOL I . 15.26 37.52 9.77
O2 GOL I . 14.36 38.64 9.91
C3 GOL I . 16.69 38.07 9.56
O3 GOL I . 16.87 39.26 10.36
C02 KXW J . 4.06 -28.58 4.98
C02 KXW J . 4.07 -28.58 4.98
C03 KXW J . 4.82 -29.50 5.37
C03 KXW J . 4.82 -29.51 5.37
C05 KXW J . 3.84 -30.53 6.18
C05 KXW J . 3.84 -30.53 6.20
C07 KXW J . 4.50 -32.55 7.51
C07 KXW J . 4.51 -32.56 7.51
C09 KXW J . 4.37 -33.15 9.72
C09 KXW J . 4.37 -33.16 9.72
C11 KXW J . 5.29 -34.66 8.25
C11 KXW J . 5.29 -34.67 8.25
C13 KXW J . 5.08 -33.75 7.20
C13 KXW J . 5.09 -33.76 7.20
C15 KXW J . 4.91 -32.60 5.35
C15 KXW J . 4.91 -32.61 5.36
C17 KXW J . 2.68 -29.30 4.75
C17 KXW J . 2.68 -29.30 4.76
C18 KXW J . 2.40 -29.50 3.38
C18 KXW J . 2.40 -29.50 3.39
C20 KXW J . 0.08 -28.69 3.67
C20 KXW J . 0.07 -28.69 3.69
C21 KXW J . -0.86 -27.47 3.33
C21 KXW J . -0.88 -27.47 3.34
C22 KXW J . -1.91 -27.23 4.45
C22 KXW J . -1.92 -27.21 4.46
C23 KXW J . -2.18 -25.74 4.54
C23 KXW J . -2.18 -25.74 4.54
C27 KXW J . 1.02 -28.87 1.45
C27 KXW J . 1.00 -28.86 1.47
C28 KXW J . 2.11 -28.35 0.45
C28 KXW J . 2.10 -28.35 0.49
C29 KXW J . 2.15 -29.20 -0.83
C29 KXW J . 2.18 -29.22 -0.80
C31 KXW J . 2.08 -28.46 -3.24
C31 KXW J . 2.09 -28.47 -3.23
C32 KXW J . 1.42 -27.79 -4.30
C32 KXW J . 3.36 -29.04 -3.43
C33 KXW J . 2.04 -27.75 -5.56
C33 KXW J . 3.94 -28.95 -4.71
C34 KXW J . 3.30 -28.36 -5.69
C34 KXW J . 3.22 -28.30 -5.71
C35 KXW J . 3.89 -28.99 -4.58
C35 KXW J . 1.95 -27.75 -5.43
N06 KXW J . 4.42 -31.85 6.34
N06 KXW J . 4.42 -31.85 6.35
N08 KXW J . 4.16 -32.28 8.77
N08 KXW J . 4.16 -32.29 8.78
N10 KXW J . 4.91 -34.32 9.48
N10 KXW J . 4.92 -34.33 9.48
N12 KXW J . 5.89 -35.94 8.01
N12 KXW J . 5.89 -35.95 8.00
N14 KXW J . 5.32 -33.76 5.87
N14 KXW J . 5.32 -33.77 5.87
N19 KXW J . 1.36 -28.55 2.87
N19 KXW J . 1.35 -28.55 2.90
N26 KXW J . -3.13 -27.90 4.15
N26 KXW J . -3.14 -27.89 4.17
N30 KXW J . 1.45 -28.51 -1.92
N30 KXW J . 1.47 -28.55 -1.89
N36 KXW J . 3.27 -29.03 -3.40
N36 KXW J . 1.43 -27.86 -4.21
O01 KXW J . 3.84 -27.47 6.00
O01 KXW J . 3.85 -27.47 6.00
O04 KXW J . 5.92 -29.07 6.24
O04 KXW J . 5.92 -29.07 6.24
O16 KXW J . 2.82 -30.63 5.44
O16 KXW J . 2.82 -30.63 5.45
O24 KXW J . -1.24 -24.94 4.46
O24 KXW J . -1.24 -24.94 4.46
O25 KXW J . -3.36 -25.33 4.68
O25 KXW J . -3.34 -25.31 4.69
#